data_1Z0C
# 
_entry.id   1Z0C 
# 
_audit_conform.dict_name       mmcif_pdbx.dic 
_audit_conform.dict_version    5.387 
_audit_conform.dict_location   http://mmcif.pdb.org/dictionaries/ascii/mmcif_pdbx.dic 
# 
loop_
_database_2.database_id 
_database_2.database_code 
_database_2.pdbx_database_accession 
_database_2.pdbx_DOI 
PDB   1Z0C         pdb_00001z0c 10.2210/pdb1z0c/pdb 
RCSB  RCSB032137   ?            ?                   
WWPDB D_1000032137 ?            ?                   
# 
loop_
_pdbx_audit_revision_history.ordinal 
_pdbx_audit_revision_history.data_content_type 
_pdbx_audit_revision_history.major_revision 
_pdbx_audit_revision_history.minor_revision 
_pdbx_audit_revision_history.revision_date 
1 'Structure model' 1 0 2005-08-02 
2 'Structure model' 1 1 2008-04-30 
3 'Structure model' 1 2 2011-07-13 
4 'Structure model' 1 3 2017-10-11 
5 'Structure model' 1 4 2021-10-20 
6 'Structure model' 1 5 2024-02-14 
# 
_pdbx_audit_revision_details.ordinal             1 
_pdbx_audit_revision_details.revision_ordinal    1 
_pdbx_audit_revision_details.data_content_type   'Structure model' 
_pdbx_audit_revision_details.provider            repository 
_pdbx_audit_revision_details.type                'Initial release' 
_pdbx_audit_revision_details.description         ? 
_pdbx_audit_revision_details.details             ? 
# 
loop_
_pdbx_audit_revision_group.ordinal 
_pdbx_audit_revision_group.revision_ordinal 
_pdbx_audit_revision_group.data_content_type 
_pdbx_audit_revision_group.group 
1 2 'Structure model' 'Version format compliance' 
2 3 'Structure model' 'Version format compliance' 
3 4 'Structure model' 'Refinement description'    
4 5 'Structure model' 'Database references'       
5 6 'Structure model' 'Data collection'           
# 
loop_
_pdbx_audit_revision_category.ordinal 
_pdbx_audit_revision_category.revision_ordinal 
_pdbx_audit_revision_category.data_content_type 
_pdbx_audit_revision_category.category 
1 4 'Structure model' software           
2 5 'Structure model' database_2         
3 5 'Structure model' struct_ref_seq_dif 
4 6 'Structure model' chem_comp_atom     
5 6 'Structure model' chem_comp_bond     
# 
loop_
_pdbx_audit_revision_item.ordinal 
_pdbx_audit_revision_item.revision_ordinal 
_pdbx_audit_revision_item.data_content_type 
_pdbx_audit_revision_item.item 
1 4 'Structure model' '_software.classification'            
2 4 'Structure model' '_software.name'                      
3 5 'Structure model' '_database_2.pdbx_DOI'                
4 5 'Structure model' '_database_2.pdbx_database_accession' 
5 5 'Structure model' '_struct_ref_seq_dif.details'         
# 
_pdbx_database_status.status_code                     REL 
_pdbx_database_status.entry_id                        1Z0C 
_pdbx_database_status.recvd_initial_deposition_date   2005-03-01 
_pdbx_database_status.deposit_site                    RCSB 
_pdbx_database_status.process_site                    RCSB 
_pdbx_database_status.status_code_sf                  REL 
_pdbx_database_status.status_code_mr                  ? 
_pdbx_database_status.SG_entry                        ? 
_pdbx_database_status.pdb_format_compatible           Y 
_pdbx_database_status.status_code_cs                  ? 
_pdbx_database_status.methods_development_category    ? 
_pdbx_database_status.status_code_nmr_data            ? 
# 
loop_
_pdbx_database_related.db_name 
_pdbx_database_related.db_id 
_pdbx_database_related.details 
_pdbx_database_related.content_type 
PDB 1Z0B 'same protein E506A mutant'                   unspecified 
PDB 1Z0E 'same protein monoclinic form hexamer'        unspecified 
PDB 1Z0G 'same protein hexamer'                        unspecified 
PDB 1Z0V 'same protein monoclinic form dual lattice'   unspecified 
PDB 1Z0T 'same protein orthorhombic form dual lattice' unspecified 
PDB 1Z0W 'same protein'                                unspecified 
# 
loop_
_audit_author.name 
_audit_author.pdbx_ordinal 
'Botos, I.'         1 
'Melnikov, E.E.'    2 
'Cherry, S.'        3 
'Kozlov, S.'        4 
'Makhovskaya, O.V.' 5 
'Tropea, J.E.'      6 
'Gustchina, A.'     7 
'Rotanova, T.V.'    8 
'Wlodawer, A.'      9 
# 
loop_
_citation.id 
_citation.title 
_citation.journal_abbrev 
_citation.journal_volume 
_citation.page_first 
_citation.page_last 
_citation.year 
_citation.journal_id_ASTM 
_citation.country 
_citation.journal_id_ISSN 
_citation.journal_id_CSD 
_citation.book_publisher 
_citation.pdbx_database_id_PubMed 
_citation.pdbx_database_id_DOI 
primary 
;Atomic-resolution Crystal Structure of the Proteolytic Domain of Archaeoglobus fulgidus Lon Reveals the Conformational Variability in the Active Sites of Lon Proteases
;
J.Mol.Biol.                351 144 157 2005 JMOBAK UK 0022-2836 0070 ? 16002085 10.1016/j.jmb.2005.06.008 
1       'Pathological crystallography: case studies of several unusual macromolecular crystals' 'Acta Crystallogr.,Sect.D' 61  967 
975 2005 ABCRE6 DK 0907-4449 0766 ? 15983420 10.1107/S0907444905011285 
# 
loop_
_citation_author.citation_id 
_citation_author.name 
_citation_author.ordinal 
_citation_author.identifier_ORCID 
primary 'Botos, I.'           1  ? 
primary 'Melnikov, E.E.'      2  ? 
primary 'Cherry, S.'          3  ? 
primary 'Kozlov, S.'          4  ? 
primary 'Makhovskaya, O.V.'   5  ? 
primary 'Tropea, J.E.'        6  ? 
primary 'Gustchina, A.'       7  ? 
primary 'Rotanova, T.V.'      8  ? 
primary 'Wlodawer, A.'        9  ? 
1       'Dauter, Z.'          10 ? 
1       'Botos, I.'           11 ? 
1       'LaRonde-LeBlanc, N.' 12 ? 
1       'Wlodawer, A.'        13 ? 
# 
loop_
_entity.id 
_entity.type 
_entity.src_method 
_entity.pdbx_description 
_entity.formula_weight 
_entity.pdbx_number_of_molecules 
_entity.pdbx_ec 
_entity.pdbx_mutation 
_entity.pdbx_fragment 
_entity.details 
1 polymer man 'Putative protease La homolog type' 22074.475 1   3.4.21.53 D508A 'proteolytic domain' ? 
2 water   nat water                               18.015    141 ?         ?     ?                    ? 
# 
_entity_poly.entity_id                      1 
_entity_poly.type                           'polypeptide(L)' 
_entity_poly.nstd_linkage                   no 
_entity_poly.nstd_monomer                   no 
_entity_poly.pdbx_seq_one_letter_code       
;DYKLFITEGYEVGRVNGLAVIGESAGIVLPIIAEVTPSMSKSEGRVIATGRLQEIAREAVMNVSAIIKKYTGRDISNMDV
HIQFVGTYEGVEGASASISIATAVISAIEGIPVDQSVAMTGSLSVKGEVLPVGGVTQKIEAAIQAGLKKVIIPKDNIDDV
LLDAEHEGKIEVIPVSRINEVLEHVLEDGKKKNRLMSKFKELELAAV
;
_entity_poly.pdbx_seq_one_letter_code_can   
;DYKLFITEGYEVGRVNGLAVIGESAGIVLPIIAEVTPSMSKSEGRVIATGRLQEIAREAVMNVSAIIKKYTGRDISNMDV
HIQFVGTYEGVEGASASISIATAVISAIEGIPVDQSVAMTGSLSVKGEVLPVGGVTQKIEAAIQAGLKKVIIPKDNIDDV
LLDAEHEGKIEVIPVSRINEVLEHVLEDGKKKNRLMSKFKELELAAV
;
_entity_poly.pdbx_strand_id                 A 
_entity_poly.pdbx_target_identifier         ? 
# 
_pdbx_entity_nonpoly.entity_id   2 
_pdbx_entity_nonpoly.name        water 
_pdbx_entity_nonpoly.comp_id     HOH 
# 
loop_
_entity_poly_seq.entity_id 
_entity_poly_seq.num 
_entity_poly_seq.mon_id 
_entity_poly_seq.hetero 
1 1   ASP n 
1 2   TYR n 
1 3   LYS n 
1 4   LEU n 
1 5   PHE n 
1 6   ILE n 
1 7   THR n 
1 8   GLU n 
1 9   GLY n 
1 10  TYR n 
1 11  GLU n 
1 12  VAL n 
1 13  GLY n 
1 14  ARG n 
1 15  VAL n 
1 16  ASN n 
1 17  GLY n 
1 18  LEU n 
1 19  ALA n 
1 20  VAL n 
1 21  ILE n 
1 22  GLY n 
1 23  GLU n 
1 24  SER n 
1 25  ALA n 
1 26  GLY n 
1 27  ILE n 
1 28  VAL n 
1 29  LEU n 
1 30  PRO n 
1 31  ILE n 
1 32  ILE n 
1 33  ALA n 
1 34  GLU n 
1 35  VAL n 
1 36  THR n 
1 37  PRO n 
1 38  SER n 
1 39  MET n 
1 40  SER n 
1 41  LYS n 
1 42  SER n 
1 43  GLU n 
1 44  GLY n 
1 45  ARG n 
1 46  VAL n 
1 47  ILE n 
1 48  ALA n 
1 49  THR n 
1 50  GLY n 
1 51  ARG n 
1 52  LEU n 
1 53  GLN n 
1 54  GLU n 
1 55  ILE n 
1 56  ALA n 
1 57  ARG n 
1 58  GLU n 
1 59  ALA n 
1 60  VAL n 
1 61  MET n 
1 62  ASN n 
1 63  VAL n 
1 64  SER n 
1 65  ALA n 
1 66  ILE n 
1 67  ILE n 
1 68  LYS n 
1 69  LYS n 
1 70  TYR n 
1 71  THR n 
1 72  GLY n 
1 73  ARG n 
1 74  ASP n 
1 75  ILE n 
1 76  SER n 
1 77  ASN n 
1 78  MET n 
1 79  ASP n 
1 80  VAL n 
1 81  HIS n 
1 82  ILE n 
1 83  GLN n 
1 84  PHE n 
1 85  VAL n 
1 86  GLY n 
1 87  THR n 
1 88  TYR n 
1 89  GLU n 
1 90  GLY n 
1 91  VAL n 
1 92  GLU n 
1 93  GLY n 
1 94  ALA n 
1 95  SER n 
1 96  ALA n 
1 97  SER n 
1 98  ILE n 
1 99  SER n 
1 100 ILE n 
1 101 ALA n 
1 102 THR n 
1 103 ALA n 
1 104 VAL n 
1 105 ILE n 
1 106 SER n 
1 107 ALA n 
1 108 ILE n 
1 109 GLU n 
1 110 GLY n 
1 111 ILE n 
1 112 PRO n 
1 113 VAL n 
1 114 ASP n 
1 115 GLN n 
1 116 SER n 
1 117 VAL n 
1 118 ALA n 
1 119 MET n 
1 120 THR n 
1 121 GLY n 
1 122 SER n 
1 123 LEU n 
1 124 SER n 
1 125 VAL n 
1 126 LYS n 
1 127 GLY n 
1 128 GLU n 
1 129 VAL n 
1 130 LEU n 
1 131 PRO n 
1 132 VAL n 
1 133 GLY n 
1 134 GLY n 
1 135 VAL n 
1 136 THR n 
1 137 GLN n 
1 138 LYS n 
1 139 ILE n 
1 140 GLU n 
1 141 ALA n 
1 142 ALA n 
1 143 ILE n 
1 144 GLN n 
1 145 ALA n 
1 146 GLY n 
1 147 LEU n 
1 148 LYS n 
1 149 LYS n 
1 150 VAL n 
1 151 ILE n 
1 152 ILE n 
1 153 PRO n 
1 154 LYS n 
1 155 ASP n 
1 156 ASN n 
1 157 ILE n 
1 158 ASP n 
1 159 ASP n 
1 160 VAL n 
1 161 LEU n 
1 162 LEU n 
1 163 ASP n 
1 164 ALA n 
1 165 GLU n 
1 166 HIS n 
1 167 GLU n 
1 168 GLY n 
1 169 LYS n 
1 170 ILE n 
1 171 GLU n 
1 172 VAL n 
1 173 ILE n 
1 174 PRO n 
1 175 VAL n 
1 176 SER n 
1 177 ARG n 
1 178 ILE n 
1 179 ASN n 
1 180 GLU n 
1 181 VAL n 
1 182 LEU n 
1 183 GLU n 
1 184 HIS n 
1 185 VAL n 
1 186 LEU n 
1 187 GLU n 
1 188 ASP n 
1 189 GLY n 
1 190 LYS n 
1 191 LYS n 
1 192 LYS n 
1 193 ASN n 
1 194 ARG n 
1 195 LEU n 
1 196 MET n 
1 197 SER n 
1 198 LYS n 
1 199 PHE n 
1 200 LYS n 
1 201 GLU n 
1 202 LEU n 
1 203 GLU n 
1 204 LEU n 
1 205 ALA n 
1 206 ALA n 
1 207 VAL n 
# 
_entity_src_gen.entity_id                          1 
_entity_src_gen.pdbx_src_id                        1 
_entity_src_gen.pdbx_alt_source_flag               sample 
_entity_src_gen.pdbx_seq_type                      ? 
_entity_src_gen.pdbx_beg_seq_num                   ? 
_entity_src_gen.pdbx_end_seq_num                   ? 
_entity_src_gen.gene_src_common_name               ? 
_entity_src_gen.gene_src_genus                     Archaeoglobus 
_entity_src_gen.pdbx_gene_src_gene                 ? 
_entity_src_gen.gene_src_species                   ? 
_entity_src_gen.gene_src_strain                    ? 
_entity_src_gen.gene_src_tissue                    ? 
_entity_src_gen.gene_src_tissue_fraction           ? 
_entity_src_gen.gene_src_details                   ? 
_entity_src_gen.pdbx_gene_src_fragment             ? 
_entity_src_gen.pdbx_gene_src_scientific_name      'Archaeoglobus fulgidus' 
_entity_src_gen.pdbx_gene_src_ncbi_taxonomy_id     2234 
_entity_src_gen.pdbx_gene_src_variant              ? 
_entity_src_gen.pdbx_gene_src_cell_line            ? 
_entity_src_gen.pdbx_gene_src_atcc                 ? 
_entity_src_gen.pdbx_gene_src_organ                ? 
_entity_src_gen.pdbx_gene_src_organelle            ? 
_entity_src_gen.pdbx_gene_src_cell                 ? 
_entity_src_gen.pdbx_gene_src_cellular_location    ? 
_entity_src_gen.host_org_common_name               ? 
_entity_src_gen.pdbx_host_org_scientific_name      'Escherichia coli' 
_entity_src_gen.pdbx_host_org_ncbi_taxonomy_id     562 
_entity_src_gen.host_org_genus                     Escherichia 
_entity_src_gen.pdbx_host_org_gene                 ? 
_entity_src_gen.pdbx_host_org_organ                ? 
_entity_src_gen.host_org_species                   ? 
_entity_src_gen.pdbx_host_org_tissue               ? 
_entity_src_gen.pdbx_host_org_tissue_fraction      ? 
_entity_src_gen.pdbx_host_org_strain               'BL21(DE3)pRIL' 
_entity_src_gen.pdbx_host_org_variant              ? 
_entity_src_gen.pdbx_host_org_cell_line            ? 
_entity_src_gen.pdbx_host_org_atcc                 ? 
_entity_src_gen.pdbx_host_org_culture_collection   ? 
_entity_src_gen.pdbx_host_org_cell                 ? 
_entity_src_gen.pdbx_host_org_organelle            ? 
_entity_src_gen.pdbx_host_org_cellular_location    ? 
_entity_src_gen.pdbx_host_org_vector_type          PLASMID 
_entity_src_gen.pdbx_host_org_vector               ? 
_entity_src_gen.host_org_details                   ? 
_entity_src_gen.expression_system_id               ? 
_entity_src_gen.plasmid_name                       pJT12 
_entity_src_gen.plasmid_details                    ? 
_entity_src_gen.pdbx_description                   ? 
# 
loop_
_chem_comp.id 
_chem_comp.type 
_chem_comp.mon_nstd_flag 
_chem_comp.name 
_chem_comp.pdbx_synonyms 
_chem_comp.formula 
_chem_comp.formula_weight 
ALA 'L-peptide linking' y ALANINE         ? 'C3 H7 N O2'     89.093  
ARG 'L-peptide linking' y ARGININE        ? 'C6 H15 N4 O2 1' 175.209 
ASN 'L-peptide linking' y ASPARAGINE      ? 'C4 H8 N2 O3'    132.118 
ASP 'L-peptide linking' y 'ASPARTIC ACID' ? 'C4 H7 N O4'     133.103 
GLN 'L-peptide linking' y GLUTAMINE       ? 'C5 H10 N2 O3'   146.144 
GLU 'L-peptide linking' y 'GLUTAMIC ACID' ? 'C5 H9 N O4'     147.129 
GLY 'peptide linking'   y GLYCINE         ? 'C2 H5 N O2'     75.067  
HIS 'L-peptide linking' y HISTIDINE       ? 'C6 H10 N3 O2 1' 156.162 
HOH non-polymer         . WATER           ? 'H2 O'           18.015  
ILE 'L-peptide linking' y ISOLEUCINE      ? 'C6 H13 N O2'    131.173 
LEU 'L-peptide linking' y LEUCINE         ? 'C6 H13 N O2'    131.173 
LYS 'L-peptide linking' y LYSINE          ? 'C6 H15 N2 O2 1' 147.195 
MET 'L-peptide linking' y METHIONINE      ? 'C5 H11 N O2 S'  149.211 
PHE 'L-peptide linking' y PHENYLALANINE   ? 'C9 H11 N O2'    165.189 
PRO 'L-peptide linking' y PROLINE         ? 'C5 H9 N O2'     115.130 
SER 'L-peptide linking' y SERINE          ? 'C3 H7 N O3'     105.093 
THR 'L-peptide linking' y THREONINE       ? 'C4 H9 N O3'     119.119 
TYR 'L-peptide linking' y TYROSINE        ? 'C9 H11 N O3'    181.189 
VAL 'L-peptide linking' y VALINE          ? 'C5 H11 N O2'    117.146 
# 
loop_
_pdbx_poly_seq_scheme.asym_id 
_pdbx_poly_seq_scheme.entity_id 
_pdbx_poly_seq_scheme.seq_id 
_pdbx_poly_seq_scheme.mon_id 
_pdbx_poly_seq_scheme.ndb_seq_num 
_pdbx_poly_seq_scheme.pdb_seq_num 
_pdbx_poly_seq_scheme.auth_seq_num 
_pdbx_poly_seq_scheme.pdb_mon_id 
_pdbx_poly_seq_scheme.auth_mon_id 
_pdbx_poly_seq_scheme.pdb_strand_id 
_pdbx_poly_seq_scheme.pdb_ins_code 
_pdbx_poly_seq_scheme.hetero 
A 1 1   ASP 1   415 ?   ?   ?   A . n 
A 1 2   TYR 2   416 416 TYR TYR A . n 
A 1 3   LYS 3   417 417 LYS LYS A . n 
A 1 4   LEU 4   418 418 LEU LEU A . n 
A 1 5   PHE 5   419 419 PHE PHE A . n 
A 1 6   ILE 6   420 420 ILE ILE A . n 
A 1 7   THR 7   421 421 THR THR A . n 
A 1 8   GLU 8   422 422 GLU GLU A . n 
A 1 9   GLY 9   423 423 GLY GLY A . n 
A 1 10  TYR 10  424 424 TYR TYR A . n 
A 1 11  GLU 11  425 425 GLU GLU A . n 
A 1 12  VAL 12  426 426 VAL VAL A . n 
A 1 13  GLY 13  427 427 GLY GLY A . n 
A 1 14  ARG 14  428 428 ARG ARG A . n 
A 1 15  VAL 15  429 429 VAL VAL A . n 
A 1 16  ASN 16  430 430 ASN ASN A . n 
A 1 17  GLY 17  431 431 GLY GLY A . n 
A 1 18  LEU 18  432 432 LEU LEU A . n 
A 1 19  ALA 19  433 433 ALA ALA A . n 
A 1 20  VAL 20  434 434 VAL VAL A . n 
A 1 21  ILE 21  435 435 ILE ILE A . n 
A 1 22  GLY 22  436 436 GLY GLY A . n 
A 1 23  GLU 23  437 437 GLU GLU A . n 
A 1 24  SER 24  438 438 SER SER A . n 
A 1 25  ALA 25  439 439 ALA ALA A . n 
A 1 26  GLY 26  440 440 GLY GLY A . n 
A 1 27  ILE 27  441 441 ILE ILE A . n 
A 1 28  VAL 28  442 442 VAL VAL A . n 
A 1 29  LEU 29  443 443 LEU LEU A . n 
A 1 30  PRO 30  444 444 PRO PRO A . n 
A 1 31  ILE 31  445 445 ILE ILE A . n 
A 1 32  ILE 32  446 446 ILE ILE A . n 
A 1 33  ALA 33  447 447 ALA ALA A . n 
A 1 34  GLU 34  448 448 GLU GLU A . n 
A 1 35  VAL 35  449 449 VAL VAL A . n 
A 1 36  THR 36  450 450 THR THR A . n 
A 1 37  PRO 37  451 451 PRO PRO A . n 
A 1 38  SER 38  452 452 SER SER A . n 
A 1 39  MET 39  453 453 MET MET A . n 
A 1 40  SER 40  454 ?   ?   ?   A . n 
A 1 41  LYS 41  455 ?   ?   ?   A . n 
A 1 42  SER 42  456 ?   ?   ?   A . n 
A 1 43  GLU 43  457 457 GLU GLU A . n 
A 1 44  GLY 44  458 458 GLY GLY A . n 
A 1 45  ARG 45  459 459 ARG ARG A . n 
A 1 46  VAL 46  460 460 VAL VAL A . n 
A 1 47  ILE 47  461 461 ILE ILE A . n 
A 1 48  ALA 48  462 462 ALA ALA A . n 
A 1 49  THR 49  463 463 THR THR A . n 
A 1 50  GLY 50  464 464 GLY GLY A . n 
A 1 51  ARG 51  465 465 ARG ARG A . n 
A 1 52  LEU 52  466 466 LEU LEU A . n 
A 1 53  GLN 53  467 467 GLN GLN A . n 
A 1 54  GLU 54  468 468 GLU GLU A . n 
A 1 55  ILE 55  469 469 ILE ILE A . n 
A 1 56  ALA 56  470 470 ALA ALA A . n 
A 1 57  ARG 57  471 471 ARG ARG A . n 
A 1 58  GLU 58  472 472 GLU GLU A . n 
A 1 59  ALA 59  473 473 ALA ALA A . n 
A 1 60  VAL 60  474 474 VAL VAL A . n 
A 1 61  MET 61  475 475 MET MET A . n 
A 1 62  ASN 62  476 476 ASN ASN A . n 
A 1 63  VAL 63  477 477 VAL VAL A . n 
A 1 64  SER 64  478 478 SER SER A . n 
A 1 65  ALA 65  479 479 ALA ALA A . n 
A 1 66  ILE 66  480 480 ILE ILE A . n 
A 1 67  ILE 67  481 481 ILE ILE A . n 
A 1 68  LYS 68  482 482 LYS LYS A . n 
A 1 69  LYS 69  483 483 LYS LYS A . n 
A 1 70  TYR 70  484 484 TYR TYR A . n 
A 1 71  THR 71  485 485 THR THR A . n 
A 1 72  GLY 72  486 486 GLY GLY A . n 
A 1 73  ARG 73  487 487 ARG ARG A . n 
A 1 74  ASP 74  488 488 ASP ASP A . n 
A 1 75  ILE 75  489 489 ILE ILE A . n 
A 1 76  SER 76  490 490 SER SER A . n 
A 1 77  ASN 77  491 491 ASN ASN A . n 
A 1 78  MET 78  492 492 MET MET A . n 
A 1 79  ASP 79  493 493 ASP ASP A . n 
A 1 80  VAL 80  494 494 VAL VAL A . n 
A 1 81  HIS 81  495 495 HIS HIS A . n 
A 1 82  ILE 82  496 496 ILE ILE A . n 
A 1 83  GLN 83  497 497 GLN GLN A . n 
A 1 84  PHE 84  498 498 PHE PHE A . n 
A 1 85  VAL 85  499 499 VAL VAL A . n 
A 1 86  GLY 86  500 500 GLY GLY A . n 
A 1 87  THR 87  501 501 THR THR A . n 
A 1 88  TYR 88  502 502 TYR TYR A . n 
A 1 89  GLU 89  503 503 GLU GLU A . n 
A 1 90  GLY 90  504 504 GLY GLY A . n 
A 1 91  VAL 91  505 505 VAL VAL A . n 
A 1 92  GLU 92  506 506 GLU GLU A . n 
A 1 93  GLY 93  507 507 GLY GLY A . n 
A 1 94  ALA 94  508 508 ALA ALA A . n 
A 1 95  SER 95  509 509 SER SER A . n 
A 1 96  ALA 96  510 510 ALA ALA A . n 
A 1 97  SER 97  511 511 SER SER A . n 
A 1 98  ILE 98  512 512 ILE ILE A . n 
A 1 99  SER 99  513 513 SER SER A . n 
A 1 100 ILE 100 514 514 ILE ILE A . n 
A 1 101 ALA 101 515 515 ALA ALA A . n 
A 1 102 THR 102 516 516 THR THR A . n 
A 1 103 ALA 103 517 517 ALA ALA A . n 
A 1 104 VAL 104 518 518 VAL VAL A . n 
A 1 105 ILE 105 519 519 ILE ILE A . n 
A 1 106 SER 106 520 520 SER SER A . n 
A 1 107 ALA 107 521 521 ALA ALA A . n 
A 1 108 ILE 108 522 522 ILE ILE A . n 
A 1 109 GLU 109 523 523 GLU GLU A . n 
A 1 110 GLY 110 524 524 GLY GLY A . n 
A 1 111 ILE 111 525 525 ILE ILE A . n 
A 1 112 PRO 112 526 526 PRO PRO A . n 
A 1 113 VAL 113 527 527 VAL VAL A . n 
A 1 114 ASP 114 528 528 ASP ASP A . n 
A 1 115 GLN 115 529 529 GLN GLN A . n 
A 1 116 SER 116 530 530 SER SER A . n 
A 1 117 VAL 117 531 531 VAL VAL A . n 
A 1 118 ALA 118 532 532 ALA ALA A . n 
A 1 119 MET 119 533 533 MET MET A . n 
A 1 120 THR 120 534 534 THR THR A . n 
A 1 121 GLY 121 535 535 GLY GLY A . n 
A 1 122 SER 122 536 536 SER SER A . n 
A 1 123 LEU 123 537 537 LEU LEU A . n 
A 1 124 SER 124 538 538 SER SER A . n 
A 1 125 VAL 125 539 539 VAL VAL A . n 
A 1 126 LYS 126 540 540 LYS LYS A . n 
A 1 127 GLY 127 541 541 GLY GLY A . n 
A 1 128 GLU 128 542 542 GLU GLU A . n 
A 1 129 VAL 129 543 543 VAL VAL A . n 
A 1 130 LEU 130 544 544 LEU LEU A . n 
A 1 131 PRO 131 545 545 PRO PRO A . n 
A 1 132 VAL 132 546 546 VAL VAL A . n 
A 1 133 GLY 133 547 547 GLY GLY A . n 
A 1 134 GLY 134 548 548 GLY GLY A . n 
A 1 135 VAL 135 549 549 VAL VAL A . n 
A 1 136 THR 136 550 550 THR THR A . n 
A 1 137 GLN 137 551 551 GLN GLN A . n 
A 1 138 LYS 138 552 552 LYS LYS A . n 
A 1 139 ILE 139 553 553 ILE ILE A . n 
A 1 140 GLU 140 554 554 GLU GLU A . n 
A 1 141 ALA 141 555 555 ALA ALA A . n 
A 1 142 ALA 142 556 556 ALA ALA A . n 
A 1 143 ILE 143 557 557 ILE ILE A . n 
A 1 144 GLN 144 558 558 GLN GLN A . n 
A 1 145 ALA 145 559 559 ALA ALA A . n 
A 1 146 GLY 146 560 560 GLY GLY A . n 
A 1 147 LEU 147 561 561 LEU LEU A . n 
A 1 148 LYS 148 562 562 LYS LYS A . n 
A 1 149 LYS 149 563 563 LYS LYS A . n 
A 1 150 VAL 150 564 564 VAL VAL A . n 
A 1 151 ILE 151 565 565 ILE ILE A . n 
A 1 152 ILE 152 566 566 ILE ILE A . n 
A 1 153 PRO 153 567 567 PRO PRO A . n 
A 1 154 LYS 154 568 568 LYS LYS A . n 
A 1 155 ASP 155 569 569 ASP ASP A . n 
A 1 156 ASN 156 570 570 ASN ASN A . n 
A 1 157 ILE 157 571 571 ILE ILE A . n 
A 1 158 ASP 158 572 572 ASP ASP A . n 
A 1 159 ASP 159 573 573 ASP ASP A . n 
A 1 160 VAL 160 574 574 VAL VAL A . n 
A 1 161 LEU 161 575 575 LEU LEU A . n 
A 1 162 LEU 162 576 576 LEU LEU A . n 
A 1 163 ASP 163 577 577 ASP ASP A . n 
A 1 164 ALA 164 578 578 ALA ALA A . n 
A 1 165 GLU 165 579 579 GLU GLU A . n 
A 1 166 HIS 166 580 580 HIS HIS A . n 
A 1 167 GLU 167 581 581 GLU GLU A . n 
A 1 168 GLY 168 582 582 GLY GLY A . n 
A 1 169 LYS 169 583 583 LYS LYS A . n 
A 1 170 ILE 170 584 584 ILE ILE A . n 
A 1 171 GLU 171 585 585 GLU GLU A . n 
A 1 172 VAL 172 586 586 VAL VAL A . n 
A 1 173 ILE 173 587 587 ILE ILE A . n 
A 1 174 PRO 174 588 588 PRO PRO A . n 
A 1 175 VAL 175 589 589 VAL VAL A . n 
A 1 176 SER 176 590 590 SER SER A . n 
A 1 177 ARG 177 591 591 ARG ARG A . n 
A 1 178 ILE 178 592 592 ILE ILE A . n 
A 1 179 ASN 179 593 593 ASN ASN A . n 
A 1 180 GLU 180 594 594 GLU GLU A . n 
A 1 181 VAL 181 595 595 VAL VAL A . n 
A 1 182 LEU 182 596 596 LEU LEU A . n 
A 1 183 GLU 183 597 597 GLU GLU A . n 
A 1 184 HIS 184 598 598 HIS HIS A . n 
A 1 185 VAL 185 599 599 VAL VAL A . n 
A 1 186 LEU 186 600 600 LEU LEU A . n 
A 1 187 GLU 187 601 601 GLU GLU A . n 
A 1 188 ASP 188 602 602 ASP ASP A . n 
A 1 189 GLY 189 603 603 GLY GLY A . n 
A 1 190 LYS 190 604 604 LYS LYS A . n 
A 1 191 LYS 191 605 605 LYS LYS A . n 
A 1 192 LYS 192 606 606 LYS LYS A . n 
A 1 193 ASN 193 607 607 ASN ASN A . n 
A 1 194 ARG 194 608 608 ARG ARG A . n 
A 1 195 LEU 195 609 609 LEU LEU A . n 
A 1 196 MET 196 610 610 MET MET A . n 
A 1 197 SER 197 611 611 SER SER A . n 
A 1 198 LYS 198 612 612 LYS LYS A . n 
A 1 199 PHE 199 613 613 PHE PHE A . n 
A 1 200 LYS 200 614 614 LYS LYS A . n 
A 1 201 GLU 201 615 615 GLU GLU A . n 
A 1 202 LEU 202 616 616 LEU LEU A . n 
A 1 203 GLU 203 617 617 GLU GLU A . n 
A 1 204 LEU 204 618 618 LEU LEU A . n 
A 1 205 ALA 205 619 ?   ?   ?   A . n 
A 1 206 ALA 206 620 ?   ?   ?   A . n 
A 1 207 VAL 207 621 ?   ?   ?   A . n 
# 
loop_
_pdbx_nonpoly_scheme.asym_id 
_pdbx_nonpoly_scheme.entity_id 
_pdbx_nonpoly_scheme.mon_id 
_pdbx_nonpoly_scheme.ndb_seq_num 
_pdbx_nonpoly_scheme.pdb_seq_num 
_pdbx_nonpoly_scheme.auth_seq_num 
_pdbx_nonpoly_scheme.pdb_mon_id 
_pdbx_nonpoly_scheme.auth_mon_id 
_pdbx_nonpoly_scheme.pdb_strand_id 
_pdbx_nonpoly_scheme.pdb_ins_code 
B 2 HOH 1   1   1   HOH HOH A . 
B 2 HOH 2   2   2   HOH HOH A . 
B 2 HOH 3   3   3   HOH HOH A . 
B 2 HOH 4   4   4   HOH HOH A . 
B 2 HOH 5   5   5   HOH HOH A . 
B 2 HOH 6   6   6   HOH HOH A . 
B 2 HOH 7   7   7   HOH HOH A . 
B 2 HOH 8   8   8   HOH HOH A . 
B 2 HOH 9   9   9   HOH HOH A . 
B 2 HOH 10  10  10  HOH HOH A . 
B 2 HOH 11  11  11  HOH HOH A . 
B 2 HOH 12  12  12  HOH HOH A . 
B 2 HOH 13  13  13  HOH HOH A . 
B 2 HOH 14  14  14  HOH HOH A . 
B 2 HOH 15  15  15  HOH HOH A . 
B 2 HOH 16  16  16  HOH HOH A . 
B 2 HOH 17  17  17  HOH HOH A . 
B 2 HOH 18  18  18  HOH HOH A . 
B 2 HOH 19  19  19  HOH HOH A . 
B 2 HOH 20  20  20  HOH HOH A . 
B 2 HOH 21  21  21  HOH HOH A . 
B 2 HOH 22  22  22  HOH HOH A . 
B 2 HOH 23  23  23  HOH HOH A . 
B 2 HOH 24  24  24  HOH HOH A . 
B 2 HOH 25  25  25  HOH HOH A . 
B 2 HOH 26  26  26  HOH HOH A . 
B 2 HOH 27  27  27  HOH HOH A . 
B 2 HOH 28  28  28  HOH HOH A . 
B 2 HOH 29  29  29  HOH HOH A . 
B 2 HOH 30  30  30  HOH HOH A . 
B 2 HOH 31  31  31  HOH HOH A . 
B 2 HOH 32  32  32  HOH HOH A . 
B 2 HOH 33  33  33  HOH HOH A . 
B 2 HOH 34  34  34  HOH HOH A . 
B 2 HOH 35  35  35  HOH HOH A . 
B 2 HOH 36  36  36  HOH HOH A . 
B 2 HOH 37  37  37  HOH HOH A . 
B 2 HOH 38  38  38  HOH HOH A . 
B 2 HOH 39  39  39  HOH HOH A . 
B 2 HOH 40  40  40  HOH HOH A . 
B 2 HOH 41  41  41  HOH HOH A . 
B 2 HOH 42  42  42  HOH HOH A . 
B 2 HOH 43  43  43  HOH HOH A . 
B 2 HOH 44  44  44  HOH HOH A . 
B 2 HOH 45  45  45  HOH HOH A . 
B 2 HOH 46  46  46  HOH HOH A . 
B 2 HOH 47  47  47  HOH HOH A . 
B 2 HOH 48  48  48  HOH HOH A . 
B 2 HOH 49  49  49  HOH HOH A . 
B 2 HOH 50  50  50  HOH HOH A . 
B 2 HOH 51  51  51  HOH HOH A . 
B 2 HOH 52  52  52  HOH HOH A . 
B 2 HOH 53  53  53  HOH HOH A . 
B 2 HOH 54  54  54  HOH HOH A . 
B 2 HOH 55  55  55  HOH HOH A . 
B 2 HOH 56  56  56  HOH HOH A . 
B 2 HOH 57  57  57  HOH HOH A . 
B 2 HOH 58  58  58  HOH HOH A . 
B 2 HOH 59  59  59  HOH HOH A . 
B 2 HOH 60  60  60  HOH HOH A . 
B 2 HOH 61  61  61  HOH HOH A . 
B 2 HOH 62  62  62  HOH HOH A . 
B 2 HOH 63  63  63  HOH HOH A . 
B 2 HOH 64  64  64  HOH HOH A . 
B 2 HOH 65  65  65  HOH HOH A . 
B 2 HOH 66  66  66  HOH HOH A . 
B 2 HOH 67  67  67  HOH HOH A . 
B 2 HOH 68  68  68  HOH HOH A . 
B 2 HOH 69  69  69  HOH HOH A . 
B 2 HOH 70  70  70  HOH HOH A . 
B 2 HOH 71  71  71  HOH HOH A . 
B 2 HOH 72  72  72  HOH HOH A . 
B 2 HOH 73  73  73  HOH HOH A . 
B 2 HOH 74  74  74  HOH HOH A . 
B 2 HOH 75  75  75  HOH HOH A . 
B 2 HOH 76  76  76  HOH HOH A . 
B 2 HOH 77  77  77  HOH HOH A . 
B 2 HOH 78  78  78  HOH HOH A . 
B 2 HOH 79  79  79  HOH HOH A . 
B 2 HOH 80  80  80  HOH HOH A . 
B 2 HOH 81  81  81  HOH HOH A . 
B 2 HOH 82  82  82  HOH HOH A . 
B 2 HOH 83  83  83  HOH HOH A . 
B 2 HOH 84  84  84  HOH HOH A . 
B 2 HOH 85  85  85  HOH HOH A . 
B 2 HOH 86  86  86  HOH HOH A . 
B 2 HOH 87  87  87  HOH HOH A . 
B 2 HOH 88  88  88  HOH HOH A . 
B 2 HOH 89  89  89  HOH HOH A . 
B 2 HOH 90  90  90  HOH HOH A . 
B 2 HOH 91  91  91  HOH HOH A . 
B 2 HOH 92  92  92  HOH HOH A . 
B 2 HOH 93  93  93  HOH HOH A . 
B 2 HOH 94  94  94  HOH HOH A . 
B 2 HOH 95  95  95  HOH HOH A . 
B 2 HOH 96  96  96  HOH HOH A . 
B 2 HOH 97  97  97  HOH HOH A . 
B 2 HOH 98  98  98  HOH HOH A . 
B 2 HOH 99  99  99  HOH HOH A . 
B 2 HOH 100 100 100 HOH HOH A . 
B 2 HOH 101 101 101 HOH HOH A . 
B 2 HOH 102 102 102 HOH HOH A . 
B 2 HOH 103 103 103 HOH HOH A . 
B 2 HOH 104 104 104 HOH HOH A . 
B 2 HOH 105 105 105 HOH HOH A . 
B 2 HOH 106 106 106 HOH HOH A . 
B 2 HOH 107 107 107 HOH HOH A . 
B 2 HOH 108 108 108 HOH HOH A . 
B 2 HOH 109 109 109 HOH HOH A . 
B 2 HOH 110 110 110 HOH HOH A . 
B 2 HOH 111 111 111 HOH HOH A . 
B 2 HOH 112 112 112 HOH HOH A . 
B 2 HOH 113 113 113 HOH HOH A . 
B 2 HOH 114 114 114 HOH HOH A . 
B 2 HOH 115 115 115 HOH HOH A . 
B 2 HOH 116 116 116 HOH HOH A . 
B 2 HOH 117 117 117 HOH HOH A . 
B 2 HOH 118 118 118 HOH HOH A . 
B 2 HOH 119 119 119 HOH HOH A . 
B 2 HOH 120 120 120 HOH HOH A . 
B 2 HOH 121 121 121 HOH HOH A . 
B 2 HOH 122 122 122 HOH HOH A . 
B 2 HOH 123 123 123 HOH HOH A . 
B 2 HOH 124 124 124 HOH HOH A . 
B 2 HOH 125 125 125 HOH HOH A . 
B 2 HOH 126 126 126 HOH HOH A . 
B 2 HOH 127 127 127 HOH HOH A . 
B 2 HOH 128 128 128 HOH HOH A . 
B 2 HOH 129 129 129 HOH HOH A . 
B 2 HOH 130 130 130 HOH HOH A . 
B 2 HOH 131 131 131 HOH HOH A . 
B 2 HOH 132 132 132 HOH HOH A . 
B 2 HOH 133 133 133 HOH HOH A . 
B 2 HOH 134 134 134 HOH HOH A . 
B 2 HOH 135 135 135 HOH HOH A . 
B 2 HOH 136 136 136 HOH HOH A . 
B 2 HOH 137 137 137 HOH HOH A . 
B 2 HOH 138 138 138 HOH HOH A . 
B 2 HOH 139 139 139 HOH HOH A . 
B 2 HOH 140 140 140 HOH HOH A . 
B 2 HOH 141 141 141 HOH HOH A . 
# 
loop_
_software.name 
_software.classification 
_software.version 
_software.citation_id 
_software.pdbx_ordinal 
REFMAC    refinement        5.2.0005 ? 1 
MAR345    'data collection' .        ? 2 
SCALEPACK 'data scaling'    .        ? 3 
AMoRE     phasing           .        ? 4 
# 
_cell.entry_id           1Z0C 
_cell.length_a           81.960 
_cell.length_b           81.960 
_cell.length_c           41.500 
_cell.angle_alpha        90.00 
_cell.angle_beta         90.00 
_cell.angle_gamma        120.00 
_cell.Z_PDB              6 
_cell.pdbx_unique_axis   ? 
# 
_symmetry.entry_id                         1Z0C 
_symmetry.space_group_name_H-M             'P 65' 
_symmetry.pdbx_full_space_group_name_H-M   ? 
_symmetry.cell_setting                     ? 
_symmetry.Int_Tables_number                170 
_symmetry.space_group_name_Hall            ? 
# 
_exptl.entry_id          1Z0C 
_exptl.method            'X-RAY DIFFRACTION' 
_exptl.crystals_number   1 
# 
_exptl_crystal.id                    1 
_exptl_crystal.density_meas          ? 
_exptl_crystal.density_Matthews      1.82 
_exptl_crystal.density_percent_sol   32.52 
_exptl_crystal.description           ? 
_exptl_crystal.F_000                 ? 
_exptl_crystal.preparation           ? 
# 
_exptl_crystal_grow.crystal_id      1 
_exptl_crystal_grow.method          'VAPOR DIFFUSION, HANGING DROP' 
_exptl_crystal_grow.temp            293 
_exptl_crystal_grow.temp_details    ? 
_exptl_crystal_grow.pH              6.5 
_exptl_crystal_grow.pdbx_details    
'PEG 600, calcium acetate, sodium cacodylate, pH 6.5, VAPOR DIFFUSION, HANGING DROP, temperature 293K' 
_exptl_crystal_grow.pdbx_pH_range   . 
# 
_diffrn.id                     1 
_diffrn.ambient_temp           100 
_diffrn.ambient_temp_details   ? 
_diffrn.crystal_id             1 
# 
_diffrn_detector.diffrn_id              1 
_diffrn_detector.detector               CCD 
_diffrn_detector.type                   'MARMOSAIC 300 mm CCD' 
_diffrn_detector.pdbx_collection_date   2005-02-16 
_diffrn_detector.details                ? 
# 
_diffrn_radiation.diffrn_id                        1 
_diffrn_radiation.wavelength_id                    1 
_diffrn_radiation.pdbx_monochromatic_or_laue_m_l   M 
_diffrn_radiation.monochromator                    ? 
_diffrn_radiation.pdbx_diffrn_protocol             'SINGLE WAVELENGTH' 
_diffrn_radiation.pdbx_scattering_type             x-ray 
# 
_diffrn_radiation_wavelength.id           1 
_diffrn_radiation_wavelength.wavelength   1.0 
_diffrn_radiation_wavelength.wt           1.0 
# 
_diffrn_source.diffrn_id                   1 
_diffrn_source.source                      SYNCHROTRON 
_diffrn_source.type                        'APS BEAMLINE 22-ID' 
_diffrn_source.pdbx_synchrotron_site       APS 
_diffrn_source.pdbx_synchrotron_beamline   22-ID 
_diffrn_source.pdbx_wavelength             ? 
_diffrn_source.pdbx_wavelength_list        1.0 
# 
_reflns.entry_id                     1Z0C 
_reflns.observed_criterion_sigma_F   0 
_reflns.observed_criterion_sigma_I   -3 
_reflns.d_resolution_high            1.55 
_reflns.d_resolution_low             20.0 
_reflns.number_all                   23366 
_reflns.number_obs                   23366 
_reflns.percent_possible_obs         100 
_reflns.pdbx_Rmerge_I_obs            ? 
_reflns.pdbx_Rsym_value              ? 
_reflns.pdbx_netI_over_sigmaI        ? 
_reflns.B_iso_Wilson_estimate        ? 
_reflns.pdbx_redundancy              ? 
_reflns.R_free_details               ? 
_reflns.limit_h_max                  ? 
_reflns.limit_h_min                  ? 
_reflns.limit_k_max                  ? 
_reflns.limit_k_min                  ? 
_reflns.limit_l_max                  ? 
_reflns.limit_l_min                  ? 
_reflns.observed_criterion_F_max     ? 
_reflns.observed_criterion_F_min     ? 
_reflns.pdbx_chi_squared             ? 
_reflns.pdbx_scaling_rejects         ? 
_reflns.pdbx_diffrn_id               1 
_reflns.pdbx_ordinal                 1 
# 
_reflns_shell.d_res_high             1.55 
_reflns_shell.d_res_low              1.59 
_reflns_shell.percent_possible_all   100 
_reflns_shell.Rmerge_I_obs           ? 
_reflns_shell.pdbx_Rsym_value        ? 
_reflns_shell.meanI_over_sigI_obs    ? 
_reflns_shell.pdbx_redundancy        ? 
_reflns_shell.percent_possible_obs   ? 
_reflns_shell.number_unique_all      ? 
_reflns_shell.number_measured_all    ? 
_reflns_shell.number_measured_obs    ? 
_reflns_shell.number_unique_obs      ? 
_reflns_shell.pdbx_chi_squared       ? 
_reflns_shell.pdbx_diffrn_id         ? 
_reflns_shell.pdbx_ordinal           1 
# 
_refine.entry_id                                 1Z0C 
_refine.ls_number_reflns_obs                     23366 
_refine.ls_number_reflns_all                     23366 
_refine.pdbx_ls_sigma_I                          ? 
_refine.pdbx_ls_sigma_F                          2.0 
_refine.pdbx_data_cutoff_high_absF               ? 
_refine.pdbx_data_cutoff_low_absF                ? 
_refine.pdbx_data_cutoff_high_rms_absF           ? 
_refine.ls_d_res_low                             20.00 
_refine.ls_d_res_high                            1.55 
_refine.ls_percent_reflns_obs                    100.00 
_refine.ls_R_factor_obs                          0.21163 
_refine.ls_R_factor_all                          ? 
_refine.ls_R_factor_R_work                       0.20925 
_refine.ls_R_factor_R_free                       0.25623 
_refine.ls_R_factor_R_free_error                 ? 
_refine.ls_R_factor_R_free_error_details         ? 
_refine.ls_percent_reflns_R_free                 5.1 
_refine.ls_number_reflns_R_free                  1181 
_refine.ls_number_parameters                     ? 
_refine.ls_number_restraints                     ? 
_refine.occupancy_min                            ? 
_refine.occupancy_max                            ? 
_refine.correlation_coeff_Fo_to_Fc               0.963 
_refine.correlation_coeff_Fo_to_Fc_free          0.949 
_refine.B_iso_mean                               34.427 
_refine.aniso_B[1][1]                            0.14 
_refine.aniso_B[2][2]                            0.14 
_refine.aniso_B[3][3]                            -0.22 
_refine.aniso_B[1][2]                            0.07 
_refine.aniso_B[1][3]                            0.00 
_refine.aniso_B[2][3]                            0.00 
_refine.solvent_model_details                    MASK 
_refine.solvent_model_param_ksol                 ? 
_refine.solvent_model_param_bsol                 ? 
_refine.pdbx_solvent_vdw_probe_radii             1.20 
_refine.pdbx_solvent_ion_probe_radii             0.80 
_refine.pdbx_solvent_shrinkage_radii             0.80 
_refine.pdbx_ls_cross_valid_method               THROUGHOUT 
_refine.details                                  'HYDROGENS HAVE BEEN ADDED IN THE RIDING POSITIONS' 
_refine.pdbx_starting_model                      ? 
_refine.pdbx_method_to_determine_struct          'MOLECULAR REPLACEMENT' 
_refine.pdbx_isotropic_thermal_model             ? 
_refine.pdbx_stereochemistry_target_values       'MAXIMUM LIKELIHOOD' 
_refine.pdbx_stereochem_target_val_spec_case     ? 
_refine.pdbx_R_Free_selection_details            RANDOM 
_refine.pdbx_overall_ESU_R                       0.108 
_refine.pdbx_overall_ESU_R_Free                  0.110 
_refine.overall_SU_ML                            0.080 
_refine.overall_SU_B                             2.134 
_refine.ls_redundancy_reflns_obs                 ? 
_refine.B_iso_min                                ? 
_refine.B_iso_max                                ? 
_refine.overall_SU_R_Cruickshank_DPI             ? 
_refine.overall_SU_R_free                        ? 
_refine.ls_wR_factor_R_free                      ? 
_refine.ls_wR_factor_R_work                      ? 
_refine.overall_FOM_free_R_set                   ? 
_refine.overall_FOM_work_R_set                   ? 
_refine.pdbx_refine_id                           'X-RAY DIFFRACTION' 
_refine.pdbx_diffrn_id                           1 
_refine.pdbx_TLS_residual_ADP_flag               ? 
_refine.pdbx_overall_phase_error                 ? 
_refine.pdbx_overall_SU_R_free_Cruickshank_DPI   ? 
_refine.pdbx_overall_SU_R_Blow_DPI               ? 
_refine.pdbx_overall_SU_R_free_Blow_DPI          ? 
# 
_refine_hist.pdbx_refine_id                   'X-RAY DIFFRACTION' 
_refine_hist.cycle_id                         LAST 
_refine_hist.pdbx_number_atoms_protein        1505 
_refine_hist.pdbx_number_atoms_nucleic_acid   0 
_refine_hist.pdbx_number_atoms_ligand         0 
_refine_hist.number_atoms_solvent             141 
_refine_hist.number_atoms_total               1646 
_refine_hist.d_res_high                       1.55 
_refine_hist.d_res_low                        20.00 
# 
loop_
_refine_ls_restr.type 
_refine_ls_restr.dev_ideal 
_refine_ls_restr.dev_ideal_target 
_refine_ls_restr.weight 
_refine_ls_restr.number 
_refine_ls_restr.pdbx_refine_id 
_refine_ls_restr.pdbx_restraint_function 
r_bond_refined_d         0.018  0.022  ? 1520 'X-RAY DIFFRACTION' ? 
r_angle_refined_deg      1.760  1.989  ? 2051 'X-RAY DIFFRACTION' ? 
r_dihedral_angle_1_deg   5.873  5.000  ? 198  'X-RAY DIFFRACTION' ? 
r_dihedral_angle_2_deg   40.269 25.789 ? 57   'X-RAY DIFFRACTION' ? 
r_dihedral_angle_3_deg   15.715 15.000 ? 290  'X-RAY DIFFRACTION' ? 
r_dihedral_angle_4_deg   13.692 15.000 ? 7    'X-RAY DIFFRACTION' ? 
r_chiral_restr           0.118  0.200  ? 251  'X-RAY DIFFRACTION' ? 
r_gen_planes_refined     0.007  0.020  ? 1086 'X-RAY DIFFRACTION' ? 
r_nbd_refined            0.237  0.200  ? 793  'X-RAY DIFFRACTION' ? 
r_nbtor_refined          0.317  0.200  ? 1066 'X-RAY DIFFRACTION' ? 
r_xyhbond_nbd_refined    0.234  0.200  ? 143  'X-RAY DIFFRACTION' ? 
r_symmetry_vdw_refined   0.247  0.200  ? 83   'X-RAY DIFFRACTION' ? 
r_symmetry_hbond_refined 0.296  0.200  ? 23   'X-RAY DIFFRACTION' ? 
r_mcbond_it              1.481  1.500  ? 1008 'X-RAY DIFFRACTION' ? 
r_mcangle_it             2.306  2.000  ? 1596 'X-RAY DIFFRACTION' ? 
r_scbond_it              3.207  3.000  ? 552  'X-RAY DIFFRACTION' ? 
r_scangle_it             4.795  4.500  ? 455  'X-RAY DIFFRACTION' ? 
# 
_refine_ls_shell.pdbx_total_number_of_bins_used   20 
_refine_ls_shell.d_res_high                       1.550 
_refine_ls_shell.d_res_low                        1.590 
_refine_ls_shell.number_reflns_R_work             1600 
_refine_ls_shell.R_factor_R_work                  0.26 
_refine_ls_shell.percent_reflns_obs               100.00 
_refine_ls_shell.R_factor_R_free                  0.304 
_refine_ls_shell.R_factor_R_free_error            ? 
_refine_ls_shell.percent_reflns_R_free            ? 
_refine_ls_shell.number_reflns_R_free             89 
_refine_ls_shell.number_reflns_obs                ? 
_refine_ls_shell.redundancy_reflns_obs            ? 
_refine_ls_shell.number_reflns_all                ? 
_refine_ls_shell.pdbx_refine_id                   'X-RAY DIFFRACTION' 
_refine_ls_shell.R_factor_all                     ? 
# 
_struct.entry_id                  1Z0C 
_struct.title                     'Crystal Structure of A. fulgidus Lon proteolytic domain D508A mutant' 
_struct.pdbx_model_details        ? 
_struct.pdbx_CASP_flag            ? 
_struct.pdbx_model_type_details   ? 
# 
_struct_keywords.entry_id        1Z0C 
_struct_keywords.pdbx_keywords   HYDROLASE 
_struct_keywords.text            'ATP-DEPENDENT PROTEASE, CATALYTIC SER-LYS DYAD, B-type Lon, HYDROLASE' 
# 
loop_
_struct_asym.id 
_struct_asym.pdbx_blank_PDB_chainid_flag 
_struct_asym.pdbx_modified 
_struct_asym.entity_id 
_struct_asym.details 
A N N 1 ? 
B N N 2 ? 
# 
_struct_ref.id                         1 
_struct_ref.db_name                    UNP 
_struct_ref.db_code                    LONH_ARCFU 
_struct_ref.pdbx_db_accession          O29883 
_struct_ref.entity_id                  1 
_struct_ref.pdbx_seq_one_letter_code   
;DYKLFITEGYEVGRVNGLAVIGESAGIVLPIIAEVTPSMSKSEGRVIATGRLQEIAREAVMNVSAIIKKYTGRDISNMDV
HIQFVGTYEGVEGDSASISIATAVISAIEGIPVDQSVAMTGSLSVKGEVLPVGGVTQKIEAAIQAGLKKVIIPKDNIDDV
LLDAEHEGKIEVIPVSRINEVLEHVLEDGKKKNRLMSKFKELELAAV
;
_struct_ref.pdbx_align_begin           415 
_struct_ref.pdbx_db_isoform            ? 
# 
_struct_ref_seq.align_id                      1 
_struct_ref_seq.ref_id                        1 
_struct_ref_seq.pdbx_PDB_id_code              1Z0C 
_struct_ref_seq.pdbx_strand_id                A 
_struct_ref_seq.seq_align_beg                 1 
_struct_ref_seq.pdbx_seq_align_beg_ins_code   ? 
_struct_ref_seq.seq_align_end                 207 
_struct_ref_seq.pdbx_seq_align_end_ins_code   ? 
_struct_ref_seq.pdbx_db_accession             O29883 
_struct_ref_seq.db_align_beg                  415 
_struct_ref_seq.pdbx_db_align_beg_ins_code    ? 
_struct_ref_seq.db_align_end                  621 
_struct_ref_seq.pdbx_db_align_end_ins_code    ? 
_struct_ref_seq.pdbx_auth_seq_align_beg       415 
_struct_ref_seq.pdbx_auth_seq_align_end       621 
# 
_struct_ref_seq_dif.align_id                     1 
_struct_ref_seq_dif.pdbx_pdb_id_code             1Z0C 
_struct_ref_seq_dif.mon_id                       ALA 
_struct_ref_seq_dif.pdbx_pdb_strand_id           A 
_struct_ref_seq_dif.seq_num                      94 
_struct_ref_seq_dif.pdbx_pdb_ins_code            ? 
_struct_ref_seq_dif.pdbx_seq_db_name             UNP 
_struct_ref_seq_dif.pdbx_seq_db_accession_code   O29883 
_struct_ref_seq_dif.db_mon_id                    ASP 
_struct_ref_seq_dif.pdbx_seq_db_seq_num          508 
_struct_ref_seq_dif.details                      'engineered mutation' 
_struct_ref_seq_dif.pdbx_auth_seq_num            508 
_struct_ref_seq_dif.pdbx_ordinal                 1 
# 
_pdbx_struct_assembly.id                   1 
_pdbx_struct_assembly.details              author_defined_assembly 
_pdbx_struct_assembly.method_details       ? 
_pdbx_struct_assembly.oligomeric_details   hexameric 
_pdbx_struct_assembly.oligomeric_count     6 
# 
_pdbx_struct_assembly_gen.assembly_id       1 
_pdbx_struct_assembly_gen.oper_expression   1,2,3,4,5,6 
_pdbx_struct_assembly_gen.asym_id_list      A,B 
# 
loop_
_pdbx_struct_oper_list.id 
_pdbx_struct_oper_list.type 
_pdbx_struct_oper_list.name 
_pdbx_struct_oper_list.symmetry_operation 
_pdbx_struct_oper_list.matrix[1][1] 
_pdbx_struct_oper_list.matrix[1][2] 
_pdbx_struct_oper_list.matrix[1][3] 
_pdbx_struct_oper_list.vector[1] 
_pdbx_struct_oper_list.matrix[2][1] 
_pdbx_struct_oper_list.matrix[2][2] 
_pdbx_struct_oper_list.matrix[2][3] 
_pdbx_struct_oper_list.vector[2] 
_pdbx_struct_oper_list.matrix[3][1] 
_pdbx_struct_oper_list.matrix[3][2] 
_pdbx_struct_oper_list.matrix[3][3] 
_pdbx_struct_oper_list.vector[3] 
1 'identity operation'         1_555 x,y,z         1.0000000000  0.0000000000  0.0000000000  0.0000000000  0.0000000000  1.0000000000 0.0000000000  0.0000000000  0.0000000000  0.0000000000  1.0000000000  0.0000000000   
2 'crystal symmetry operation' 6_555 x-y,x,z+5/6   0.5064052619  0.6251307729  0.5939404242  1.4790967931  -0.5425207546 0.7663597232 -0.3440407033 44.8644066504 -0.6702424499 -0.1480009846 0.7272350149  -2.4778918182  
3 'crystal symmetry operation' 2_555 -y,x-y,z+2/3  -0.4807842144 0.7077407912  0.5176383986  24.1054015288 -0.4599107363 0.2990791695 -0.8360823913 49.0068684573 -0.7465444755 -0.6400426726 0.1817050448  16.0657415037  
4 'crystal symmetry operation' 4_555 -x,-y,z+1/2   -0.9743789525 0.1652200367  -0.1526040513 49.1668750968 0.1652200367  0.0654388927 -0.9840833759 33.5264797719 -0.1526040513 -0.9840833759 -0.0910599403 13.7731226156  
5 'crystal symmetry operation' 3_555 -x+y,-x,z+1/3 -0.4807842144 -0.4599107363 -0.7465444755 50.8191908040 0.7077407912  0.2990791695 -0.6400426726 8.8553180480  0.5176383986  -0.8360823913 0.1817050448  -2.4003007887  
6 'crystal symmetry operation' 5_555 y,-x+y,z+1/6  0.5064052619  -0.5425207546 -0.6702424499 26.6271798181 0.6251307729  0.7663597232 -0.1480009846 -5.3837662220 0.5939404242  -0.3440407033 0.7272350149  -11.6182764994  
# 
loop_
_struct_conf.conf_type_id 
_struct_conf.id 
_struct_conf.pdbx_PDB_helix_id 
_struct_conf.beg_label_comp_id 
_struct_conf.beg_label_asym_id 
_struct_conf.beg_label_seq_id 
_struct_conf.pdbx_beg_PDB_ins_code 
_struct_conf.end_label_comp_id 
_struct_conf.end_label_asym_id 
_struct_conf.end_label_seq_id 
_struct_conf.pdbx_end_PDB_ins_code 
_struct_conf.beg_auth_comp_id 
_struct_conf.beg_auth_asym_id 
_struct_conf.beg_auth_seq_id 
_struct_conf.end_auth_comp_id 
_struct_conf.end_auth_asym_id 
_struct_conf.end_auth_seq_id 
_struct_conf.pdbx_PDB_helix_class 
_struct_conf.details 
_struct_conf.pdbx_PDB_helix_length 
HELX_P HELX_P1 1 LEU A 52  ? GLY A 72  ? LEU A 466 GLY A 486 1 ? 21 
HELX_P HELX_P2 2 ASP A 74  ? SER A 76  ? ASP A 488 SER A 490 5 ? 3  
HELX_P HELX_P3 3 SER A 97  ? GLY A 110 ? SER A 511 GLY A 524 1 ? 14 
HELX_P HELX_P4 4 GLY A 134 ? ALA A 145 ? GLY A 548 ALA A 559 1 ? 12 
HELX_P HELX_P5 5 ASP A 155 ? VAL A 160 ? ASP A 569 VAL A 574 5 ? 6  
HELX_P HELX_P6 6 ARG A 177 ? LEU A 186 ? ARG A 591 LEU A 600 1 ? 10 
HELX_P HELX_P7 7 GLY A 189 ? PHE A 199 ? GLY A 603 PHE A 613 1 ? 11 
HELX_P HELX_P8 8 PHE A 199 ? LEU A 204 ? PHE A 613 LEU A 618 1 ? 6  
# 
_struct_conf_type.id          HELX_P 
_struct_conf_type.criteria    ? 
_struct_conf_type.reference   ? 
# 
_struct_mon_prot_cis.pdbx_id                1 
_struct_mon_prot_cis.label_comp_id          GLU 
_struct_mon_prot_cis.label_seq_id           167 
_struct_mon_prot_cis.label_asym_id          A 
_struct_mon_prot_cis.label_alt_id           . 
_struct_mon_prot_cis.pdbx_PDB_ins_code      ? 
_struct_mon_prot_cis.auth_comp_id           GLU 
_struct_mon_prot_cis.auth_seq_id            581 
_struct_mon_prot_cis.auth_asym_id           A 
_struct_mon_prot_cis.pdbx_label_comp_id_2   GLY 
_struct_mon_prot_cis.pdbx_label_seq_id_2    168 
_struct_mon_prot_cis.pdbx_label_asym_id_2   A 
_struct_mon_prot_cis.pdbx_PDB_ins_code_2    ? 
_struct_mon_prot_cis.pdbx_auth_comp_id_2    GLY 
_struct_mon_prot_cis.pdbx_auth_seq_id_2     582 
_struct_mon_prot_cis.pdbx_auth_asym_id_2    A 
_struct_mon_prot_cis.pdbx_PDB_model_num     1 
_struct_mon_prot_cis.pdbx_omega_angle       -1.19 
# 
loop_
_struct_sheet.id 
_struct_sheet.type 
_struct_sheet.number_strands 
_struct_sheet.details 
A ? 2 ? 
B ? 5 ? 
C ? 7 ? 
D ? 2 ? 
# 
loop_
_struct_sheet_order.sheet_id 
_struct_sheet_order.range_id_1 
_struct_sheet_order.range_id_2 
_struct_sheet_order.offset 
_struct_sheet_order.sense 
A 1 2 ? anti-parallel 
B 1 2 ? parallel      
B 2 3 ? anti-parallel 
B 3 4 ? anti-parallel 
B 4 5 ? anti-parallel 
C 1 2 ? parallel      
C 2 3 ? anti-parallel 
C 3 4 ? anti-parallel 
C 4 5 ? parallel      
C 5 6 ? parallel      
C 6 7 ? parallel      
D 1 2 ? anti-parallel 
# 
loop_
_struct_sheet_range.sheet_id 
_struct_sheet_range.id 
_struct_sheet_range.beg_label_comp_id 
_struct_sheet_range.beg_label_asym_id 
_struct_sheet_range.beg_label_seq_id 
_struct_sheet_range.pdbx_beg_PDB_ins_code 
_struct_sheet_range.end_label_comp_id 
_struct_sheet_range.end_label_asym_id 
_struct_sheet_range.end_label_seq_id 
_struct_sheet_range.pdbx_end_PDB_ins_code 
_struct_sheet_range.beg_auth_comp_id 
_struct_sheet_range.beg_auth_asym_id 
_struct_sheet_range.beg_auth_seq_id 
_struct_sheet_range.end_auth_comp_id 
_struct_sheet_range.end_auth_asym_id 
_struct_sheet_range.end_auth_seq_id 
A 1 TYR A 10  ? GLU A 11  ? TYR A 424 GLU A 425 
A 2 VAL A 113 ? ASP A 114 ? VAL A 527 ASP A 528 
B 1 VAL A 46  ? ILE A 47  ? VAL A 460 ILE A 461 
B 2 MET A 78  ? PHE A 84  ? MET A 492 PHE A 498 
B 3 ALA A 25  ? PRO A 37  ? ALA A 439 PRO A 451 
B 4 ARG A 14  ? ILE A 21  ? ARG A 428 ILE A 435 
B 5 VAL A 91  ? GLU A 92  ? VAL A 505 GLU A 506 
C 1 VAL A 46  ? ILE A 47  ? VAL A 460 ILE A 461 
C 2 MET A 78  ? PHE A 84  ? MET A 492 PHE A 498 
C 3 ALA A 25  ? PRO A 37  ? ALA A 439 PRO A 451 
C 4 ARG A 14  ? ILE A 21  ? ARG A 428 ILE A 435 
C 5 VAL A 117 ? MET A 119 ? VAL A 531 MET A 533 
C 6 LYS A 149 ? PRO A 153 ? LYS A 563 PRO A 567 
C 7 GLU A 171 ? VAL A 175 ? GLU A 585 VAL A 589 
D 1 SER A 122 ? LEU A 123 ? SER A 536 LEU A 537 
D 2 VAL A 129 ? LEU A 130 ? VAL A 543 LEU A 544 
# 
loop_
_pdbx_struct_sheet_hbond.sheet_id 
_pdbx_struct_sheet_hbond.range_id_1 
_pdbx_struct_sheet_hbond.range_id_2 
_pdbx_struct_sheet_hbond.range_1_label_atom_id 
_pdbx_struct_sheet_hbond.range_1_label_comp_id 
_pdbx_struct_sheet_hbond.range_1_label_asym_id 
_pdbx_struct_sheet_hbond.range_1_label_seq_id 
_pdbx_struct_sheet_hbond.range_1_PDB_ins_code 
_pdbx_struct_sheet_hbond.range_1_auth_atom_id 
_pdbx_struct_sheet_hbond.range_1_auth_comp_id 
_pdbx_struct_sheet_hbond.range_1_auth_asym_id 
_pdbx_struct_sheet_hbond.range_1_auth_seq_id 
_pdbx_struct_sheet_hbond.range_2_label_atom_id 
_pdbx_struct_sheet_hbond.range_2_label_comp_id 
_pdbx_struct_sheet_hbond.range_2_label_asym_id 
_pdbx_struct_sheet_hbond.range_2_label_seq_id 
_pdbx_struct_sheet_hbond.range_2_PDB_ins_code 
_pdbx_struct_sheet_hbond.range_2_auth_atom_id 
_pdbx_struct_sheet_hbond.range_2_auth_comp_id 
_pdbx_struct_sheet_hbond.range_2_auth_asym_id 
_pdbx_struct_sheet_hbond.range_2_auth_seq_id 
A 1 2 N GLU A 11  ? N GLU A 425 O VAL A 113 ? O VAL A 527 
B 1 2 N ILE A 47  ? N ILE A 461 O VAL A 80  ? O VAL A 494 
B 2 3 O ASP A 79  ? O ASP A 493 N THR A 36  ? N THR A 450 
B 3 4 O ILE A 31  ? O ILE A 445 N VAL A 15  ? N VAL A 429 
B 4 5 N VAL A 20  ? N VAL A 434 O GLU A 92  ? O GLU A 506 
C 1 2 N ILE A 47  ? N ILE A 461 O VAL A 80  ? O VAL A 494 
C 2 3 O ASP A 79  ? O ASP A 493 N THR A 36  ? N THR A 450 
C 3 4 O ILE A 31  ? O ILE A 445 N VAL A 15  ? N VAL A 429 
C 4 5 N ASN A 16  ? N ASN A 430 O MET A 119 ? O MET A 533 
C 5 6 N ALA A 118 ? N ALA A 532 O ILE A 151 ? O ILE A 565 
C 6 7 N VAL A 150 ? N VAL A 564 O ILE A 173 ? O ILE A 587 
D 1 2 N SER A 122 ? N SER A 536 O LEU A 130 ? O LEU A 544 
# 
loop_
_pdbx_validate_close_contact.id 
_pdbx_validate_close_contact.PDB_model_num 
_pdbx_validate_close_contact.auth_atom_id_1 
_pdbx_validate_close_contact.auth_asym_id_1 
_pdbx_validate_close_contact.auth_comp_id_1 
_pdbx_validate_close_contact.auth_seq_id_1 
_pdbx_validate_close_contact.PDB_ins_code_1 
_pdbx_validate_close_contact.label_alt_id_1 
_pdbx_validate_close_contact.auth_atom_id_2 
_pdbx_validate_close_contact.auth_asym_id_2 
_pdbx_validate_close_contact.auth_comp_id_2 
_pdbx_validate_close_contact.auth_seq_id_2 
_pdbx_validate_close_contact.PDB_ins_code_2 
_pdbx_validate_close_contact.label_alt_id_2 
_pdbx_validate_close_contact.dist 
1 1 OE1 A GLU 542 ? A O A HOH 110 ? ? 1.23 
2 1 CD  A GLU 542 ? A O A HOH 110 ? ? 2.12 
# 
loop_
_pdbx_validate_torsion.id 
_pdbx_validate_torsion.PDB_model_num 
_pdbx_validate_torsion.auth_comp_id 
_pdbx_validate_torsion.auth_asym_id 
_pdbx_validate_torsion.auth_seq_id 
_pdbx_validate_torsion.PDB_ins_code 
_pdbx_validate_torsion.label_alt_id 
_pdbx_validate_torsion.phi 
_pdbx_validate_torsion.psi 
1 1 SER A 438 ? ? -156.92 10.38   
2 1 LEU A 575 ? ? -102.50 73.89   
3 1 ASP A 577 ? ? 144.91  -165.02 
# 
loop_
_pdbx_unobs_or_zero_occ_residues.id 
_pdbx_unobs_or_zero_occ_residues.PDB_model_num 
_pdbx_unobs_or_zero_occ_residues.polymer_flag 
_pdbx_unobs_or_zero_occ_residues.occupancy_flag 
_pdbx_unobs_or_zero_occ_residues.auth_asym_id 
_pdbx_unobs_or_zero_occ_residues.auth_comp_id 
_pdbx_unobs_or_zero_occ_residues.auth_seq_id 
_pdbx_unobs_or_zero_occ_residues.PDB_ins_code 
_pdbx_unobs_or_zero_occ_residues.label_asym_id 
_pdbx_unobs_or_zero_occ_residues.label_comp_id 
_pdbx_unobs_or_zero_occ_residues.label_seq_id 
1 1 Y 1 A ASP 415 ? A ASP 1   
2 1 Y 1 A SER 454 ? A SER 40  
3 1 Y 1 A LYS 455 ? A LYS 41  
4 1 Y 1 A SER 456 ? A SER 42  
5 1 Y 1 A ALA 619 ? A ALA 205 
6 1 Y 1 A ALA 620 ? A ALA 206 
7 1 Y 1 A VAL 621 ? A VAL 207 
# 
loop_
_chem_comp_atom.comp_id 
_chem_comp_atom.atom_id 
_chem_comp_atom.type_symbol 
_chem_comp_atom.pdbx_aromatic_flag 
_chem_comp_atom.pdbx_stereo_config 
_chem_comp_atom.pdbx_ordinal 
ALA N    N N N 1   
ALA CA   C N S 2   
ALA C    C N N 3   
ALA O    O N N 4   
ALA CB   C N N 5   
ALA OXT  O N N 6   
ALA H    H N N 7   
ALA H2   H N N 8   
ALA HA   H N N 9   
ALA HB1  H N N 10  
ALA HB2  H N N 11  
ALA HB3  H N N 12  
ALA HXT  H N N 13  
ARG N    N N N 14  
ARG CA   C N S 15  
ARG C    C N N 16  
ARG O    O N N 17  
ARG CB   C N N 18  
ARG CG   C N N 19  
ARG CD   C N N 20  
ARG NE   N N N 21  
ARG CZ   C N N 22  
ARG NH1  N N N 23  
ARG NH2  N N N 24  
ARG OXT  O N N 25  
ARG H    H N N 26  
ARG H2   H N N 27  
ARG HA   H N N 28  
ARG HB2  H N N 29  
ARG HB3  H N N 30  
ARG HG2  H N N 31  
ARG HG3  H N N 32  
ARG HD2  H N N 33  
ARG HD3  H N N 34  
ARG HE   H N N 35  
ARG HH11 H N N 36  
ARG HH12 H N N 37  
ARG HH21 H N N 38  
ARG HH22 H N N 39  
ARG HXT  H N N 40  
ASN N    N N N 41  
ASN CA   C N S 42  
ASN C    C N N 43  
ASN O    O N N 44  
ASN CB   C N N 45  
ASN CG   C N N 46  
ASN OD1  O N N 47  
ASN ND2  N N N 48  
ASN OXT  O N N 49  
ASN H    H N N 50  
ASN H2   H N N 51  
ASN HA   H N N 52  
ASN HB2  H N N 53  
ASN HB3  H N N 54  
ASN HD21 H N N 55  
ASN HD22 H N N 56  
ASN HXT  H N N 57  
ASP N    N N N 58  
ASP CA   C N S 59  
ASP C    C N N 60  
ASP O    O N N 61  
ASP CB   C N N 62  
ASP CG   C N N 63  
ASP OD1  O N N 64  
ASP OD2  O N N 65  
ASP OXT  O N N 66  
ASP H    H N N 67  
ASP H2   H N N 68  
ASP HA   H N N 69  
ASP HB2  H N N 70  
ASP HB3  H N N 71  
ASP HD2  H N N 72  
ASP HXT  H N N 73  
GLN N    N N N 74  
GLN CA   C N S 75  
GLN C    C N N 76  
GLN O    O N N 77  
GLN CB   C N N 78  
GLN CG   C N N 79  
GLN CD   C N N 80  
GLN OE1  O N N 81  
GLN NE2  N N N 82  
GLN OXT  O N N 83  
GLN H    H N N 84  
GLN H2   H N N 85  
GLN HA   H N N 86  
GLN HB2  H N N 87  
GLN HB3  H N N 88  
GLN HG2  H N N 89  
GLN HG3  H N N 90  
GLN HE21 H N N 91  
GLN HE22 H N N 92  
GLN HXT  H N N 93  
GLU N    N N N 94  
GLU CA   C N S 95  
GLU C    C N N 96  
GLU O    O N N 97  
GLU CB   C N N 98  
GLU CG   C N N 99  
GLU CD   C N N 100 
GLU OE1  O N N 101 
GLU OE2  O N N 102 
GLU OXT  O N N 103 
GLU H    H N N 104 
GLU H2   H N N 105 
GLU HA   H N N 106 
GLU HB2  H N N 107 
GLU HB3  H N N 108 
GLU HG2  H N N 109 
GLU HG3  H N N 110 
GLU HE2  H N N 111 
GLU HXT  H N N 112 
GLY N    N N N 113 
GLY CA   C N N 114 
GLY C    C N N 115 
GLY O    O N N 116 
GLY OXT  O N N 117 
GLY H    H N N 118 
GLY H2   H N N 119 
GLY HA2  H N N 120 
GLY HA3  H N N 121 
GLY HXT  H N N 122 
HIS N    N N N 123 
HIS CA   C N S 124 
HIS C    C N N 125 
HIS O    O N N 126 
HIS CB   C N N 127 
HIS CG   C Y N 128 
HIS ND1  N Y N 129 
HIS CD2  C Y N 130 
HIS CE1  C Y N 131 
HIS NE2  N Y N 132 
HIS OXT  O N N 133 
HIS H    H N N 134 
HIS H2   H N N 135 
HIS HA   H N N 136 
HIS HB2  H N N 137 
HIS HB3  H N N 138 
HIS HD1  H N N 139 
HIS HD2  H N N 140 
HIS HE1  H N N 141 
HIS HE2  H N N 142 
HIS HXT  H N N 143 
HOH O    O N N 144 
HOH H1   H N N 145 
HOH H2   H N N 146 
ILE N    N N N 147 
ILE CA   C N S 148 
ILE C    C N N 149 
ILE O    O N N 150 
ILE CB   C N S 151 
ILE CG1  C N N 152 
ILE CG2  C N N 153 
ILE CD1  C N N 154 
ILE OXT  O N N 155 
ILE H    H N N 156 
ILE H2   H N N 157 
ILE HA   H N N 158 
ILE HB   H N N 159 
ILE HG12 H N N 160 
ILE HG13 H N N 161 
ILE HG21 H N N 162 
ILE HG22 H N N 163 
ILE HG23 H N N 164 
ILE HD11 H N N 165 
ILE HD12 H N N 166 
ILE HD13 H N N 167 
ILE HXT  H N N 168 
LEU N    N N N 169 
LEU CA   C N S 170 
LEU C    C N N 171 
LEU O    O N N 172 
LEU CB   C N N 173 
LEU CG   C N N 174 
LEU CD1  C N N 175 
LEU CD2  C N N 176 
LEU OXT  O N N 177 
LEU H    H N N 178 
LEU H2   H N N 179 
LEU HA   H N N 180 
LEU HB2  H N N 181 
LEU HB3  H N N 182 
LEU HG   H N N 183 
LEU HD11 H N N 184 
LEU HD12 H N N 185 
LEU HD13 H N N 186 
LEU HD21 H N N 187 
LEU HD22 H N N 188 
LEU HD23 H N N 189 
LEU HXT  H N N 190 
LYS N    N N N 191 
LYS CA   C N S 192 
LYS C    C N N 193 
LYS O    O N N 194 
LYS CB   C N N 195 
LYS CG   C N N 196 
LYS CD   C N N 197 
LYS CE   C N N 198 
LYS NZ   N N N 199 
LYS OXT  O N N 200 
LYS H    H N N 201 
LYS H2   H N N 202 
LYS HA   H N N 203 
LYS HB2  H N N 204 
LYS HB3  H N N 205 
LYS HG2  H N N 206 
LYS HG3  H N N 207 
LYS HD2  H N N 208 
LYS HD3  H N N 209 
LYS HE2  H N N 210 
LYS HE3  H N N 211 
LYS HZ1  H N N 212 
LYS HZ2  H N N 213 
LYS HZ3  H N N 214 
LYS HXT  H N N 215 
MET N    N N N 216 
MET CA   C N S 217 
MET C    C N N 218 
MET O    O N N 219 
MET CB   C N N 220 
MET CG   C N N 221 
MET SD   S N N 222 
MET CE   C N N 223 
MET OXT  O N N 224 
MET H    H N N 225 
MET H2   H N N 226 
MET HA   H N N 227 
MET HB2  H N N 228 
MET HB3  H N N 229 
MET HG2  H N N 230 
MET HG3  H N N 231 
MET HE1  H N N 232 
MET HE2  H N N 233 
MET HE3  H N N 234 
MET HXT  H N N 235 
PHE N    N N N 236 
PHE CA   C N S 237 
PHE C    C N N 238 
PHE O    O N N 239 
PHE CB   C N N 240 
PHE CG   C Y N 241 
PHE CD1  C Y N 242 
PHE CD2  C Y N 243 
PHE CE1  C Y N 244 
PHE CE2  C Y N 245 
PHE CZ   C Y N 246 
PHE OXT  O N N 247 
PHE H    H N N 248 
PHE H2   H N N 249 
PHE HA   H N N 250 
PHE HB2  H N N 251 
PHE HB3  H N N 252 
PHE HD1  H N N 253 
PHE HD2  H N N 254 
PHE HE1  H N N 255 
PHE HE2  H N N 256 
PHE HZ   H N N 257 
PHE HXT  H N N 258 
PRO N    N N N 259 
PRO CA   C N S 260 
PRO C    C N N 261 
PRO O    O N N 262 
PRO CB   C N N 263 
PRO CG   C N N 264 
PRO CD   C N N 265 
PRO OXT  O N N 266 
PRO H    H N N 267 
PRO HA   H N N 268 
PRO HB2  H N N 269 
PRO HB3  H N N 270 
PRO HG2  H N N 271 
PRO HG3  H N N 272 
PRO HD2  H N N 273 
PRO HD3  H N N 274 
PRO HXT  H N N 275 
SER N    N N N 276 
SER CA   C N S 277 
SER C    C N N 278 
SER O    O N N 279 
SER CB   C N N 280 
SER OG   O N N 281 
SER OXT  O N N 282 
SER H    H N N 283 
SER H2   H N N 284 
SER HA   H N N 285 
SER HB2  H N N 286 
SER HB3  H N N 287 
SER HG   H N N 288 
SER HXT  H N N 289 
THR N    N N N 290 
THR CA   C N S 291 
THR C    C N N 292 
THR O    O N N 293 
THR CB   C N R 294 
THR OG1  O N N 295 
THR CG2  C N N 296 
THR OXT  O N N 297 
THR H    H N N 298 
THR H2   H N N 299 
THR HA   H N N 300 
THR HB   H N N 301 
THR HG1  H N N 302 
THR HG21 H N N 303 
THR HG22 H N N 304 
THR HG23 H N N 305 
THR HXT  H N N 306 
TYR N    N N N 307 
TYR CA   C N S 308 
TYR C    C N N 309 
TYR O    O N N 310 
TYR CB   C N N 311 
TYR CG   C Y N 312 
TYR CD1  C Y N 313 
TYR CD2  C Y N 314 
TYR CE1  C Y N 315 
TYR CE2  C Y N 316 
TYR CZ   C Y N 317 
TYR OH   O N N 318 
TYR OXT  O N N 319 
TYR H    H N N 320 
TYR H2   H N N 321 
TYR HA   H N N 322 
TYR HB2  H N N 323 
TYR HB3  H N N 324 
TYR HD1  H N N 325 
TYR HD2  H N N 326 
TYR HE1  H N N 327 
TYR HE2  H N N 328 
TYR HH   H N N 329 
TYR HXT  H N N 330 
VAL N    N N N 331 
VAL CA   C N S 332 
VAL C    C N N 333 
VAL O    O N N 334 
VAL CB   C N N 335 
VAL CG1  C N N 336 
VAL CG2  C N N 337 
VAL OXT  O N N 338 
VAL H    H N N 339 
VAL H2   H N N 340 
VAL HA   H N N 341 
VAL HB   H N N 342 
VAL HG11 H N N 343 
VAL HG12 H N N 344 
VAL HG13 H N N 345 
VAL HG21 H N N 346 
VAL HG22 H N N 347 
VAL HG23 H N N 348 
VAL HXT  H N N 349 
# 
loop_
_chem_comp_bond.comp_id 
_chem_comp_bond.atom_id_1 
_chem_comp_bond.atom_id_2 
_chem_comp_bond.value_order 
_chem_comp_bond.pdbx_aromatic_flag 
_chem_comp_bond.pdbx_stereo_config 
_chem_comp_bond.pdbx_ordinal 
ALA N   CA   sing N N 1   
ALA N   H    sing N N 2   
ALA N   H2   sing N N 3   
ALA CA  C    sing N N 4   
ALA CA  CB   sing N N 5   
ALA CA  HA   sing N N 6   
ALA C   O    doub N N 7   
ALA C   OXT  sing N N 8   
ALA CB  HB1  sing N N 9   
ALA CB  HB2  sing N N 10  
ALA CB  HB3  sing N N 11  
ALA OXT HXT  sing N N 12  
ARG N   CA   sing N N 13  
ARG N   H    sing N N 14  
ARG N   H2   sing N N 15  
ARG CA  C    sing N N 16  
ARG CA  CB   sing N N 17  
ARG CA  HA   sing N N 18  
ARG C   O    doub N N 19  
ARG C   OXT  sing N N 20  
ARG CB  CG   sing N N 21  
ARG CB  HB2  sing N N 22  
ARG CB  HB3  sing N N 23  
ARG CG  CD   sing N N 24  
ARG CG  HG2  sing N N 25  
ARG CG  HG3  sing N N 26  
ARG CD  NE   sing N N 27  
ARG CD  HD2  sing N N 28  
ARG CD  HD3  sing N N 29  
ARG NE  CZ   sing N N 30  
ARG NE  HE   sing N N 31  
ARG CZ  NH1  sing N N 32  
ARG CZ  NH2  doub N N 33  
ARG NH1 HH11 sing N N 34  
ARG NH1 HH12 sing N N 35  
ARG NH2 HH21 sing N N 36  
ARG NH2 HH22 sing N N 37  
ARG OXT HXT  sing N N 38  
ASN N   CA   sing N N 39  
ASN N   H    sing N N 40  
ASN N   H2   sing N N 41  
ASN CA  C    sing N N 42  
ASN CA  CB   sing N N 43  
ASN CA  HA   sing N N 44  
ASN C   O    doub N N 45  
ASN C   OXT  sing N N 46  
ASN CB  CG   sing N N 47  
ASN CB  HB2  sing N N 48  
ASN CB  HB3  sing N N 49  
ASN CG  OD1  doub N N 50  
ASN CG  ND2  sing N N 51  
ASN ND2 HD21 sing N N 52  
ASN ND2 HD22 sing N N 53  
ASN OXT HXT  sing N N 54  
ASP N   CA   sing N N 55  
ASP N   H    sing N N 56  
ASP N   H2   sing N N 57  
ASP CA  C    sing N N 58  
ASP CA  CB   sing N N 59  
ASP CA  HA   sing N N 60  
ASP C   O    doub N N 61  
ASP C   OXT  sing N N 62  
ASP CB  CG   sing N N 63  
ASP CB  HB2  sing N N 64  
ASP CB  HB3  sing N N 65  
ASP CG  OD1  doub N N 66  
ASP CG  OD2  sing N N 67  
ASP OD2 HD2  sing N N 68  
ASP OXT HXT  sing N N 69  
GLN N   CA   sing N N 70  
GLN N   H    sing N N 71  
GLN N   H2   sing N N 72  
GLN CA  C    sing N N 73  
GLN CA  CB   sing N N 74  
GLN CA  HA   sing N N 75  
GLN C   O    doub N N 76  
GLN C   OXT  sing N N 77  
GLN CB  CG   sing N N 78  
GLN CB  HB2  sing N N 79  
GLN CB  HB3  sing N N 80  
GLN CG  CD   sing N N 81  
GLN CG  HG2  sing N N 82  
GLN CG  HG3  sing N N 83  
GLN CD  OE1  doub N N 84  
GLN CD  NE2  sing N N 85  
GLN NE2 HE21 sing N N 86  
GLN NE2 HE22 sing N N 87  
GLN OXT HXT  sing N N 88  
GLU N   CA   sing N N 89  
GLU N   H    sing N N 90  
GLU N   H2   sing N N 91  
GLU CA  C    sing N N 92  
GLU CA  CB   sing N N 93  
GLU CA  HA   sing N N 94  
GLU C   O    doub N N 95  
GLU C   OXT  sing N N 96  
GLU CB  CG   sing N N 97  
GLU CB  HB2  sing N N 98  
GLU CB  HB3  sing N N 99  
GLU CG  CD   sing N N 100 
GLU CG  HG2  sing N N 101 
GLU CG  HG3  sing N N 102 
GLU CD  OE1  doub N N 103 
GLU CD  OE2  sing N N 104 
GLU OE2 HE2  sing N N 105 
GLU OXT HXT  sing N N 106 
GLY N   CA   sing N N 107 
GLY N   H    sing N N 108 
GLY N   H2   sing N N 109 
GLY CA  C    sing N N 110 
GLY CA  HA2  sing N N 111 
GLY CA  HA3  sing N N 112 
GLY C   O    doub N N 113 
GLY C   OXT  sing N N 114 
GLY OXT HXT  sing N N 115 
HIS N   CA   sing N N 116 
HIS N   H    sing N N 117 
HIS N   H2   sing N N 118 
HIS CA  C    sing N N 119 
HIS CA  CB   sing N N 120 
HIS CA  HA   sing N N 121 
HIS C   O    doub N N 122 
HIS C   OXT  sing N N 123 
HIS CB  CG   sing N N 124 
HIS CB  HB2  sing N N 125 
HIS CB  HB3  sing N N 126 
HIS CG  ND1  sing Y N 127 
HIS CG  CD2  doub Y N 128 
HIS ND1 CE1  doub Y N 129 
HIS ND1 HD1  sing N N 130 
HIS CD2 NE2  sing Y N 131 
HIS CD2 HD2  sing N N 132 
HIS CE1 NE2  sing Y N 133 
HIS CE1 HE1  sing N N 134 
HIS NE2 HE2  sing N N 135 
HIS OXT HXT  sing N N 136 
HOH O   H1   sing N N 137 
HOH O   H2   sing N N 138 
ILE N   CA   sing N N 139 
ILE N   H    sing N N 140 
ILE N   H2   sing N N 141 
ILE CA  C    sing N N 142 
ILE CA  CB   sing N N 143 
ILE CA  HA   sing N N 144 
ILE C   O    doub N N 145 
ILE C   OXT  sing N N 146 
ILE CB  CG1  sing N N 147 
ILE CB  CG2  sing N N 148 
ILE CB  HB   sing N N 149 
ILE CG1 CD1  sing N N 150 
ILE CG1 HG12 sing N N 151 
ILE CG1 HG13 sing N N 152 
ILE CG2 HG21 sing N N 153 
ILE CG2 HG22 sing N N 154 
ILE CG2 HG23 sing N N 155 
ILE CD1 HD11 sing N N 156 
ILE CD1 HD12 sing N N 157 
ILE CD1 HD13 sing N N 158 
ILE OXT HXT  sing N N 159 
LEU N   CA   sing N N 160 
LEU N   H    sing N N 161 
LEU N   H2   sing N N 162 
LEU CA  C    sing N N 163 
LEU CA  CB   sing N N 164 
LEU CA  HA   sing N N 165 
LEU C   O    doub N N 166 
LEU C   OXT  sing N N 167 
LEU CB  CG   sing N N 168 
LEU CB  HB2  sing N N 169 
LEU CB  HB3  sing N N 170 
LEU CG  CD1  sing N N 171 
LEU CG  CD2  sing N N 172 
LEU CG  HG   sing N N 173 
LEU CD1 HD11 sing N N 174 
LEU CD1 HD12 sing N N 175 
LEU CD1 HD13 sing N N 176 
LEU CD2 HD21 sing N N 177 
LEU CD2 HD22 sing N N 178 
LEU CD2 HD23 sing N N 179 
LEU OXT HXT  sing N N 180 
LYS N   CA   sing N N 181 
LYS N   H    sing N N 182 
LYS N   H2   sing N N 183 
LYS CA  C    sing N N 184 
LYS CA  CB   sing N N 185 
LYS CA  HA   sing N N 186 
LYS C   O    doub N N 187 
LYS C   OXT  sing N N 188 
LYS CB  CG   sing N N 189 
LYS CB  HB2  sing N N 190 
LYS CB  HB3  sing N N 191 
LYS CG  CD   sing N N 192 
LYS CG  HG2  sing N N 193 
LYS CG  HG3  sing N N 194 
LYS CD  CE   sing N N 195 
LYS CD  HD2  sing N N 196 
LYS CD  HD3  sing N N 197 
LYS CE  NZ   sing N N 198 
LYS CE  HE2  sing N N 199 
LYS CE  HE3  sing N N 200 
LYS NZ  HZ1  sing N N 201 
LYS NZ  HZ2  sing N N 202 
LYS NZ  HZ3  sing N N 203 
LYS OXT HXT  sing N N 204 
MET N   CA   sing N N 205 
MET N   H    sing N N 206 
MET N   H2   sing N N 207 
MET CA  C    sing N N 208 
MET CA  CB   sing N N 209 
MET CA  HA   sing N N 210 
MET C   O    doub N N 211 
MET C   OXT  sing N N 212 
MET CB  CG   sing N N 213 
MET CB  HB2  sing N N 214 
MET CB  HB3  sing N N 215 
MET CG  SD   sing N N 216 
MET CG  HG2  sing N N 217 
MET CG  HG3  sing N N 218 
MET SD  CE   sing N N 219 
MET CE  HE1  sing N N 220 
MET CE  HE2  sing N N 221 
MET CE  HE3  sing N N 222 
MET OXT HXT  sing N N 223 
PHE N   CA   sing N N 224 
PHE N   H    sing N N 225 
PHE N   H2   sing N N 226 
PHE CA  C    sing N N 227 
PHE CA  CB   sing N N 228 
PHE CA  HA   sing N N 229 
PHE C   O    doub N N 230 
PHE C   OXT  sing N N 231 
PHE CB  CG   sing N N 232 
PHE CB  HB2  sing N N 233 
PHE CB  HB3  sing N N 234 
PHE CG  CD1  doub Y N 235 
PHE CG  CD2  sing Y N 236 
PHE CD1 CE1  sing Y N 237 
PHE CD1 HD1  sing N N 238 
PHE CD2 CE2  doub Y N 239 
PHE CD2 HD2  sing N N 240 
PHE CE1 CZ   doub Y N 241 
PHE CE1 HE1  sing N N 242 
PHE CE2 CZ   sing Y N 243 
PHE CE2 HE2  sing N N 244 
PHE CZ  HZ   sing N N 245 
PHE OXT HXT  sing N N 246 
PRO N   CA   sing N N 247 
PRO N   CD   sing N N 248 
PRO N   H    sing N N 249 
PRO CA  C    sing N N 250 
PRO CA  CB   sing N N 251 
PRO CA  HA   sing N N 252 
PRO C   O    doub N N 253 
PRO C   OXT  sing N N 254 
PRO CB  CG   sing N N 255 
PRO CB  HB2  sing N N 256 
PRO CB  HB3  sing N N 257 
PRO CG  CD   sing N N 258 
PRO CG  HG2  sing N N 259 
PRO CG  HG3  sing N N 260 
PRO CD  HD2  sing N N 261 
PRO CD  HD3  sing N N 262 
PRO OXT HXT  sing N N 263 
SER N   CA   sing N N 264 
SER N   H    sing N N 265 
SER N   H2   sing N N 266 
SER CA  C    sing N N 267 
SER CA  CB   sing N N 268 
SER CA  HA   sing N N 269 
SER C   O    doub N N 270 
SER C   OXT  sing N N 271 
SER CB  OG   sing N N 272 
SER CB  HB2  sing N N 273 
SER CB  HB3  sing N N 274 
SER OG  HG   sing N N 275 
SER OXT HXT  sing N N 276 
THR N   CA   sing N N 277 
THR N   H    sing N N 278 
THR N   H2   sing N N 279 
THR CA  C    sing N N 280 
THR CA  CB   sing N N 281 
THR CA  HA   sing N N 282 
THR C   O    doub N N 283 
THR C   OXT  sing N N 284 
THR CB  OG1  sing N N 285 
THR CB  CG2  sing N N 286 
THR CB  HB   sing N N 287 
THR OG1 HG1  sing N N 288 
THR CG2 HG21 sing N N 289 
THR CG2 HG22 sing N N 290 
THR CG2 HG23 sing N N 291 
THR OXT HXT  sing N N 292 
TYR N   CA   sing N N 293 
TYR N   H    sing N N 294 
TYR N   H2   sing N N 295 
TYR CA  C    sing N N 296 
TYR CA  CB   sing N N 297 
TYR CA  HA   sing N N 298 
TYR C   O    doub N N 299 
TYR C   OXT  sing N N 300 
TYR CB  CG   sing N N 301 
TYR CB  HB2  sing N N 302 
TYR CB  HB3  sing N N 303 
TYR CG  CD1  doub Y N 304 
TYR CG  CD2  sing Y N 305 
TYR CD1 CE1  sing Y N 306 
TYR CD1 HD1  sing N N 307 
TYR CD2 CE2  doub Y N 308 
TYR CD2 HD2  sing N N 309 
TYR CE1 CZ   doub Y N 310 
TYR CE1 HE1  sing N N 311 
TYR CE2 CZ   sing Y N 312 
TYR CE2 HE2  sing N N 313 
TYR CZ  OH   sing N N 314 
TYR OH  HH   sing N N 315 
TYR OXT HXT  sing N N 316 
VAL N   CA   sing N N 317 
VAL N   H    sing N N 318 
VAL N   H2   sing N N 319 
VAL CA  C    sing N N 320 
VAL CA  CB   sing N N 321 
VAL CA  HA   sing N N 322 
VAL C   O    doub N N 323 
VAL C   OXT  sing N N 324 
VAL CB  CG1  sing N N 325 
VAL CB  CG2  sing N N 326 
VAL CB  HB   sing N N 327 
VAL CG1 HG11 sing N N 328 
VAL CG1 HG12 sing N N 329 
VAL CG1 HG13 sing N N 330 
VAL CG2 HG21 sing N N 331 
VAL CG2 HG22 sing N N 332 
VAL CG2 HG23 sing N N 333 
VAL OXT HXT  sing N N 334 
# 
_atom_sites.entry_id                    1Z0C 
_atom_sites.fract_transf_matrix[1][1]   -0.00152637 
_atom_sites.fract_transf_matrix[1][2]   -0.00937429 
_atom_sites.fract_transf_matrix[1][3]   -0.01040554 
_atom_sites.fract_transf_matrix[2][1]   -0.01281404 
_atom_sites.fract_transf_matrix[2][2]   -0.00277604 
_atom_sites.fract_transf_matrix[2][3]   -0.00515692 
_atom_sites.fract_transf_matrix[3][1]   0.00272727 
_atom_sites.fract_transf_matrix[3][2]   0.01758710 
_atom_sites.fract_transf_matrix[3][3]   -0.01624417 
_atom_sites.fract_transf_vector[1]      0.266325 
_atom_sites.fract_transf_vector[2]      0.397062 
_atom_sites.fract_transf_vector[3]      0.008977 
# 
loop_
_atom_type.symbol 
C 
N 
O 
S 
# 
loop_
_atom_site.group_PDB 
_atom_site.id 
_atom_site.type_symbol 
_atom_site.label_atom_id 
_atom_site.label_alt_id 
_atom_site.label_comp_id 
_atom_site.label_asym_id 
_atom_site.label_entity_id 
_atom_site.label_seq_id 
_atom_site.pdbx_PDB_ins_code 
_atom_site.Cartn_x 
_atom_site.Cartn_y 
_atom_site.Cartn_z 
_atom_site.occupancy 
_atom_site.B_iso_or_equiv 
_atom_site.pdbx_formal_charge 
_atom_site.auth_seq_id 
_atom_site.auth_comp_id 
_atom_site.auth_asym_id 
_atom_site.auth_atom_id 
_atom_site.pdbx_PDB_model_num 
ATOM   1    N N   . TYR A 1 2   ? 9.853   0.518   -21.576 1.00 37.60 ? 416 TYR A N   1 
ATOM   2    C CA  . TYR A 1 2   ? 9.720   -0.312  -20.328 1.00 38.07 ? 416 TYR A CA  1 
ATOM   3    C C   . TYR A 1 2   ? 8.847   0.437   -19.341 1.00 38.08 ? 416 TYR A C   1 
ATOM   4    O O   . TYR A 1 2   ? 8.523   1.598   -19.552 1.00 38.67 ? 416 TYR A O   1 
ATOM   5    C CB  . TYR A 1 2   ? 11.107  -0.650  -19.703 1.00 37.64 ? 416 TYR A CB  1 
ATOM   6    C CG  . TYR A 1 2   ? 11.871  0.571   -19.220 1.00 36.61 ? 416 TYR A CG  1 
ATOM   7    C CD1 . TYR A 1 2   ? 12.537  1.402   -20.126 1.00 37.02 ? 416 TYR A CD1 1 
ATOM   8    C CD2 . TYR A 1 2   ? 11.894  0.917   -17.868 1.00 36.49 ? 416 TYR A CD2 1 
ATOM   9    C CE1 . TYR A 1 2   ? 13.210  2.537   -19.705 1.00 38.35 ? 416 TYR A CE1 1 
ATOM   10   C CE2 . TYR A 1 2   ? 12.584  2.047   -17.427 1.00 36.19 ? 416 TYR A CE2 1 
ATOM   11   C CZ  . TYR A 1 2   ? 13.219  2.869   -18.364 1.00 39.06 ? 416 TYR A CZ  1 
ATOM   12   O OH  . TYR A 1 2   ? 13.906  4.008   -17.963 1.00 39.76 ? 416 TYR A OH  1 
ATOM   13   N N   . LYS A 1 3   ? 8.456   -0.252  -18.279 1.00 37.78 ? 417 LYS A N   1 
ATOM   14   C CA  . LYS A 1 3   ? 7.678   0.362   -17.221 1.00 38.68 ? 417 LYS A CA  1 
ATOM   15   C C   . LYS A 1 3   ? 8.315   -0.051  -15.933 1.00 38.02 ? 417 LYS A C   1 
ATOM   16   O O   . LYS A 1 3   ? 8.878   -1.143  -15.839 1.00 39.51 ? 417 LYS A O   1 
ATOM   17   C CB  . LYS A 1 3   ? 6.250   -0.172  -17.245 1.00 38.35 ? 417 LYS A CB  1 
ATOM   18   C CG  . LYS A 1 3   ? 5.294   0.685   -17.997 1.00 41.60 ? 417 LYS A CG  1 
ATOM   19   C CD  . LYS A 1 3   ? 3.932   0.010   -18.072 1.00 44.11 ? 417 LYS A CD  1 
ATOM   20   C CE  . LYS A 1 3   ? 2.930   0.854   -18.894 1.00 46.59 ? 417 LYS A CE  1 
ATOM   21   N NZ  . LYS A 1 3   ? 1.501   0.678   -18.432 1.00 47.30 ? 417 LYS A NZ  1 
ATOM   22   N N   . LEU A 1 4   ? 8.167   0.785   -14.920 1.00 38.23 ? 418 LEU A N   1 
ATOM   23   C CA  . LEU A 1 4   ? 8.709   0.453   -13.620 1.00 37.72 ? 418 LEU A CA  1 
ATOM   24   C C   . LEU A 1 4   ? 7.722   -0.339  -12.748 1.00 36.84 ? 418 LEU A C   1 
ATOM   25   O O   . LEU A 1 4   ? 8.129   -1.000  -11.788 1.00 36.85 ? 418 LEU A O   1 
ATOM   26   C CB  . LEU A 1 4   ? 9.286   1.707   -12.933 1.00 38.51 ? 418 LEU A CB  1 
ATOM   27   C CG  . LEU A 1 4   ? 10.524  2.274   -13.666 1.00 40.17 ? 418 LEU A CG  1 
ATOM   28   C CD1 . LEU A 1 4   ? 11.304  3.171   -12.773 1.00 41.79 ? 418 LEU A CD1 1 
ATOM   29   C CD2 . LEU A 1 4   ? 11.444  1.163   -14.183 1.00 41.13 ? 418 LEU A CD2 1 
ATOM   30   N N   . PHE A 1 5   ? 6.448   -0.298  -13.134 1.00 35.23 ? 419 PHE A N   1 
ATOM   31   C CA  . PHE A 1 5   ? 5.398   -1.060  -12.460 1.00 33.96 ? 419 PHE A CA  1 
ATOM   32   C C   . PHE A 1 5   ? 4.858   -2.219  -13.293 1.00 32.19 ? 419 PHE A C   1 
ATOM   33   O O   . PHE A 1 5   ? 4.952   -2.231  -14.526 1.00 32.79 ? 419 PHE A O   1 
ATOM   34   C CB  . PHE A 1 5   ? 4.247   -0.144  -12.043 1.00 35.36 ? 419 PHE A CB  1 
ATOM   35   C CG  . PHE A 1 5   ? 3.834   0.832   -13.094 1.00 35.13 ? 419 PHE A CG  1 
ATOM   36   C CD1 . PHE A 1 5   ? 2.736   0.576   -13.919 1.00 38.38 ? 419 PHE A CD1 1 
ATOM   37   C CD2 . PHE A 1 5   ? 4.533   2.033   -13.256 1.00 34.99 ? 419 PHE A CD2 1 
ATOM   38   C CE1 . PHE A 1 5   ? 2.337   1.496   -14.914 1.00 38.46 ? 419 PHE A CE1 1 
ATOM   39   C CE2 . PHE A 1 5   ? 4.145   2.967   -14.228 1.00 37.57 ? 419 PHE A CE2 1 
ATOM   40   C CZ  . PHE A 1 5   ? 3.042   2.694   -15.072 1.00 38.87 ? 419 PHE A CZ  1 
ATOM   41   N N   . ILE A 1 6   ? 4.325   -3.204  -12.591 1.00 30.68 ? 420 ILE A N   1 
ATOM   42   C CA  . ILE A 1 6   ? 3.643   -4.329  -13.206 1.00 30.20 ? 420 ILE A CA  1 
ATOM   43   C C   . ILE A 1 6   ? 2.163   -3.987  -13.120 1.00 29.03 ? 420 ILE A C   1 
ATOM   44   O O   . ILE A 1 6   ? 1.715   -3.385  -12.128 1.00 28.40 ? 420 ILE A O   1 
ATOM   45   C CB  . ILE A 1 6   ? 3.915   -5.629  -12.435 1.00 29.69 ? 420 ILE A CB  1 
ATOM   46   C CG1 . ILE A 1 6   ? 5.429   -5.929  -12.326 1.00 32.05 ? 420 ILE A CG1 1 
ATOM   47   C CG2 . ILE A 1 6   ? 3.146   -6.754  -13.073 1.00 31.07 ? 420 ILE A CG2 1 
ATOM   48   C CD1 . ILE A 1 6   ? 5.774   -7.211  -11.555 1.00 32.22 ? 420 ILE A CD1 1 
ATOM   49   N N   . THR A 1 7   ? 1.378   -4.311  -14.148 1.00 28.10 ? 421 THR A N   1 
ATOM   50   C CA  . THR A 1 7   ? -0.008  -3.859  -14.164 1.00 28.80 ? 421 THR A CA  1 
ATOM   51   C C   . THR A 1 7   ? -1.040  -4.987  -14.165 1.00 28.62 ? 421 THR A C   1 
ATOM   52   O O   . THR A 1 7   ? -2.239  -4.739  -14.062 1.00 29.74 ? 421 THR A O   1 
ATOM   53   C CB  . THR A 1 7   ? -0.260  -2.954  -15.366 1.00 30.73 ? 421 THR A CB  1 
ATOM   54   O OG1 . THR A 1 7   ? 0.190   -3.666  -16.534 1.00 32.90 ? 421 THR A OG1 1 
ATOM   55   C CG2 . THR A 1 7   ? 0.493   -1.659  -15.250 1.00 32.65 ? 421 THR A CG2 1 
ATOM   56   N N   . GLU A 1 8   ? -0.578  -6.233  -14.214 1.00 29.42 ? 422 GLU A N   1 
ATOM   57   C CA  . GLU A 1 8   ? -1.487  -7.388  -14.150 1.00 32.61 ? 422 GLU A CA  1 
ATOM   58   C C   . GLU A 1 8   ? -0.799  -8.582  -13.507 1.00 29.71 ? 422 GLU A C   1 
ATOM   59   O O   . GLU A 1 8   ? 0.420   -8.720  -13.607 1.00 31.58 ? 422 GLU A O   1 
ATOM   60   C CB  . GLU A 1 8   ? -1.951  -7.811  -15.576 1.00 32.72 ? 422 GLU A CB  1 
ATOM   61   C CG  . GLU A 1 8   ? -3.147  -7.044  -16.169 1.00 38.91 ? 422 GLU A CG  1 
ATOM   62   C CD  . GLU A 1 8   ? -3.788  -7.776  -17.375 1.00 39.43 ? 422 GLU A CD  1 
ATOM   63   O OE1 . GLU A 1 8   ? -3.637  -9.025  -17.447 1.00 46.93 ? 422 GLU A OE1 1 
ATOM   64   O OE2 . GLU A 1 8   ? -4.420  -7.110  -18.246 1.00 47.84 ? 422 GLU A OE2 1 
ATOM   65   N N   . GLY A 1 9   ? -1.582  -9.467  -12.897 1.00 28.62 ? 423 GLY A N   1 
ATOM   66   C CA  . GLY A 1 9   ? -1.064  -10.659 -12.240 1.00 27.25 ? 423 GLY A CA  1 
ATOM   67   C C   . GLY A 1 9   ? -0.671  -10.361 -10.801 1.00 28.16 ? 423 GLY A C   1 
ATOM   68   O O   . GLY A 1 9   ? -0.918  -9.238  -10.325 1.00 26.30 ? 423 GLY A O   1 
ATOM   69   N N   . TYR A 1 10  ? -0.035  -11.333 -10.162 1.00 27.71 ? 424 TYR A N   1 
ATOM   70   C CA  . TYR A 1 10  ? 0.186   -11.314 -8.713  1.00 28.50 ? 424 TYR A CA  1 
ATOM   71   C C   . TYR A 1 10  ? 1.675   -11.498 -8.403  1.00 28.93 ? 424 TYR A C   1 
ATOM   72   O O   . TYR A 1 10  ? 2.380   -12.250 -9.086  1.00 29.74 ? 424 TYR A O   1 
ATOM   73   C CB  . TYR A 1 10  ? -0.605  -12.438 -8.074  1.00 29.87 ? 424 TYR A CB  1 
ATOM   74   C CG  . TYR A 1 10  ? -2.069  -12.186 -7.999  1.00 31.95 ? 424 TYR A CG  1 
ATOM   75   C CD1 . TYR A 1 10  ? -2.622  -11.656 -6.845  1.00 31.22 ? 424 TYR A CD1 1 
ATOM   76   C CD2 . TYR A 1 10  ? -2.916  -12.469 -9.075  1.00 31.77 ? 424 TYR A CD2 1 
ATOM   77   C CE1 . TYR A 1 10  ? -3.944  -11.424 -6.726  1.00 32.49 ? 424 TYR A CE1 1 
ATOM   78   C CE2 . TYR A 1 10  ? -4.290  -12.223 -8.964  1.00 33.66 ? 424 TYR A CE2 1 
ATOM   79   C CZ  . TYR A 1 10  ? -4.780  -11.689 -7.795  1.00 32.92 ? 424 TYR A CZ  1 
ATOM   80   O OH  . TYR A 1 10  ? -6.124  -11.429 -7.624  1.00 37.75 ? 424 TYR A OH  1 
ATOM   81   N N   . GLU A 1 11  ? 2.138   -10.796 -7.373  1.00 26.46 ? 425 GLU A N   1 
ATOM   82   C CA  . GLU A 1 11  ? 3.541   -10.765 -6.978  1.00 25.78 ? 425 GLU A CA  1 
ATOM   83   C C   . GLU A 1 11  ? 3.615   -10.619 -5.484  1.00 24.51 ? 425 GLU A C   1 
ATOM   84   O O   . GLU A 1 11  ? 2.924   -9.786  -4.895  1.00 23.54 ? 425 GLU A O   1 
ATOM   85   C CB  . GLU A 1 11  ? 4.290   -9.576  -7.586  1.00 26.73 ? 425 GLU A CB  1 
ATOM   86   C CG  . GLU A 1 11  ? 4.623   -9.745  -9.044  1.00 36.58 ? 425 GLU A CG  1 
ATOM   87   C CD  . GLU A 1 11  ? 5.680   -10.820 -9.249  1.00 43.31 ? 425 GLU A CD  1 
ATOM   88   O OE1 . GLU A 1 11  ? 6.680   -10.822 -8.495  1.00 47.83 ? 425 GLU A OE1 1 
ATOM   89   O OE2 . GLU A 1 11  ? 5.513   -11.675 -10.146 1.00 49.04 ? 425 GLU A OE2 1 
ATOM   90   N N   . VAL A 1 12  ? 4.482   -11.378 -4.851  1.00 22.93 ? 426 VAL A N   1 
ATOM   91   C CA  . VAL A 1 12  ? 4.665   -11.259 -3.400  1.00 21.95 ? 426 VAL A CA  1 
ATOM   92   C C   . VAL A 1 12  ? 5.471   -9.992  -3.167  1.00 21.25 ? 426 VAL A C   1 
ATOM   93   O O   . VAL A 1 12  ? 6.509   -9.751  -3.769  1.00 22.38 ? 426 VAL A O   1 
ATOM   94   C CB  . VAL A 1 12  ? 5.408   -12.465 -2.761  1.00 22.56 ? 426 VAL A CB  1 
ATOM   95   C CG1 . VAL A 1 12  ? 5.652   -12.251 -1.270  1.00 22.72 ? 426 VAL A CG1 1 
ATOM   96   C CG2 . VAL A 1 12  ? 4.616   -13.774 -2.975  1.00 24.22 ? 426 VAL A CG2 1 
ATOM   97   N N   . GLY A 1 13  ? 5.039   -9.242  -2.183  1.00 17.25 ? 427 GLY A N   1 
ATOM   98   C CA  . GLY A 1 13  ? 5.913   -8.162  -1.687  1.00 18.84 ? 427 GLY A CA  1 
ATOM   99   C C   . GLY A 1 13  ? 5.885   -6.914  -2.515  1.00 20.18 ? 427 GLY A C   1 
ATOM   100  O O   . GLY A 1 13  ? 6.657   -5.968  -2.247  1.00 21.12 ? 427 GLY A O   1 
ATOM   101  N N   . ARG A 1 14  ? 5.024   -6.854  -3.525  1.00 18.42 ? 428 ARG A N   1 
ATOM   102  C CA  . ARG A 1 14  ? 5.092   -5.687  -4.433  1.00 19.05 ? 428 ARG A CA  1 
ATOM   103  C C   . ARG A 1 14  ? 3.696   -5.078  -4.488  1.00 18.64 ? 428 ARG A C   1 
ATOM   104  O O   . ARG A 1 14  ? 2.697   -5.780  -4.639  1.00 20.54 ? 428 ARG A O   1 
ATOM   105  C CB  . ARG A 1 14  ? 5.476   -6.106  -5.862  1.00 20.22 ? 428 ARG A CB  1 
ATOM   106  C CG  . ARG A 1 14  ? 5.733   -4.949  -6.729  1.00 25.05 ? 428 ARG A CG  1 
ATOM   107  C CD  . ARG A 1 14  ? 6.651   -5.376  -7.946  1.00 30.71 ? 428 ARG A CD  1 
ATOM   108  N NE  . ARG A 1 14  ? 6.802   -4.272  -8.878  1.00 36.10 ? 428 ARG A NE  1 
ATOM   109  C CZ  . ARG A 1 14  ? 7.738   -4.216  -9.813  1.00 38.06 ? 428 ARG A CZ  1 
ATOM   110  N NH1 . ARG A 1 14  ? 8.568   -5.238  -9.971  1.00 35.94 ? 428 ARG A NH1 1 
ATOM   111  N NH2 . ARG A 1 14  ? 7.807   -3.166  -10.623 1.00 41.60 ? 428 ARG A NH2 1 
ATOM   112  N N   . VAL A 1 15  ? 3.644   -3.757  -4.357  1.00 18.15 ? 429 VAL A N   1 
ATOM   113  C CA  . VAL A 1 15  ? 2.394   -2.997  -4.418  1.00 17.56 ? 429 VAL A CA  1 
ATOM   114  C C   . VAL A 1 15  ? 2.558   -1.741  -5.226  1.00 17.07 ? 429 VAL A C   1 
ATOM   115  O O   . VAL A 1 15  ? 3.559   -1.043  -5.153  1.00 18.27 ? 429 VAL A O   1 
ATOM   116  C CB  . VAL A 1 15  ? 2.005   -2.559  -3.018  1.00 16.79 ? 429 VAL A CB  1 
ATOM   117  C CG1 . VAL A 1 15  ? 0.688   -1.728  -3.066  1.00 19.98 ? 429 VAL A CG1 1 
ATOM   118  C CG2 . VAL A 1 15  ? 1.794   -3.776  -2.125  1.00 18.98 ? 429 VAL A CG2 1 
ATOM   119  N N   . ASN A 1 16  ? 1.554   -1.437  -6.069  1.00 17.63 ? 430 ASN A N   1 
ATOM   120  C CA  . ASN A 1 16  ? 1.518   -0.152  -6.773  1.00 17.33 ? 430 ASN A CA  1 
ATOM   121  C C   . ASN A 1 16  ? 0.918   0.914   -5.896  1.00 18.86 ? 430 ASN A C   1 
ATOM   122  O O   . ASN A 1 16  ? -0.282  1.020   -5.757  1.00 19.73 ? 430 ASN A O   1 
ATOM   123  C CB  . ASN A 1 16  ? 0.713   -0.280  -8.114  1.00 18.53 ? 430 ASN A CB  1 
ATOM   124  C CG  . ASN A 1 16  ? 1.461   -1.103  -9.102  1.00 20.84 ? 430 ASN A CG  1 
ATOM   125  O OD1 . ASN A 1 16  ? 2.669   -0.989  -9.157  1.00 22.55 ? 430 ASN A OD1 1 
ATOM   126  N ND2 . ASN A 1 16  ? 0.763   -1.980  -9.860  1.00 21.63 ? 430 ASN A ND2 1 
ATOM   127  N N   . GLY A 1 17  ? 1.740   1.665   -5.235  1.00 18.77 ? 431 GLY A N   1 
ATOM   128  C CA  . GLY A 1 17  ? 1.226   2.838   -4.542  1.00 19.04 ? 431 GLY A CA  1 
ATOM   129  C C   . GLY A 1 17  ? 1.057   4.036   -5.491  1.00 20.25 ? 431 GLY A C   1 
ATOM   130  O O   . GLY A 1 17  ? 1.383   3.979   -6.671  1.00 20.78 ? 431 GLY A O   1 
ATOM   131  N N   . LEU A 1 18  ? 0.488   5.105   -4.968  1.00 21.91 ? 432 LEU A N   1 
ATOM   132  C CA  . LEU A 1 18  ? 0.316   6.331   -5.779  1.00 22.59 ? 432 LEU A CA  1 
ATOM   133  C C   . LEU A 1 18  ? 0.936   7.498   -5.018  1.00 25.15 ? 432 LEU A C   1 
ATOM   134  O O   . LEU A 1 18  ? 0.801   7.578   -3.802  1.00 26.35 ? 432 LEU A O   1 
ATOM   135  C CB  . LEU A 1 18  ? -1.178  6.579   -6.061  1.00 22.60 ? 432 LEU A CB  1 
ATOM   136  C CG  . LEU A 1 18  ? -1.855  5.429   -6.816  1.00 22.29 ? 432 LEU A CG  1 
ATOM   137  C CD1 . LEU A 1 18  ? -3.368  5.582   -6.834  1.00 25.28 ? 432 LEU A CD1 1 
ATOM   138  C CD2 . LEU A 1 18  ? -1.334  5.519   -8.277  1.00 23.40 ? 432 LEU A CD2 1 
ATOM   139  N N   . ALA A 1 19  ? 1.590   8.431   -5.721  1.00 26.12 ? 433 ALA A N   1 
ATOM   140  C CA  . ALA A 1 19  ? 2.146   9.572   -5.022  1.00 26.98 ? 433 ALA A CA  1 
ATOM   141  C C   . ALA A 1 19  ? 1.930   10.811  -5.879  1.00 28.88 ? 433 ALA A C   1 
ATOM   142  O O   . ALA A 1 19  ? 1.382   10.728  -6.972  1.00 29.04 ? 433 ALA A O   1 
ATOM   143  C CB  . ALA A 1 19  ? 3.602   9.386   -4.744  1.00 27.61 ? 433 ALA A CB  1 
ATOM   144  N N   . VAL A 1 20  ? 2.400   11.939  -5.362  1.00 31.60 ? 434 VAL A N   1 
ATOM   145  C CA  . VAL A 1 20  ? 2.282   13.251  -6.044  1.00 33.71 ? 434 VAL A CA  1 
ATOM   146  C C   . VAL A 1 20  ? 3.712   13.771  -6.256  1.00 35.09 ? 434 VAL A C   1 
ATOM   147  O O   . VAL A 1 20  ? 4.576   13.571  -5.399  1.00 34.71 ? 434 VAL A O   1 
ATOM   148  C CB  . VAL A 1 20  ? 1.339   14.213  -5.219  1.00 33.78 ? 434 VAL A CB  1 
ATOM   149  C CG1 . VAL A 1 20  ? 1.336   15.631  -5.761  1.00 36.67 ? 434 VAL A CG1 1 
ATOM   150  C CG2 . VAL A 1 20  ? -0.095  13.719  -5.311  1.00 36.70 ? 434 VAL A CG2 1 
ATOM   151  N N   . ILE A 1 21  ? 4.006   14.353  -7.431  1.00 36.05 ? 435 ILE A N   1 
ATOM   152  C CA  . ILE A 1 21  ? 5.283   15.044  -7.613  1.00 38.71 ? 435 ILE A CA  1 
ATOM   153  C C   . ILE A 1 21  ? 4.921   16.492  -7.926  1.00 39.31 ? 435 ILE A C   1 
ATOM   154  O O   . ILE A 1 21  ? 3.905   16.752  -8.568  1.00 39.13 ? 435 ILE A O   1 
ATOM   155  C CB  . ILE A 1 21  ? 6.215   14.416  -8.707  1.00 38.95 ? 435 ILE A CB  1 
ATOM   156  C CG1 . ILE A 1 21  ? 5.502   14.242  -10.033 1.00 40.28 ? 435 ILE A CG1 1 
ATOM   157  C CG2 . ILE A 1 21  ? 6.734   13.036  -8.291  1.00 39.76 ? 435 ILE A CG2 1 
ATOM   158  C CD1 . ILE A 1 21  ? 6.457   13.829  -11.161 1.00 40.58 ? 435 ILE A CD1 1 
ATOM   159  N N   . GLY A 1 22  ? 5.717   17.429  -7.435  1.00 41.73 ? 436 GLY A N   1 
ATOM   160  C CA  . GLY A 1 22  ? 5.335   18.840  -7.534  1.00 42.73 ? 436 GLY A CA  1 
ATOM   161  C C   . GLY A 1 22  ? 4.102   19.011  -6.665  1.00 44.20 ? 436 GLY A C   1 
ATOM   162  O O   . GLY A 1 22  ? 4.064   18.528  -5.521  1.00 44.26 ? 436 GLY A O   1 
ATOM   163  N N   . GLU A 1 23  ? 3.066   19.639  -7.219  1.00 45.11 ? 437 GLU A N   1 
ATOM   164  C CA  . GLU A 1 23  ? 1.834   19.856  -6.458  1.00 46.09 ? 437 GLU A CA  1 
ATOM   165  C C   . GLU A 1 23  ? 0.694   18.907  -6.774  1.00 45.98 ? 437 GLU A C   1 
ATOM   166  O O   . GLU A 1 23  ? -0.163  18.627  -5.915  1.00 46.07 ? 437 GLU A O   1 
ATOM   167  C CB  . GLU A 1 23  ? 1.354   21.275  -6.678  1.00 46.89 ? 437 GLU A CB  1 
ATOM   168  C CG  . GLU A 1 23  ? 2.063   22.260  -5.828  1.00 48.36 ? 437 GLU A CG  1 
ATOM   169  C CD  . GLU A 1 23  ? 1.246   23.496  -5.648  1.00 51.16 ? 437 GLU A CD  1 
ATOM   170  O OE1 . GLU A 1 23  ? 0.060   23.470  -6.047  1.00 52.87 ? 437 GLU A OE1 1 
ATOM   171  O OE2 . GLU A 1 23  ? 1.782   24.484  -5.116  1.00 51.90 ? 437 GLU A OE2 1 
ATOM   172  N N   . SER A 1 24  ? 0.681   18.418  -8.009  1.00 45.20 ? 438 SER A N   1 
ATOM   173  C CA  . SER A 1 24  ? -0.475  17.730  -8.528  1.00 44.48 ? 438 SER A CA  1 
ATOM   174  C C   . SER A 1 24  ? -0.183  16.761  -9.697  1.00 42.89 ? 438 SER A C   1 
ATOM   175  O O   . SER A 1 24  ? -1.104  16.252  -10.362 1.00 43.28 ? 438 SER A O   1 
ATOM   176  C CB  . SER A 1 24  ? -1.506  18.791  -8.911  1.00 44.34 ? 438 SER A CB  1 
ATOM   177  O OG  . SER A 1 24  ? -0.874  19.997  -9.320  1.00 46.90 ? 438 SER A OG  1 
ATOM   178  N N   . ALA A 1 25  ? 1.085   16.494  -9.967  1.00 39.76 ? 439 ALA A N   1 
ATOM   179  C CA  . ALA A 1 25  ? 1.396   15.486  -10.967 1.00 37.15 ? 439 ALA A CA  1 
ATOM   180  C C   . ALA A 1 25  ? 1.370   14.174  -10.198 1.00 35.92 ? 439 ALA A C   1 
ATOM   181  O O   . ALA A 1 25  ? 2.307   13.905  -9.441  1.00 36.40 ? 439 ALA A O   1 
ATOM   182  C CB  . ALA A 1 25  ? 2.753   15.711  -11.524 1.00 38.17 ? 439 ALA A CB  1 
ATOM   183  N N   . GLY A 1 26  ? 0.322   13.372  -10.390 1.00 31.35 ? 440 GLY A N   1 
ATOM   184  C CA  . GLY A 1 26  ? 0.292   12.017  -9.737  1.00 29.82 ? 440 GLY A CA  1 
ATOM   185  C C   . GLY A 1 26  ? 1.215   11.062  -10.475 1.00 28.34 ? 440 GLY A C   1 
ATOM   186  O O   . GLY A 1 26  ? 1.447   11.202  -11.687 1.00 29.83 ? 440 GLY A O   1 
ATOM   187  N N   . ILE A 1 27  ? 1.780   10.080  -9.745  1.00 27.57 ? 441 ILE A N   1 
ATOM   188  C CA  . ILE A 1 27  ? 2.599   9.043   -10.341 1.00 27.42 ? 441 ILE A CA  1 
ATOM   189  C C   . ILE A 1 27  ? 2.297   7.717   -9.650  1.00 24.90 ? 441 ILE A C   1 
ATOM   190  O O   . ILE A 1 27  ? 1.869   7.707   -8.484  1.00 25.67 ? 441 ILE A O   1 
ATOM   191  C CB  . ILE A 1 27  ? 4.154   9.331   -10.234 1.00 28.94 ? 441 ILE A CB  1 
ATOM   192  C CG1 . ILE A 1 27  ? 4.493   10.647  -10.909 1.00 31.67 ? 441 ILE A CG1 1 
ATOM   193  C CG2 . ILE A 1 27  ? 4.986   8.211   -10.842 1.00 33.47 ? 441 ILE A CG2 1 
ATOM   194  C CD1 . ILE A 1 27  ? 5.794   10.628  -11.672 1.00 38.73 ? 441 ILE A CD1 1 
ATOM   195  N N   . VAL A 1 28  ? 2.465   6.648   -10.389 1.00 23.68 ? 442 VAL A N   1 
ATOM   196  C CA  . VAL A 1 28  ? 2.476   5.329   -9.758  1.00 22.90 ? 442 VAL A CA  1 
ATOM   197  C C   . VAL A 1 28  ? 3.834   5.128   -9.098  1.00 23.94 ? 442 VAL A C   1 
ATOM   198  O O   . VAL A 1 28  ? 4.870   5.356   -9.719  1.00 26.64 ? 442 VAL A O   1 
ATOM   199  C CB  . VAL A 1 28  ? 2.245   4.213   -10.817 1.00 23.77 ? 442 VAL A CB  1 
ATOM   200  C CG1 . VAL A 1 28  ? 2.249   2.847   -10.192 1.00 23.03 ? 442 VAL A CG1 1 
ATOM   201  C CG2 . VAL A 1 28  ? 0.910   4.390   -11.489 1.00 22.53 ? 442 VAL A CG2 1 
ATOM   202  N N   . LEU A 1 29  ? 3.812   4.702   -7.822  1.00 23.29 ? 443 LEU A N   1 
ATOM   203  C CA  . LEU A 1 29  ? 5.024   4.571   -7.019  1.00 25.33 ? 443 LEU A CA  1 
ATOM   204  C C   . LEU A 1 29  ? 5.076   3.106   -6.567  1.00 24.45 ? 443 LEU A C   1 
ATOM   205  O O   . LEU A 1 29  ? 4.464   2.753   -5.564  1.00 25.10 ? 443 LEU A O   1 
ATOM   206  C CB  . LEU A 1 29  ? 4.948   5.501   -5.796  1.00 26.16 ? 443 LEU A CB  1 
ATOM   207  C CG  . LEU A 1 29  ? 6.218   5.496   -4.931  1.00 30.24 ? 443 LEU A CG  1 
ATOM   208  C CD1 . LEU A 1 29  ? 7.451   5.798   -5.779  1.00 32.18 ? 443 LEU A CD1 1 
ATOM   209  C CD2 . LEU A 1 29  ? 6.053   6.503   -3.826  1.00 34.83 ? 443 LEU A CD2 1 
ATOM   210  N N   . PRO A 1 30  ? 5.681   2.221   -7.363  1.00 24.46 ? 444 PRO A N   1 
ATOM   211  C CA  . PRO A 1 30  ? 5.719   0.814   -6.919  1.00 23.97 ? 444 PRO A CA  1 
ATOM   212  C C   . PRO A 1 30  ? 6.657   0.621   -5.732  1.00 21.91 ? 444 PRO A C   1 
ATOM   213  O O   . PRO A 1 30  ? 7.777   1.215   -5.699  1.00 23.11 ? 444 PRO A O   1 
ATOM   214  C CB  . PRO A 1 30  ? 6.222   0.032   -8.141  1.00 26.54 ? 444 PRO A CB  1 
ATOM   215  C CG  . PRO A 1 30  ? 6.203   1.016   -9.278  1.00 26.90 ? 444 PRO A CG  1 
ATOM   216  C CD  . PRO A 1 30  ? 6.305   2.385   -8.702  1.00 25.29 ? 444 PRO A CD  1 
ATOM   217  N N   . ILE A 1 31  ? 6.167   -0.149  -4.797  1.00 19.91 ? 445 ILE A N   1 
ATOM   218  C CA  . ILE A 1 31  ? 6.930   -0.461  -3.576  1.00 20.11 ? 445 ILE A CA  1 
ATOM   219  C C   . ILE A 1 31  ? 7.299   -1.931  -3.658  1.00 20.45 ? 445 ILE A C   1 
ATOM   220  O O   . ILE A 1 31  ? 6.458   -2.755  -4.064  1.00 22.23 ? 445 ILE A O   1 
ATOM   221  C CB  . ILE A 1 31  ? 6.030   -0.306  -2.298  1.00 21.38 ? 445 ILE A CB  1 
ATOM   222  C CG1 . ILE A 1 31  ? 5.390   1.079   -2.203  1.00 26.85 ? 445 ILE A CG1 1 
ATOM   223  C CG2 . ILE A 1 31  ? 6.890   -0.595  -1.050  1.00 23.81 ? 445 ILE A CG2 1 
ATOM   224  C CD1 . ILE A 1 31  ? 6.432   2.106   -2.114  1.00 28.32 ? 445 ILE A CD1 1 
ATOM   225  N N   . ILE A 1 32  ? 8.533   -2.342  -3.256  1.00 17.84 ? 446 ILE A N   1 
ATOM   226  C CA  . ILE A 1 32  ? 8.822   -3.754  -3.066  1.00 17.73 ? 446 ILE A CA  1 
ATOM   227  C C   . ILE A 1 32  ? 9.406   -3.900  -1.651  1.00 18.29 ? 446 ILE A C   1 
ATOM   228  O O   . ILE A 1 32  ? 10.172  -3.017  -1.186  1.00 19.17 ? 446 ILE A O   1 
ATOM   229  C CB  . ILE A 1 32  ? 9.836   -4.285  -4.077  1.00 18.29 ? 446 ILE A CB  1 
ATOM   230  C CG1 . ILE A 1 32  ? 9.380   -3.871  -5.507  1.00 20.83 ? 446 ILE A CG1 1 
ATOM   231  C CG2 . ILE A 1 32  ? 10.028  -5.828  -3.957  1.00 20.63 ? 446 ILE A CG2 1 
ATOM   232  C CD1 . ILE A 1 32  ? 10.416  -4.167  -6.593  1.00 22.19 ? 446 ILE A CD1 1 
ATOM   233  N N   . ALA A 1 33  ? 8.917   -4.911  -0.949  1.00 18.36 ? 447 ALA A N   1 
ATOM   234  C CA  . ALA A 1 33  ? 9.401   -5.219  0.398   1.00 19.01 ? 447 ALA A CA  1 
ATOM   235  C C   . ALA A 1 33  ? 9.969   -6.612  0.500   1.00 19.52 ? 447 ALA A C   1 
ATOM   236  O O   . ALA A 1 33  ? 9.460   -7.541  -0.158  1.00 19.36 ? 447 ALA A O   1 
ATOM   237  C CB  . ALA A 1 33  ? 8.228   -5.053  1.379   1.00 20.50 ? 447 ALA A CB  1 
ATOM   238  N N   . GLU A 1 34  ? 10.972  -6.760  1.386   1.00 19.35 ? 448 GLU A N   1 
ATOM   239  C CA  . GLU A 1 34  ? 11.514  -8.077  1.714   1.00 19.90 ? 448 GLU A CA  1 
ATOM   240  C C   . GLU A 1 34  ? 11.749  -8.059  3.215   1.00 20.73 ? 448 GLU A C   1 
ATOM   241  O O   . GLU A 1 34  ? 12.093  -7.035  3.776   1.00 22.02 ? 448 GLU A O   1 
ATOM   242  C CB  . GLU A 1 34  ? 12.828  -8.368  0.977   1.00 21.78 ? 448 GLU A CB  1 
ATOM   243  C CG  . GLU A 1 34  ? 13.363  -9.785  1.190   1.00 24.12 ? 448 GLU A CG  1 
ATOM   244  C CD  . GLU A 1 34  ? 12.305  -10.890 0.950   1.00 27.41 ? 448 GLU A CD  1 
ATOM   245  O OE1 . GLU A 1 34  ? 11.341  -11.093 1.714   1.00 28.56 ? 448 GLU A OE1 1 
ATOM   246  O OE2 . GLU A 1 34  ? 12.428  -11.550 -0.074  1.00 29.73 ? 448 GLU A OE2 1 
ATOM   247  N N   . VAL A 1 35  ? 11.513  -9.201  3.840   1.00 21.45 ? 449 VAL A N   1 
ATOM   248  C CA  . VAL A 1 35  ? 11.772  -9.357  5.253   1.00 24.12 ? 449 VAL A CA  1 
ATOM   249  C C   . VAL A 1 35  ? 12.752  -10.523 5.423   1.00 26.12 ? 449 VAL A C   1 
ATOM   250  O O   . VAL A 1 35  ? 12.692  -11.495 4.672   1.00 26.84 ? 449 VAL A O   1 
ATOM   251  C CB  . VAL A 1 35  ? 10.467  -9.588  5.999   1.00 26.12 ? 449 VAL A CB  1 
ATOM   252  C CG1 . VAL A 1 35  ? 9.509   -8.407  5.767   1.00 25.77 ? 449 VAL A CG1 1 
ATOM   253  C CG2 . VAL A 1 35  ? 9.863   -10.944 5.637   1.00 28.38 ? 449 VAL A CG2 1 
ATOM   254  N N   . THR A 1 36  ? 13.759  -10.308 6.266   1.00 25.63 ? 450 THR A N   1 
ATOM   255  C CA  . THR A 1 36  ? 14.747  -11.354 6.562   1.00 28.71 ? 450 THR A CA  1 
ATOM   256  C C   . THR A 1 36  ? 14.886  -11.504 8.081   1.00 30.12 ? 450 THR A C   1 
ATOM   257  O O   . THR A 1 36  ? 14.719  -10.554 8.814   1.00 28.11 ? 450 THR A O   1 
ATOM   258  C CB  . THR A 1 36  ? 16.162  -10.971 6.013   1.00 27.14 ? 450 THR A CB  1 
ATOM   259  O OG1 . THR A 1 36  ? 16.741  -9.925  6.798   1.00 29.99 ? 450 THR A OG1 1 
ATOM   260  C CG2 . THR A 1 36  ? 16.056  -10.417 4.596   1.00 29.12 ? 450 THR A CG2 1 
ATOM   261  N N   . PRO A 1 37  ? 15.271  -12.709 8.566   1.00 33.10 ? 451 PRO A N   1 
ATOM   262  C CA  . PRO A 1 37  ? 15.660  -12.745 9.977   1.00 35.20 ? 451 PRO A CA  1 
ATOM   263  C C   . PRO A 1 37  ? 16.749  -11.703 10.246  1.00 37.11 ? 451 PRO A C   1 
ATOM   264  O O   . PRO A 1 37  ? 17.543  -11.361 9.364   1.00 37.85 ? 451 PRO A O   1 
ATOM   265  C CB  . PRO A 1 37  ? 16.262  -14.142 10.151  1.00 34.59 ? 451 PRO A CB  1 
ATOM   266  C CG  . PRO A 1 37  ? 15.835  -14.943 8.996   1.00 34.54 ? 451 PRO A CG  1 
ATOM   267  C CD  . PRO A 1 37  ? 15.391  -14.004 7.894   1.00 34.62 ? 451 PRO A CD  1 
ATOM   268  N N   . SER A 1 38  ? 16.772  -11.177 11.459  1.00 39.17 ? 452 SER A N   1 
ATOM   269  C CA  . SER A 1 38  ? 17.763  -10.184 11.821  1.00 41.95 ? 452 SER A CA  1 
ATOM   270  C C   . SER A 1 38  ? 19.134  -10.773 12.177  1.00 43.76 ? 452 SER A C   1 
ATOM   271  O O   . SER A 1 38  ? 20.027  -10.038 12.597  1.00 44.38 ? 452 SER A O   1 
ATOM   272  C CB  . SER A 1 38  ? 17.234  -9.327  12.967  1.00 41.64 ? 452 SER A CB  1 
ATOM   273  O OG  . SER A 1 38  ? 16.727  -10.143 14.019  1.00 44.62 ? 452 SER A OG  1 
ATOM   274  N N   . MET A 1 39  ? 19.288  -12.086 11.996  1.00 45.66 ? 453 MET A N   1 
ATOM   275  C CA  . MET A 1 39  ? 20.586  -12.803 12.128  1.00 47.99 ? 453 MET A CA  1 
ATOM   276  C C   . MET A 1 39  ? 21.087  -12.826 13.575  1.00 48.48 ? 453 MET A C   1 
ATOM   277  O O   . MET A 1 39  ? 22.041  -12.122 13.924  1.00 49.62 ? 453 MET A O   1 
ATOM   278  C CB  . MET A 1 39  ? 21.683  -12.227 11.201  1.00 48.41 ? 453 MET A CB  1 
ATOM   279  C CG  . MET A 1 39  ? 21.251  -11.906 9.742   1.00 51.74 ? 453 MET A CG  1 
ATOM   280  S SD  . MET A 1 39  ? 21.164  -13.344 8.636   1.00 58.17 ? 453 MET A SD  1 
ATOM   281  C CE  . MET A 1 39  ? 22.725  -14.117 9.027   1.00 54.80 ? 453 MET A CE  1 
ATOM   282  N N   . GLU A 1 43  ? 17.451  -8.018  17.186  1.00 44.06 ? 457 GLU A N   1 
ATOM   283  C CA  . GLU A 1 43  ? 17.037  -6.637  17.013  1.00 43.68 ? 457 GLU A CA  1 
ATOM   284  C C   . GLU A 1 43  ? 17.003  -6.191  15.539  1.00 42.24 ? 457 GLU A C   1 
ATOM   285  O O   . GLU A 1 43  ? 17.960  -5.661  14.987  1.00 42.09 ? 457 GLU A O   1 
ATOM   286  C CB  . GLU A 1 43  ? 17.867  -5.711  17.888  1.00 44.49 ? 457 GLU A CB  1 
ATOM   287  C CG  . GLU A 1 43  ? 17.768  -6.099  19.385  1.00 48.02 ? 457 GLU A CG  1 
ATOM   288  C CD  . GLU A 1 43  ? 18.826  -5.435  20.253  1.00 50.98 ? 457 GLU A CD  1 
ATOM   289  O OE1 . GLU A 1 43  ? 20.035  -5.717  20.037  1.00 55.15 ? 457 GLU A OE1 1 
ATOM   290  O OE2 . GLU A 1 43  ? 18.444  -4.638  21.155  1.00 52.00 ? 457 GLU A OE2 1 
ATOM   291  N N   . GLY A 1 44  ? 15.862  -6.417  14.915  1.00 40.48 ? 458 GLY A N   1 
ATOM   292  C CA  . GLY A 1 44  ? 15.688  -6.104  13.515  1.00 38.21 ? 458 GLY A CA  1 
ATOM   293  C C   . GLY A 1 44  ? 15.715  -4.631  13.209  1.00 36.96 ? 458 GLY A C   1 
ATOM   294  O O   . GLY A 1 44  ? 15.484  -3.780  14.074  1.00 37.71 ? 458 GLY A O   1 
ATOM   295  N N   . ARG A 1 45  ? 15.985  -4.346  11.943  1.00 35.06 ? 459 ARG A N   1 
ATOM   296  C CA  . ARG A 1 45  ? 16.143  -3.008  11.417  1.00 33.21 ? 459 ARG A CA  1 
ATOM   297  C C   . ARG A 1 45  ? 15.139  -2.779  10.282  1.00 31.45 ? 459 ARG A C   1 
ATOM   298  O O   . ARG A 1 45  ? 14.732  -3.737  9.643   1.00 30.19 ? 459 ARG A O   1 
ATOM   299  C CB  . ARG A 1 45  ? 17.565  -2.886  10.900  1.00 34.83 ? 459 ARG A CB  1 
ATOM   300  C CG  . ARG A 1 45  ? 18.554  -2.628  12.056  1.00 37.63 ? 459 ARG A CG  1 
ATOM   301  C CD  . ARG A 1 45  ? 19.960  -3.189  11.862  1.00 45.91 ? 459 ARG A CD  1 
ATOM   302  N NE  . ARG A 1 45  ? 20.824  -2.717  12.956  1.00 49.99 ? 459 ARG A NE  1 
ATOM   303  C CZ  . ARG A 1 45  ? 22.133  -2.950  13.072  1.00 54.22 ? 459 ARG A CZ  1 
ATOM   304  N NH1 . ARG A 1 45  ? 22.796  -3.662  12.157  1.00 53.90 ? 459 ARG A NH1 1 
ATOM   305  N NH2 . ARG A 1 45  ? 22.788  -2.455  14.118  1.00 56.77 ? 459 ARG A NH2 1 
ATOM   306  N N   . VAL A 1 46  ? 14.733  -1.536  10.081  1.00 29.75 ? 460 VAL A N   1 
ATOM   307  C CA  . VAL A 1 46  ? 14.009  -1.126  8.880   1.00 28.36 ? 460 VAL A CA  1 
ATOM   308  C C   . VAL A 1 46  ? 15.094  -0.526  7.995   1.00 28.04 ? 460 VAL A C   1 
ATOM   309  O O   . VAL A 1 46  ? 15.791  0.403   8.387   1.00 27.07 ? 460 VAL A O   1 
ATOM   310  C CB  . VAL A 1 46  ? 12.914  -0.027  9.120   1.00 29.71 ? 460 VAL A CB  1 
ATOM   311  C CG1 . VAL A 1 46  ? 12.275  0.344   7.782   1.00 30.50 ? 460 VAL A CG1 1 
ATOM   312  C CG2 . VAL A 1 46  ? 11.823  -0.463  10.116  1.00 30.79 ? 460 VAL A CG2 1 
ATOM   313  N N   . ILE A 1 47  ? 15.237  -1.071  6.796   1.00 25.74 ? 461 ILE A N   1 
ATOM   314  C CA  . ILE A 1 47  ? 16.251  -0.604  5.883   1.00 27.22 ? 461 ILE A CA  1 
ATOM   315  C C   . ILE A 1 47  ? 15.609  0.036   4.657   1.00 27.99 ? 461 ILE A C   1 
ATOM   316  O O   . ILE A 1 47  ? 14.861  -0.599  3.952   1.00 28.45 ? 461 ILE A O   1 
ATOM   317  C CB  . ILE A 1 47  ? 17.175  -1.731  5.521   1.00 27.57 ? 461 ILE A CB  1 
ATOM   318  C CG1 . ILE A 1 47  ? 17.888  -2.205  6.802   1.00 29.05 ? 461 ILE A CG1 1 
ATOM   319  C CG2 . ILE A 1 47  ? 18.169  -1.233  4.520   1.00 25.35 ? 461 ILE A CG2 1 
ATOM   320  C CD1 . ILE A 1 47  ? 18.379  -3.608  6.764   1.00 35.80 ? 461 ILE A CD1 1 
ATOM   321  N N   . ALA A 1 48  ? 15.872  1.322   4.459   1.00 28.72 ? 462 ALA A N   1 
ATOM   322  C CA  . ALA A 1 48  ? 15.315  2.136   3.400   1.00 30.38 ? 462 ALA A CA  1 
ATOM   323  C C   . ALA A 1 48  ? 16.377  3.208   3.092   1.00 31.26 ? 462 ALA A C   1 
ATOM   324  O O   . ALA A 1 48  ? 17.078  3.675   3.987   1.00 33.33 ? 462 ALA A O   1 
ATOM   325  C CB  . ALA A 1 48  ? 13.991  2.785   3.864   1.00 30.29 ? 462 ALA A CB  1 
ATOM   326  N N   . THR A 1 49  ? 16.517  3.576   1.835   1.00 33.45 ? 463 THR A N   1 
ATOM   327  C CA  . THR A 1 49  ? 17.447  4.647   1.536   1.00 35.93 ? 463 THR A CA  1 
ATOM   328  C C   . THR A 1 49  ? 16.744  5.675   0.726   1.00 37.23 ? 463 THR A C   1 
ATOM   329  O O   . THR A 1 49  ? 15.661  5.420   0.203   1.00 36.69 ? 463 THR A O   1 
ATOM   330  C CB  . THR A 1 49  ? 18.696  4.161   0.784   1.00 36.71 ? 463 THR A CB  1 
ATOM   331  O OG1 . THR A 1 49  ? 19.076  2.866   1.264   1.00 41.42 ? 463 THR A OG1 1 
ATOM   332  C CG2 . THR A 1 49  ? 19.856  5.130   1.038   1.00 39.19 ? 463 THR A CG2 1 
ATOM   333  N N   . GLY A 1 50  ? 17.340  6.855   0.658   1.00 38.59 ? 464 GLY A N   1 
ATOM   334  C CA  . GLY A 1 50  ? 16.806  7.906   -0.186  1.00 40.13 ? 464 GLY A CA  1 
ATOM   335  C C   . GLY A 1 50  ? 15.750  8.787   0.433   1.00 41.53 ? 464 GLY A C   1 
ATOM   336  O O   . GLY A 1 50  ? 15.434  8.682   1.624   1.00 42.22 ? 464 GLY A O   1 
ATOM   337  N N   . ARG A 1 51  ? 15.173  9.625   -0.420  1.00 42.65 ? 465 ARG A N   1 
ATOM   338  C CA  . ARG A 1 51  ? 14.310  10.752  -0.036  1.00 43.52 ? 465 ARG A CA  1 
ATOM   339  C C   . ARG A 1 51  ? 13.079  10.350  0.777   1.00 43.07 ? 465 ARG A C   1 
ATOM   340  O O   . ARG A 1 51  ? 12.697  11.060  1.739   1.00 43.46 ? 465 ARG A O   1 
ATOM   341  C CB  . ARG A 1 51  ? 13.839  11.503  -1.288  1.00 44.65 ? 465 ARG A CB  1 
ATOM   342  C CG  . ARG A 1 51  ? 14.546  11.105  -2.586  1.00 47.62 ? 465 ARG A CG  1 
ATOM   343  C CD  . ARG A 1 51  ? 15.888  11.801  -2.754  1.00 54.48 ? 465 ARG A CD  1 
ATOM   344  N NE  . ARG A 1 51  ? 17.016  11.018  -2.233  1.00 58.74 ? 465 ARG A NE  1 
ATOM   345  C CZ  . ARG A 1 51  ? 17.702  10.109  -2.929  1.00 61.73 ? 465 ARG A CZ  1 
ATOM   346  N NH1 . ARG A 1 51  ? 17.378  9.832   -4.193  1.00 62.02 ? 465 ARG A NH1 1 
ATOM   347  N NH2 . ARG A 1 51  ? 18.724  9.470   -2.356  1.00 62.85 ? 465 ARG A NH2 1 
ATOM   348  N N   . LEU A 1 52  ? 12.471  9.218   0.390   1.00 41.35 ? 466 LEU A N   1 
ATOM   349  C CA  . LEU A 1 52  ? 11.267  8.736   1.032   1.00 39.93 ? 466 LEU A CA  1 
ATOM   350  C C   . LEU A 1 52  ? 11.537  7.778   2.221   1.00 39.27 ? 466 LEU A C   1 
ATOM   351  O O   . LEU A 1 52  ? 10.630  7.045   2.619   1.00 37.51 ? 466 LEU A O   1 
ATOM   352  C CB  . LEU A 1 52  ? 10.315  8.072   0.015   1.00 40.60 ? 466 LEU A CB  1 
ATOM   353  C CG  . LEU A 1 52  ? 9.631   8.900   -1.102  1.00 41.15 ? 466 LEU A CG  1 
ATOM   354  C CD1 . LEU A 1 52  ? 8.691   8.036   -1.928  1.00 41.95 ? 466 LEU A CD1 1 
ATOM   355  C CD2 . LEU A 1 52  ? 8.851   10.128  -0.559  1.00 41.23 ? 466 LEU A CD2 1 
ATOM   356  N N   . GLN A 1 53  ? 12.752  7.779   2.780   1.00 37.92 ? 467 GLN A N   1 
ATOM   357  C CA  . GLN A 1 53  ? 13.076  6.776   3.802   1.00 37.59 ? 467 GLN A CA  1 
ATOM   358  C C   . GLN A 1 53  ? 12.310  6.942   5.095   1.00 38.27 ? 467 GLN A C   1 
ATOM   359  O O   . GLN A 1 53  ? 12.087  5.969   5.809   1.00 37.92 ? 467 GLN A O   1 
ATOM   360  C CB  . GLN A 1 53  ? 14.569  6.705   4.096   1.00 37.52 ? 467 GLN A CB  1 
ATOM   361  C CG  . GLN A 1 53  ? 15.167  7.989   4.623   1.00 38.53 ? 467 GLN A CG  1 
ATOM   362  C CD  . GLN A 1 53  ? 16.659  7.874   4.687   1.00 41.92 ? 467 GLN A CD  1 
ATOM   363  O OE1 . GLN A 1 53  ? 17.200  7.302   5.630   1.00 43.90 ? 467 GLN A OE1 1 
ATOM   364  N NE2 . GLN A 1 53  ? 17.336  8.367   3.655   1.00 42.30 ? 467 GLN A NE2 1 
ATOM   365  N N   . GLU A 1 54  ? 11.931  8.175   5.410   1.00 38.83 ? 468 GLU A N   1 
ATOM   366  C CA  . GLU A 1 54  ? 11.193  8.451   6.647   1.00 39.71 ? 468 GLU A CA  1 
ATOM   367  C C   . GLU A 1 54  ? 9.753   7.998   6.519   1.00 38.01 ? 468 GLU A C   1 
ATOM   368  O O   . GLU A 1 54  ? 9.162   7.430   7.453   1.00 38.31 ? 468 GLU A O   1 
ATOM   369  C CB  . GLU A 1 54  ? 11.254  9.947   6.985   1.00 40.26 ? 468 GLU A CB  1 
ATOM   370  C CG  . GLU A 1 54  ? 12.648  10.563  7.001   1.00 44.08 ? 468 GLU A CG  1 
ATOM   371  C CD  . GLU A 1 54  ? 12.630  12.080  7.260   1.00 43.70 ? 468 GLU A CD  1 
ATOM   372  O OE1 . GLU A 1 54  ? 11.819  12.816  6.622   1.00 48.54 ? 468 GLU A OE1 1 
ATOM   373  O OE2 . GLU A 1 54  ? 13.447  12.533  8.099   1.00 48.20 ? 468 GLU A OE2 1 
ATOM   374  N N   . ILE A 1 55  ? 9.174   8.238   5.360   1.00 36.62 ? 469 ILE A N   1 
ATOM   375  C CA  . ILE A 1 55  ? 7.853   7.752   5.059   1.00 35.80 ? 469 ILE A CA  1 
ATOM   376  C C   . ILE A 1 55  ? 7.848   6.208   5.189   1.00 33.84 ? 469 ILE A C   1 
ATOM   377  O O   . ILE A 1 55  ? 6.915   5.622   5.729   1.00 34.12 ? 469 ILE A O   1 
ATOM   378  C CB  . ILE A 1 55  ? 7.414   8.244   3.652   1.00 37.14 ? 469 ILE A CB  1 
ATOM   379  C CG1 . ILE A 1 55  ? 6.991   9.721   3.725   1.00 37.25 ? 469 ILE A CG1 1 
ATOM   380  C CG2 . ILE A 1 55  ? 6.283   7.438   3.114   1.00 36.16 ? 469 ILE A CG2 1 
ATOM   381  C CD1 . ILE A 1 55  ? 6.079   10.061  4.919   1.00 37.50 ? 469 ILE A CD1 1 
ATOM   382  N N   . ALA A 1 56  ? 8.920   5.575   4.714   1.00 31.47 ? 470 ALA A N   1 
ATOM   383  C CA  . ALA A 1 56  ? 9.032   4.121   4.779   1.00 28.43 ? 470 ALA A CA  1 
ATOM   384  C C   . ALA A 1 56  ? 9.144   3.621   6.221   1.00 27.82 ? 470 ALA A C   1 
ATOM   385  O O   . ALA A 1 56  ? 8.399   2.699   6.646   1.00 26.49 ? 470 ALA A O   1 
ATOM   386  C CB  . ALA A 1 56  ? 10.223  3.636   3.928   1.00 29.38 ? 470 ALA A CB  1 
ATOM   387  N N   . ARG A 1 57  ? 10.043  4.244   6.997   1.00 29.14 ? 471 ARG A N   1 
ATOM   388  C CA  . ARG A 1 57  ? 10.207  3.867   8.405   1.00 30.14 ? 471 ARG A CA  1 
ATOM   389  C C   . ARG A 1 57  ? 8.910   4.004   9.210   1.00 29.18 ? 471 ARG A C   1 
ATOM   390  O O   . ARG A 1 57  ? 8.552   3.112   9.968   1.00 27.17 ? 471 ARG A O   1 
ATOM   391  C CB  . ARG A 1 57  ? 11.372  4.636   9.067   1.00 30.95 ? 471 ARG A CB  1 
ATOM   392  C CG  . ARG A 1 57  ? 12.718  4.300   8.470   1.00 34.27 ? 471 ARG A CG  1 
ATOM   393  C CD  . ARG A 1 57  ? 13.906  4.887   9.272   1.00 36.72 ? 471 ARG A CD  1 
ATOM   394  N NE  . ARG A 1 57  ? 15.204  4.614   8.642   1.00 47.67 ? 471 ARG A NE  1 
ATOM   395  C CZ  . ARG A 1 57  ? 16.375  4.765   9.265   1.00 51.61 ? 471 ARG A CZ  1 
ATOM   396  N NH1 . ARG A 1 57  ? 16.414  5.161   10.537  1.00 54.23 ? 471 ARG A NH1 1 
ATOM   397  N NH2 . ARG A 1 57  ? 17.517  4.505   8.630   1.00 54.16 ? 471 ARG A NH2 1 
ATOM   398  N N   . GLU A 1 58  ? 8.168   5.092   8.991   1.00 29.11 ? 472 GLU A N   1 
ATOM   399  C CA  . GLU A 1 58  ? 6.900   5.325   9.654   1.00 29.07 ? 472 GLU A CA  1 
ATOM   400  C C   . GLU A 1 58  ? 5.855   4.281   9.266   1.00 26.68 ? 472 GLU A C   1 
ATOM   401  O O   . GLU A 1 58  ? 5.128   3.700   10.118  1.00 25.71 ? 472 GLU A O   1 
ATOM   402  C CB  . GLU A 1 58  ? 6.507   6.801   9.430   1.00 31.15 ? 472 GLU A CB  1 
ATOM   403  C CG  . GLU A 1 58  ? 5.068   7.135   9.247   1.00 35.26 ? 472 GLU A CG  1 
ATOM   404  C CD  . GLU A 1 58  ? 4.910   8.617   8.887   1.00 33.45 ? 472 GLU A CD  1 
ATOM   405  O OE1 . GLU A 1 58  ? 5.239   8.997   7.737   1.00 37.68 ? 472 GLU A OE1 1 
ATOM   406  O OE2 . GLU A 1 58  ? 4.463   9.377   9.752   1.00 42.92 ? 472 GLU A OE2 1 
ATOM   407  N N   . ALA A 1 59  ? 5.798   3.936   7.971   1.00 24.91 ? 473 ALA A N   1 
ATOM   408  C CA  . ALA A 1 59  ? 4.813   2.976   7.547   1.00 22.75 ? 473 ALA A CA  1 
ATOM   409  C C   . ALA A 1 59  ? 5.136   1.603   8.146   1.00 21.38 ? 473 ALA A C   1 
ATOM   410  O O   . ALA A 1 59  ? 4.241   0.835   8.538   1.00 23.18 ? 473 ALA A O   1 
ATOM   411  C CB  . ALA A 1 59  ? 4.785   2.883   6.021   1.00 24.11 ? 473 ALA A CB  1 
ATOM   412  N N   . VAL A 1 60  ? 6.442   1.273   8.189   1.00 21.03 ? 474 VAL A N   1 
ATOM   413  C CA  . VAL A 1 60  ? 6.752   -0.050  8.712   1.00 20.62 ? 474 VAL A CA  1 
ATOM   414  C C   . VAL A 1 60  ? 6.486   -0.099  10.234  1.00 19.19 ? 474 VAL A C   1 
ATOM   415  O O   . VAL A 1 60  ? 5.998   -1.105  10.693  1.00 20.66 ? 474 VAL A O   1 
ATOM   416  C CB  . VAL A 1 60  ? 8.181   -0.468  8.410   1.00 20.74 ? 474 VAL A CB  1 
ATOM   417  C CG1 . VAL A 1 60  ? 8.523   -1.781  9.012   1.00 21.68 ? 474 VAL A CG1 1 
ATOM   418  C CG2 . VAL A 1 60  ? 8.344   -0.584  6.834   1.00 23.76 ? 474 VAL A CG2 1 
ATOM   419  N N   . MET A 1 61  ? 6.791   0.966   10.949  1.00 21.01 ? 475 MET A N   1 
ATOM   420  C CA  . MET A 1 61  ? 6.518   0.910   12.394  1.00 23.14 ? 475 MET A CA  1 
ATOM   421  C C   . MET A 1 61  ? 5.048   0.835   12.657  1.00 22.38 ? 475 MET A C   1 
ATOM   422  O O   . MET A 1 61  ? 4.604   0.078   13.535  1.00 21.41 ? 475 MET A O   1 
ATOM   423  C CB  . MET A 1 61  ? 7.161   2.088   13.097  1.00 25.17 ? 475 MET A CB  1 
ATOM   424  C CG  . MET A 1 61  ? 8.683   2.037   12.972  1.00 25.24 ? 475 MET A CG  1 
ATOM   425  S SD  A MET A 1 61  ? 9.625   0.435   13.111  0.65 35.65 ? 475 MET A SD  1 
ATOM   426  S SD  B MET A 1 61  ? 9.273   3.675   13.337  0.35 30.52 ? 475 MET A SD  1 
ATOM   427  C CE  A MET A 1 61  ? 9.076   -0.179  14.685  0.65 32.01 ? 475 MET A CE  1 
ATOM   428  C CE  B MET A 1 61  ? 10.865  3.556   12.518  0.35 27.46 ? 475 MET A CE  1 
ATOM   429  N N   . ASN A 1 62  ? 4.243   1.566   11.882  1.00 23.38 ? 476 ASN A N   1 
ATOM   430  C CA  . ASN A 1 62  ? 2.790   1.478   12.149  1.00 22.44 ? 476 ASN A CA  1 
ATOM   431  C C   . ASN A 1 62  ? 2.214   0.125   11.820  1.00 21.80 ? 476 ASN A C   1 
ATOM   432  O O   . ASN A 1 62  ? 1.358   -0.435  12.532  1.00 22.49 ? 476 ASN A O   1 
ATOM   433  C CB  . ASN A 1 62  ? 2.023   2.546   11.352  1.00 22.20 ? 476 ASN A CB  1 
ATOM   434  C CG  . ASN A 1 62  ? 2.272   3.932   11.843  1.00 25.92 ? 476 ASN A CG  1 
ATOM   435  O OD1 . ASN A 1 62  ? 3.100   4.191   12.737  1.00 25.64 ? 476 ASN A OD1 1 
ATOM   436  N ND2 . ASN A 1 62  ? 1.587   4.860   11.203  1.00 29.25 ? 476 ASN A ND2 1 
ATOM   437  N N   . VAL A 1 63  ? 2.637   -0.449  10.683  1.00 19.86 ? 477 VAL A N   1 
ATOM   438  C CA  . VAL A 1 63  ? 2.085   -1.758  10.375  1.00 22.52 ? 477 VAL A CA  1 
ATOM   439  C C   . VAL A 1 63  ? 2.645   -2.781  11.351  1.00 20.50 ? 477 VAL A C   1 
ATOM   440  O O   . VAL A 1 63  ? 1.953   -3.773  11.626  1.00 23.25 ? 477 VAL A O   1 
ATOM   441  C CB  . VAL A 1 63  ? 2.277   -2.153  8.917   1.00 21.48 ? 477 VAL A CB  1 
ATOM   442  C CG1 . VAL A 1 63  ? 3.755   -2.569  8.636   1.00 23.17 ? 477 VAL A CG1 1 
ATOM   443  C CG2 . VAL A 1 63  ? 1.268   -3.252  8.504   1.00 23.03 ? 477 VAL A CG2 1 
ATOM   444  N N   . SER A 1 64  ? 3.804   -2.518  11.961  1.00 22.20 ? 478 SER A N   1 
ATOM   445  C CA  . SER A 1 64  ? 4.337   -3.487  12.915  1.00 21.59 ? 478 SER A CA  1 
ATOM   446  C C   . SER A 1 64  ? 3.399   -3.600  14.119  1.00 21.10 ? 478 SER A C   1 
ATOM   447  O O   . SER A 1 64  ? 3.191   -4.675  14.657  1.00 21.47 ? 478 SER A O   1 
ATOM   448  C CB  . SER A 1 64  ? 5.745   -3.069  13.323  1.00 23.80 ? 478 SER A CB  1 
ATOM   449  O OG  . SER A 1 64  ? 6.681   -3.244  12.238  1.00 29.92 ? 478 SER A OG  1 
ATOM   450  N N   . ALA A 1 65  ? 2.798   -2.475  14.516  1.00 20.69 ? 479 ALA A N   1 
ATOM   451  C CA  . ALA A 1 65  ? 1.890   -2.584  15.630  1.00 21.12 ? 479 ALA A CA  1 
ATOM   452  C C   . ALA A 1 65  ? 0.764   -3.577  15.345  1.00 20.86 ? 479 ALA A C   1 
ATOM   453  O O   . ALA A 1 65  ? 0.374   -4.364  16.210  1.00 21.63 ? 479 ALA A O   1 
ATOM   454  C CB  . ALA A 1 65  ? 1.318   -1.205  15.917  1.00 23.16 ? 479 ALA A CB  1 
ATOM   455  N N   . ILE A 1 66  ? 0.205   -3.460  14.147  1.00 22.44 ? 480 ILE A N   1 
ATOM   456  C CA  . ILE A 1 66  ? -0.926  -4.282  13.740  1.00 21.89 ? 480 ILE A CA  1 
ATOM   457  C C   . ILE A 1 66  ? -0.486  -5.739  13.540  1.00 21.53 ? 480 ILE A C   1 
ATOM   458  O O   . ILE A 1 66  ? -1.230  -6.674  13.928  1.00 23.79 ? 480 ILE A O   1 
ATOM   459  C CB  . ILE A 1 66  ? -1.529  -3.728  12.413  1.00 21.43 ? 480 ILE A CB  1 
ATOM   460  C CG1 . ILE A 1 66  ? -2.167  -2.333  12.631  1.00 26.19 ? 480 ILE A CG1 1 
ATOM   461  C CG2 . ILE A 1 66  ? -2.630  -4.659  11.933  1.00 28.02 ? 480 ILE A CG2 1 
ATOM   462  C CD1 . ILE A 1 66  ? -2.120  -1.451  11.377  1.00 31.29 ? 480 ILE A CD1 1 
ATOM   463  N N   . ILE A 1 67  ? 0.712   -5.930  13.005  1.00 21.24 ? 481 ILE A N   1 
ATOM   464  C CA  . ILE A 1 67  ? 1.236   -7.281  12.775  1.00 23.12 ? 481 ILE A CA  1 
ATOM   465  C C   . ILE A 1 67  ? 1.436   -7.951  14.154  1.00 23.32 ? 481 ILE A C   1 
ATOM   466  O O   . ILE A 1 67  ? 1.031   -9.144  14.316  1.00 24.71 ? 481 ILE A O   1 
ATOM   467  C CB  . ILE A 1 67  ? 2.487   -7.225  11.936  1.00 22.89 ? 481 ILE A CB  1 
ATOM   468  C CG1 . ILE A 1 67  ? 2.146   -6.803  10.508  1.00 23.73 ? 481 ILE A CG1 1 
ATOM   469  C CG2 . ILE A 1 67  ? 3.257   -8.608  11.980  1.00 24.55 ? 481 ILE A CG2 1 
ATOM   470  C CD1 . ILE A 1 67  ? 3.387   -6.431  9.701   1.00 25.86 ? 481 ILE A CD1 1 
ATOM   471  N N   . LYS A 1 68  ? 1.984   -7.224  15.137  1.00 23.16 ? 482 LYS A N   1 
ATOM   472  C CA  . LYS A 1 68  ? 2.181   -7.815  16.473  1.00 24.37 ? 482 LYS A CA  1 
ATOM   473  C C   . LYS A 1 68  ? 0.865   -8.093  17.187  1.00 26.09 ? 482 LYS A C   1 
ATOM   474  O O   . LYS A 1 68  ? 0.658   -9.182  17.746  1.00 28.52 ? 482 LYS A O   1 
ATOM   475  C CB  . LYS A 1 68  ? 3.061   -6.917  17.359  1.00 22.96 ? 482 LYS A CB  1 
ATOM   476  C CG  . LYS A 1 68  ? 4.509   -6.845  16.941  1.00 25.87 ? 482 LYS A CG  1 
ATOM   477  C CD  . LYS A 1 68  ? 5.364   -5.934  17.805  1.00 27.58 ? 482 LYS A CD  1 
ATOM   478  C CE  . LYS A 1 68  ? 4.919   -4.500  17.614  1.00 29.66 ? 482 LYS A CE  1 
ATOM   479  N NZ  . LYS A 1 68  ? 5.943   -3.562  18.151  1.00 27.42 ? 482 LYS A NZ  1 
ATOM   480  N N   . LYS A 1 69  ? -0.049  -7.121  17.159  1.00 24.84 ? 483 LYS A N   1 
ATOM   481  C CA  . LYS A 1 69  ? -1.297  -7.224  17.886  1.00 27.32 ? 483 LYS A CA  1 
ATOM   482  C C   . LYS A 1 69  ? -2.161  -8.363  17.359  1.00 27.32 ? 483 LYS A C   1 
ATOM   483  O O   . LYS A 1 69  ? -2.730  -9.134  18.150  1.00 30.11 ? 483 LYS A O   1 
ATOM   484  C CB  . LYS A 1 69  ? -2.086  -5.905  17.797  1.00 27.45 ? 483 LYS A CB  1 
ATOM   485  C CG  . LYS A 1 69  ? -3.187  -5.735  18.904  1.00 30.95 ? 483 LYS A CG  1 
ATOM   486  C CD  . LYS A 1 69  ? -3.524  -4.260  19.189  1.00 31.17 ? 483 LYS A CD  1 
ATOM   487  C CE  . LYS A 1 69  ? -4.415  -3.973  20.518  1.00 32.77 ? 483 LYS A CE  1 
ATOM   488  N NZ  . LYS A 1 69  ? -3.842  -3.418  21.904  1.00 33.23 ? 483 LYS A NZ  1 
ATOM   489  N N   . TYR A 1 70  ? -2.257  -8.506  16.051  1.00 28.03 ? 484 TYR A N   1 
ATOM   490  C CA  . TYR A 1 70  ? -3.310  -9.381  15.482  1.00 29.16 ? 484 TYR A CA  1 
ATOM   491  C C   . TYR A 1 70  ? -2.810  -10.727 14.940  1.00 30.31 ? 484 TYR A C   1 
ATOM   492  O O   . TYR A 1 70  ? -3.551  -11.724 14.918  1.00 29.13 ? 484 TYR A O   1 
ATOM   493  C CB  . TYR A 1 70  ? -4.111  -8.609  14.400  1.00 30.43 ? 484 TYR A CB  1 
ATOM   494  C CG  . TYR A 1 70  ? -4.914  -7.499  15.016  1.00 31.90 ? 484 TYR A CG  1 
ATOM   495  C CD1 . TYR A 1 70  ? -6.078  -7.783  15.736  1.00 33.69 ? 484 TYR A CD1 1 
ATOM   496  C CD2 . TYR A 1 70  ? -4.528  -6.168  14.881  1.00 34.11 ? 484 TYR A CD2 1 
ATOM   497  C CE1 . TYR A 1 70  ? -6.841  -6.762  16.328  1.00 34.43 ? 484 TYR A CE1 1 
ATOM   498  C CE2 . TYR A 1 70  ? -5.263  -5.142  15.480  1.00 35.58 ? 484 TYR A CE2 1 
ATOM   499  C CZ  . TYR A 1 70  ? -6.422  -5.452  16.176  1.00 34.19 ? 484 TYR A CZ  1 
ATOM   500  O OH  . TYR A 1 70  ? -7.160  -4.443  16.774  1.00 37.28 ? 484 TYR A OH  1 
ATOM   501  N N   . THR A 1 71  ? -1.555  -10.767 14.508  1.00 31.45 ? 485 THR A N   1 
ATOM   502  C CA  . THR A 1 71  ? -1.044  -11.998 13.883  1.00 34.42 ? 485 THR A CA  1 
ATOM   503  C C   . THR A 1 71  ? 0.056   -12.639 14.756  1.00 35.02 ? 485 THR A C   1 
ATOM   504  O O   . THR A 1 71  ? 0.461   -13.798 14.556  1.00 36.95 ? 485 THR A O   1 
ATOM   505  C CB  . THR A 1 71  ? -0.539  -11.747 12.420  1.00 34.41 ? 485 THR A CB  1 
ATOM   506  O OG1 . THR A 1 71  ? 0.708   -11.047 12.435  1.00 33.96 ? 485 THR A OG1 1 
ATOM   507  C CG2 . THR A 1 71  ? -1.546  -10.970 11.579  1.00 36.27 ? 485 THR A CG2 1 
ATOM   508  N N   . GLY A 1 72  ? 0.570   -11.872 15.699  1.00 35.46 ? 486 GLY A N   1 
ATOM   509  C CA  . GLY A 1 72  ? 1.607   -12.349 16.590  1.00 36.09 ? 486 GLY A CA  1 
ATOM   510  C C   . GLY A 1 72  ? 2.983   -12.570 15.989  1.00 37.27 ? 486 GLY A C   1 
ATOM   511  O O   . GLY A 1 72  ? 3.855   -13.127 16.688  1.00 37.77 ? 486 GLY A O   1 
ATOM   512  N N   . ARG A 1 73  ? 3.199   -12.163 14.729  1.00 36.56 ? 487 ARG A N   1 
ATOM   513  C CA  . ARG A 1 73  ? 4.556   -12.230 14.098  1.00 37.53 ? 487 ARG A CA  1 
ATOM   514  C C   . ARG A 1 73  ? 5.590   -11.341 14.785  1.00 37.74 ? 487 ARG A C   1 
ATOM   515  O O   . ARG A 1 73  ? 5.314   -10.173 15.117  1.00 38.13 ? 487 ARG A O   1 
ATOM   516  C CB  . ARG A 1 73  ? 4.525   -11.929 12.588  1.00 36.32 ? 487 ARG A CB  1 
ATOM   517  C CG  . ARG A 1 73  ? 3.559   -12.789 11.776  1.00 39.29 ? 487 ARG A CG  1 
ATOM   518  C CD  . ARG A 1 73  ? 4.265   -13.850 10.971  1.00 41.50 ? 487 ARG A CD  1 
ATOM   519  N NE  . ARG A 1 73  ? 3.306   -14.560 10.146  1.00 43.82 ? 487 ARG A NE  1 
ATOM   520  C CZ  . ARG A 1 73  ? 3.562   -15.674 9.466   1.00 45.88 ? 487 ARG A CZ  1 
ATOM   521  N NH1 . ARG A 1 73  ? 4.765   -16.236 9.510   1.00 45.55 ? 487 ARG A NH1 1 
ATOM   522  N NH2 . ARG A 1 73  ? 2.606   -16.236 8.741   1.00 47.48 ? 487 ARG A NH2 1 
ATOM   523  N N   . ASP A 1 74  ? 6.790   -11.899 14.988  1.00 38.48 ? 488 ASP A N   1 
ATOM   524  C CA  . ASP A 1 74  ? 7.861   -11.205 15.705  1.00 37.83 ? 488 ASP A CA  1 
ATOM   525  C C   . ASP A 1 74  ? 8.668   -10.259 14.820  1.00 37.41 ? 488 ASP A C   1 
ATOM   526  O O   . ASP A 1 74  ? 9.843   -10.510 14.500  1.00 37.11 ? 488 ASP A O   1 
ATOM   527  C CB  . ASP A 1 74  ? 8.818   -12.173 16.425  1.00 38.77 ? 488 ASP A CB  1 
ATOM   528  C CG  . ASP A 1 74  ? 9.711   -11.439 17.400  1.00 40.55 ? 488 ASP A CG  1 
ATOM   529  O OD1 . ASP A 1 74  ? 9.296   -10.355 17.896  1.00 39.95 ? 488 ASP A OD1 1 
ATOM   530  O OD2 . ASP A 1 74  ? 10.835  -11.911 17.650  1.00 44.32 ? 488 ASP A OD2 1 
ATOM   531  N N   . ILE A 1 75  ? 8.043   -9.157  14.444  1.00 36.26 ? 489 ILE A N   1 
ATOM   532  C CA  . ILE A 1 75  ? 8.626   -8.275  13.431  1.00 35.84 ? 489 ILE A CA  1 
ATOM   533  C C   . ILE A 1 75  ? 9.803   -7.443  13.968  1.00 35.97 ? 489 ILE A C   1 
ATOM   534  O O   . ILE A 1 75  ? 10.670  -7.021  13.210  1.00 34.45 ? 489 ILE A O   1 
ATOM   535  C CB  . ILE A 1 75  ? 7.523   -7.432  12.765  1.00 35.66 ? 489 ILE A CB  1 
ATOM   536  C CG1 . ILE A 1 75  ? 8.053   -6.747  11.504  1.00 33.65 ? 489 ILE A CG1 1 
ATOM   537  C CG2 . ILE A 1 75  ? 6.992   -6.435  13.743  1.00 34.05 ? 489 ILE A CG2 1 
ATOM   538  C CD1 . ILE A 1 75  ? 6.919   -6.295  10.593  1.00 33.92 ? 489 ILE A CD1 1 
ATOM   539  N N   . SER A 1 76  ? 9.878   -7.275  15.293  1.00 36.14 ? 490 SER A N   1 
ATOM   540  C CA  . SER A 1 76  ? 11.017  -6.598  15.889  1.00 37.37 ? 490 SER A CA  1 
ATOM   541  C C   . SER A 1 76  ? 12.294  -7.401  15.705  1.00 37.06 ? 490 SER A C   1 
ATOM   542  O O   . SER A 1 76  ? 13.388  -6.849  15.790  1.00 39.80 ? 490 SER A O   1 
ATOM   543  C CB  . SER A 1 76  ? 10.783  -6.310  17.377  1.00 37.37 ? 490 SER A CB  1 
ATOM   544  O OG  . SER A 1 76  ? 9.615   -5.520  17.534  1.00 38.81 ? 490 SER A OG  1 
ATOM   545  N N   . ASN A 1 77  ? 12.147  -8.698  15.442  1.00 37.05 ? 491 ASN A N   1 
ATOM   546  C CA  . ASN A 1 77  ? 13.284  -9.592  15.165  1.00 36.98 ? 491 ASN A CA  1 
ATOM   547  C C   . ASN A 1 77  ? 13.383  -9.997  13.668  1.00 36.00 ? 491 ASN A C   1 
ATOM   548  O O   . ASN A 1 77  ? 13.647  -11.139 13.291  1.00 37.39 ? 491 ASN A O   1 
ATOM   549  C CB  . ASN A 1 77  ? 13.242  -10.806 16.094  1.00 39.13 ? 491 ASN A CB  1 
ATOM   550  C CG  . ASN A 1 77  ? 13.517  -10.428 17.540  1.00 41.04 ? 491 ASN A CG  1 
ATOM   551  O OD1 . ASN A 1 77  ? 14.621  -9.988  17.885  1.00 45.17 ? 491 ASN A OD1 1 
ATOM   552  N ND2 . ASN A 1 77  ? 12.505  -10.561 18.389  1.00 45.65 ? 491 ASN A ND2 1 
ATOM   553  N N   . MET A 1 78  ? 13.109  -9.023  12.823  1.00 32.08 ? 492 MET A N   1 
ATOM   554  C CA  . MET A 1 78  ? 13.200  -9.222  11.382  1.00 30.77 ? 492 MET A CA  1 
ATOM   555  C C   . MET A 1 78  ? 13.815  -7.974  10.858  1.00 28.14 ? 492 MET A C   1 
ATOM   556  O O   . MET A 1 78  ? 13.633  -6.892  11.463  1.00 28.56 ? 492 MET A O   1 
ATOM   557  C CB  . MET A 1 78  ? 11.809  -9.369  10.763  1.00 30.95 ? 492 MET A CB  1 
ATOM   558  C CG  . MET A 1 78  ? 11.004  -10.578 11.243  1.00 30.41 ? 492 MET A CG  1 
ATOM   559  S SD  . MET A 1 78  ? 9.494   -10.610 10.261  1.00 39.77 ? 492 MET A SD  1 
ATOM   560  C CE  . MET A 1 78  ? 8.621   -12.002 10.979  1.00 36.08 ? 492 MET A CE  1 
ATOM   561  N N   . ASP A 1 79  ? 14.569  -8.091  9.755   1.00 25.49 ? 493 ASP A N   1 
ATOM   562  C CA  . ASP A 1 79  ? 15.001  -6.890  9.030   1.00 24.11 ? 493 ASP A CA  1 
ATOM   563  C C   . ASP A 1 79  ? 13.927  -6.708  7.934   1.00 21.70 ? 493 ASP A C   1 
ATOM   564  O O   . ASP A 1 79  ? 13.581  -7.661  7.273   1.00 23.18 ? 493 ASP A O   1 
ATOM   565  C CB  . ASP A 1 79  ? 16.355  -7.072  8.368   1.00 25.11 ? 493 ASP A CB  1 
ATOM   566  C CG  . ASP A 1 79  ? 17.507  -6.965  9.379   1.00 26.86 ? 493 ASP A CG  1 
ATOM   567  O OD1 . ASP A 1 79  ? 17.270  -6.542  10.544  1.00 30.88 ? 493 ASP A OD1 1 
ATOM   568  O OD2 . ASP A 1 79  ? 18.633  -7.246  8.975   1.00 29.74 ? 493 ASP A OD2 1 
ATOM   569  N N   . VAL A 1 80  ? 13.449  -5.485  7.788   1.00 21.30 ? 494 VAL A N   1 
ATOM   570  C CA  . VAL A 1 80  ? 12.439  -5.145  6.766   1.00 19.69 ? 494 VAL A CA  1 
ATOM   571  C C   . VAL A 1 80  ? 13.055  -4.187  5.788   1.00 19.04 ? 494 VAL A C   1 
ATOM   572  O O   . VAL A 1 80  ? 13.428  -3.079  6.149   1.00 20.18 ? 494 VAL A O   1 
ATOM   573  C CB  . VAL A 1 80  ? 11.206  -4.457  7.412   1.00 20.12 ? 494 VAL A CB  1 
ATOM   574  C CG1 . VAL A 1 80  ? 10.088  -4.102  6.373   1.00 19.79 ? 494 VAL A CG1 1 
ATOM   575  C CG2 . VAL A 1 80  ? 10.609  -5.389  8.495   1.00 22.63 ? 494 VAL A CG2 1 
ATOM   576  N N   . HIS A 1 81  ? 13.157  -4.627  4.543   1.00 18.84 ? 495 HIS A N   1 
ATOM   577  C CA  . HIS A 1 81  ? 13.720  -3.800  3.485   1.00 19.70 ? 495 HIS A CA  1 
ATOM   578  C C   . HIS A 1 81  ? 12.638  -3.192  2.620   1.00 18.95 ? 495 HIS A C   1 
ATOM   579  O O   . HIS A 1 81  ? 11.815  -3.960  2.123   1.00 19.66 ? 495 HIS A O   1 
ATOM   580  C CB  . HIS A 1 81  ? 14.624  -4.623  2.548   1.00 20.77 ? 495 HIS A CB  1 
ATOM   581  C CG  . HIS A 1 81  ? 15.876  -5.122  3.187   1.00 21.06 ? 495 HIS A CG  1 
ATOM   582  N ND1 . HIS A 1 81  ? 17.126  -4.624  2.886   1.00 24.65 ? 495 HIS A ND1 1 
ATOM   583  C CD2 . HIS A 1 81  ? 16.053  -6.073  4.122   1.00 20.72 ? 495 HIS A CD2 1 
ATOM   584  C CE1 . HIS A 1 81  ? 18.032  -5.263  3.617   1.00 25.86 ? 495 HIS A CE1 1 
ATOM   585  N NE2 . HIS A 1 81  ? 17.410  -6.160  4.362   1.00 23.58 ? 495 HIS A NE2 1 
ATOM   586  N N   . ILE A 1 82  ? 12.650  -1.884  2.431   1.00 19.31 ? 496 ILE A N   1 
ATOM   587  C CA  . ILE A 1 82  ? 11.642  -1.181  1.609   1.00 18.94 ? 496 ILE A CA  1 
ATOM   588  C C   . ILE A 1 82  ? 12.336  -0.536  0.455   1.00 20.25 ? 496 ILE A C   1 
ATOM   589  O O   . ILE A 1 82  ? 13.259  0.297   0.641   1.00 20.77 ? 496 ILE A O   1 
ATOM   590  C CB  . ILE A 1 82  ? 10.890  -0.086  2.419   1.00 20.05 ? 496 ILE A CB  1 
ATOM   591  C CG1 . ILE A 1 82  ? 10.218  -0.707  3.653   1.00 20.83 ? 496 ILE A CG1 1 
ATOM   592  C CG2 . ILE A 1 82  ? 9.861   0.600   1.529   1.00 21.05 ? 496 ILE A CG2 1 
ATOM   593  C CD1 . ILE A 1 82  ? 9.181   -1.875  3.359   1.00 21.37 ? 496 ILE A CD1 1 
ATOM   594  N N   . GLN A 1 83  ? 11.886  -0.897  -0.739  1.00 18.82 ? 497 GLN A N   1 
ATOM   595  C CA  . GLN A 1 83  ? 12.414  -0.303  -1.959  1.00 20.34 ? 497 GLN A CA  1 
ATOM   596  C C   . GLN A 1 83  ? 11.328  0.449   -2.699  1.00 21.36 ? 497 GLN A C   1 
ATOM   597  O O   . GLN A 1 83  ? 10.235  -0.049  -2.802  1.00 21.13 ? 497 GLN A O   1 
ATOM   598  C CB  . GLN A 1 83  ? 12.885  -1.409  -2.872  1.00 20.18 ? 497 GLN A CB  1 
ATOM   599  C CG  . GLN A 1 83  ? 13.333  -1.003  -4.264  1.00 23.96 ? 497 GLN A CG  1 
ATOM   600  C CD  . GLN A 1 83  ? 13.941  -2.155  -5.016  1.00 20.06 ? 497 GLN A CD  1 
ATOM   601  O OE1 . GLN A 1 83  ? 13.734  -3.327  -4.700  1.00 21.05 ? 497 GLN A OE1 1 
ATOM   602  N NE2 . GLN A 1 83  ? 14.796  -1.799  -6.031  1.00 26.22 ? 497 GLN A NE2 1 
ATOM   603  N N   . PHE A 1 84  ? 11.643  1.658   -3.174  1.00 23.24 ? 498 PHE A N   1 
ATOM   604  C CA  . PHE A 1 84  ? 10.729  2.398   -4.033  1.00 25.17 ? 498 PHE A CA  1 
ATOM   605  C C   . PHE A 1 84  ? 11.299  2.276   -5.406  1.00 27.53 ? 498 PHE A C   1 
ATOM   606  O O   . PHE A 1 84  ? 12.488  2.546   -5.617  1.00 27.81 ? 498 PHE A O   1 
ATOM   607  C CB  . PHE A 1 84  ? 10.688  3.893   -3.629  1.00 24.63 ? 498 PHE A CB  1 
ATOM   608  C CG  . PHE A 1 84  ? 10.202  4.138   -2.214  1.00 25.66 ? 498 PHE A CG  1 
ATOM   609  C CD1 . PHE A 1 84  ? 8.864   4.322   -1.920  1.00 29.02 ? 498 PHE A CD1 1 
ATOM   610  C CD2 . PHE A 1 84  ? 11.087  4.098   -1.171  1.00 24.80 ? 498 PHE A CD2 1 
ATOM   611  C CE1 . PHE A 1 84  ? 8.441   4.513   -0.619  1.00 29.59 ? 498 PHE A CE1 1 
ATOM   612  C CE2 . PHE A 1 84  ? 10.670  4.292   0.141   1.00 26.49 ? 498 PHE A CE2 1 
ATOM   613  C CZ  . PHE A 1 84  ? 9.341   4.530   0.400   1.00 27.27 ? 498 PHE A CZ  1 
ATOM   614  N N   . VAL A 1 85  ? 10.472  1.847   -6.353  1.00 30.76 ? 499 VAL A N   1 
ATOM   615  C CA  . VAL A 1 85  ? 10.938  1.679   -7.711  1.00 34.77 ? 499 VAL A CA  1 
ATOM   616  C C   . VAL A 1 85  ? 10.760  2.980   -8.502  1.00 37.79 ? 499 VAL A C   1 
ATOM   617  O O   . VAL A 1 85  ? 9.669   3.556   -8.527  1.00 37.59 ? 499 VAL A O   1 
ATOM   618  C CB  . VAL A 1 85  ? 10.251  0.492   -8.413  1.00 35.05 ? 499 VAL A CB  1 
ATOM   619  C CG1 . VAL A 1 85  ? 11.038  0.094   -9.599  1.00 36.36 ? 499 VAL A CG1 1 
ATOM   620  C CG2 . VAL A 1 85  ? 10.142  -0.693  -7.495  1.00 34.40 ? 499 VAL A CG2 1 
ATOM   621  N N   . GLY A 1 86  ? 11.871  3.443   -9.087  1.00 40.79 ? 500 GLY A N   1 
ATOM   622  C CA  . GLY A 1 86  ? 11.927  4.747   -9.739  1.00 45.61 ? 500 GLY A CA  1 
ATOM   623  C C   . GLY A 1 86  ? 12.172  5.841   -8.720  1.00 48.73 ? 500 GLY A C   1 
ATOM   624  O O   . GLY A 1 86  ? 11.349  6.075   -7.817  1.00 49.76 ? 500 GLY A O   1 
ATOM   625  N N   . THR A 1 87  ? 13.308  6.511   -8.876  1.00 51.32 ? 501 THR A N   1 
ATOM   626  C CA  . THR A 1 87  ? 13.730  7.565   -7.968  1.00 54.05 ? 501 THR A CA  1 
ATOM   627  C C   . THR A 1 87  ? 13.420  8.938   -8.559  1.00 55.33 ? 501 THR A C   1 
ATOM   628  O O   . THR A 1 87  ? 14.182  9.456   -9.378  1.00 56.00 ? 501 THR A O   1 
ATOM   629  C CB  . THR A 1 87  ? 15.243  7.438   -7.680  1.00 54.41 ? 501 THR A CB  1 
ATOM   630  O OG1 . THR A 1 87  ? 15.527  6.127   -7.156  1.00 55.89 ? 501 THR A OG1 1 
ATOM   631  C CG2 . THR A 1 87  ? 15.724  8.535   -6.707  1.00 54.25 ? 501 THR A CG2 1 
ATOM   632  N N   . TYR A 1 88  ? 12.302  9.522   -8.140  1.00 56.76 ? 502 TYR A N   1 
ATOM   633  C CA  . TYR A 1 88  ? 11.860  10.812  -8.677  1.00 58.20 ? 502 TYR A CA  1 
ATOM   634  C C   . TYR A 1 88  ? 12.109  11.942  -7.682  1.00 58.34 ? 502 TYR A C   1 
ATOM   635  O O   . TYR A 1 88  ? 11.924  11.782  -6.469  1.00 58.43 ? 502 TYR A O   1 
ATOM   636  C CB  . TYR A 1 88  ? 10.380  10.761  -9.059  1.00 59.18 ? 502 TYR A CB  1 
ATOM   637  C CG  . TYR A 1 88  ? 10.071  9.937   -10.292 1.00 60.96 ? 502 TYR A CG  1 
ATOM   638  C CD1 . TYR A 1 88  ? 10.404  8.574   -10.363 1.00 61.56 ? 502 TYR A CD1 1 
ATOM   639  C CD2 . TYR A 1 88  ? 9.426   10.513  -11.381 1.00 61.37 ? 502 TYR A CD2 1 
ATOM   640  C CE1 . TYR A 1 88  ? 10.114  7.821   -11.504 1.00 61.96 ? 502 TYR A CE1 1 
ATOM   641  C CE2 . TYR A 1 88  ? 9.128   9.767   -12.520 1.00 62.44 ? 502 TYR A CE2 1 
ATOM   642  C CZ  . TYR A 1 88  ? 9.471   8.427   -12.576 1.00 61.77 ? 502 TYR A CZ  1 
ATOM   643  O OH  . TYR A 1 88  ? 9.166   7.709   -13.719 1.00 62.37 ? 502 TYR A OH  1 
ATOM   644  N N   . GLU A 1 89  ? 12.549  13.080  -8.197  1.00 58.48 ? 503 GLU A N   1 
ATOM   645  C CA  . GLU A 1 89  ? 12.771  14.228  -7.337  1.00 58.55 ? 503 GLU A CA  1 
ATOM   646  C C   . GLU A 1 89  ? 11.435  14.830  -6.910  1.00 57.82 ? 503 GLU A C   1 
ATOM   647  O O   . GLU A 1 89  ? 10.506  14.962  -7.712  1.00 57.98 ? 503 GLU A O   1 
ATOM   648  C CB  . GLU A 1 89  ? 13.693  15.266  -7.998  1.00 58.98 ? 503 GLU A CB  1 
ATOM   649  C CG  . GLU A 1 89  ? 15.027  14.680  -8.483  1.00 61.11 ? 503 GLU A CG  1 
ATOM   650  C CD  . GLU A 1 89  ? 16.244  15.507  -8.074  1.00 64.17 ? 503 GLU A CD  1 
ATOM   651  O OE1 . GLU A 1 89  ? 16.116  16.740  -7.880  1.00 65.61 ? 503 GLU A OE1 1 
ATOM   652  O OE2 . GLU A 1 89  ? 17.340  14.915  -7.949  1.00 64.53 ? 503 GLU A OE2 1 
ATOM   653  N N   . GLY A 1 90  ? 11.335  15.149  -5.625  1.00 56.96 ? 504 GLY A N   1 
ATOM   654  C CA  . GLY A 1 90  ? 10.206  15.912  -5.124  1.00 55.78 ? 504 GLY A CA  1 
ATOM   655  C C   . GLY A 1 90  ? 8.907   15.137  -5.102  1.00 54.96 ? 504 GLY A C   1 
ATOM   656  O O   . GLY A 1 90  ? 7.823   15.732  -5.153  1.00 54.65 ? 504 GLY A O   1 
ATOM   657  N N   . VAL A 1 91  ? 9.016   13.813  -5.034  1.00 54.18 ? 505 VAL A N   1 
ATOM   658  C CA  . VAL A 1 91  ? 7.863   12.989  -4.710  1.00 53.90 ? 505 VAL A CA  1 
ATOM   659  C C   . VAL A 1 91  ? 7.453   13.331  -3.287  1.00 53.40 ? 505 VAL A C   1 
ATOM   660  O O   . VAL A 1 91  ? 8.294   13.548  -2.415  1.00 52.96 ? 505 VAL A O   1 
ATOM   661  C CB  . VAL A 1 91  ? 8.149   11.455  -4.758  1.00 54.03 ? 505 VAL A CB  1 
ATOM   662  C CG1 . VAL A 1 91  ? 6.891   10.678  -4.438  1.00 54.39 ? 505 VAL A CG1 1 
ATOM   663  C CG2 . VAL A 1 91  ? 8.685   11.017  -6.100  1.00 54.04 ? 505 VAL A CG2 1 
ATOM   664  N N   . GLU A 1 92  ? 6.149   13.401  -3.072  1.00 52.73 ? 506 GLU A N   1 
ATOM   665  C CA  . GLU A 1 92  ? 5.594   13.350  -1.743  1.00 51.97 ? 506 GLU A CA  1 
ATOM   666  C C   . GLU A 1 92  ? 4.779   12.061  -1.655  1.00 50.98 ? 506 GLU A C   1 
ATOM   667  O O   . GLU A 1 92  ? 3.951   11.768  -2.533  1.00 50.09 ? 506 GLU A O   1 
ATOM   668  C CB  . GLU A 1 92  ? 4.726   14.575  -1.478  1.00 52.56 ? 506 GLU A CB  1 
ATOM   669  C CG  . GLU A 1 92  ? 5.526   15.855  -1.200  1.00 54.82 ? 506 GLU A CG  1 
ATOM   670  C CD  . GLU A 1 92  ? 4.798   17.109  -1.671  1.00 57.90 ? 506 GLU A CD  1 
ATOM   671  O OE1 . GLU A 1 92  ? 3.758   16.961  -2.360  1.00 57.21 ? 506 GLU A OE1 1 
ATOM   672  O OE2 . GLU A 1 92  ? 5.270   18.238  -1.360  1.00 59.09 ? 506 GLU A OE2 1 
ATOM   673  N N   . GLY A 1 93  ? 5.035   11.273  -0.613  1.00 49.65 ? 507 GLY A N   1 
ATOM   674  C CA  . GLY A 1 93  ? 4.271   10.045  -0.381  1.00 47.41 ? 507 GLY A CA  1 
ATOM   675  C C   . GLY A 1 93  ? 3.293   10.238  0.760   1.00 45.65 ? 507 GLY A C   1 
ATOM   676  O O   . GLY A 1 93  ? 3.489   11.123  1.592   1.00 46.01 ? 507 GLY A O   1 
ATOM   677  N N   . ALA A 1 94  ? 2.231   9.435   0.794   1.00 43.72 ? 508 ALA A N   1 
ATOM   678  C CA  . ALA A 1 94  ? 1.301   9.477   1.926   1.00 41.67 ? 508 ALA A CA  1 
ATOM   679  C C   . ALA A 1 94  ? 2.060   9.021   3.170   1.00 40.36 ? 508 ALA A C   1 
ATOM   680  O O   . ALA A 1 94  ? 2.797   8.027   3.139   1.00 39.78 ? 508 ALA A O   1 
ATOM   681  C CB  . ALA A 1 94  ? 0.104   8.593   1.693   1.00 41.69 ? 508 ALA A CB  1 
ATOM   682  N N   . SER A 1 95  ? 1.914   9.765   4.261   1.00 39.15 ? 509 SER A N   1 
ATOM   683  C CA  . SER A 1 95  ? 2.537   9.350   5.504   1.00 38.25 ? 509 SER A CA  1 
ATOM   684  C C   . SER A 1 95  ? 2.023   7.972   5.887   1.00 36.30 ? 509 SER A C   1 
ATOM   685  O O   . SER A 1 95  ? 0.848   7.672   5.651   1.00 36.25 ? 509 SER A O   1 
ATOM   686  C CB  . SER A 1 95  ? 2.217   10.352  6.606   1.00 39.15 ? 509 SER A CB  1 
ATOM   687  O OG  . SER A 1 95  ? 2.655   11.633  6.212   1.00 42.84 ? 509 SER A OG  1 
ATOM   688  N N   . ALA A 1 96  ? 2.907   7.132   6.439   1.00 33.58 ? 510 ALA A N   1 
ATOM   689  C CA  . ALA A 1 96  ? 2.519   5.785   6.891   1.00 31.10 ? 510 ALA A CA  1 
ATOM   690  C C   . ALA A 1 96  ? 1.722   5.125   5.769   1.00 29.36 ? 510 ALA A C   1 
ATOM   691  O O   . ALA A 1 96  ? 0.647   4.611   5.995   1.00 28.28 ? 510 ALA A O   1 
ATOM   692  C CB  . ALA A 1 96  ? 1.667   5.825   8.183   1.00 32.19 ? 510 ALA A CB  1 
ATOM   693  N N   . SER A 1 97  ? 2.278   5.143   4.566   1.00 27.97 ? 511 SER A N   1 
ATOM   694  C CA  . SER A 1 97  ? 1.540   4.687   3.383   1.00 25.10 ? 511 SER A CA  1 
ATOM   695  C C   . SER A 1 97  ? 1.006   3.248   3.470   1.00 24.68 ? 511 SER A C   1 
ATOM   696  O O   . SER A 1 97  ? 1.710   2.292   3.832   1.00 24.08 ? 511 SER A O   1 
ATOM   697  C CB  . SER A 1 97  ? 2.351   4.926   2.136   1.00 28.80 ? 511 SER A CB  1 
ATOM   698  O OG  . SER A 1 97  ? 2.454   3.787   1.352   1.00 29.28 ? 511 SER A OG  1 
ATOM   699  N N   . ILE A 1 98  ? -0.251  3.092   3.078   1.00 20.22 ? 512 ILE A N   1 
ATOM   700  C CA  . ILE A 1 98  ? -0.866  1.771   3.087   1.00 19.70 ? 512 ILE A CA  1 
ATOM   701  C C   . ILE A 1 98  ? -0.196  0.887   2.051   1.00 18.24 ? 512 ILE A C   1 
ATOM   702  O O   . ILE A 1 98  ? -0.238  -0.327  2.255   1.00 17.98 ? 512 ILE A O   1 
ATOM   703  C CB  . ILE A 1 98  ? -2.375  1.763   2.882   1.00 20.60 ? 512 ILE A CB  1 
ATOM   704  C CG1 . ILE A 1 98  ? -2.777  2.449   1.581   1.00 21.19 ? 512 ILE A CG1 1 
ATOM   705  C CG2 . ILE A 1 98  ? -3.051  2.358   4.133   1.00 23.44 ? 512 ILE A CG2 1 
ATOM   706  C CD1 . ILE A 1 98  ? -4.310  2.173   1.227   1.00 23.43 ? 512 ILE A CD1 1 
ATOM   707  N N   . SER A 1 99  ? 0.357   1.441   0.977   1.00 19.64 ? 513 SER A N   1 
ATOM   708  C CA  . SER A 1 99  ? 1.049   0.557   0.031   1.00 17.83 ? 513 SER A CA  1 
ATOM   709  C C   . SER A 1 99  ? 2.257   -0.075  0.665   1.00 17.57 ? 513 SER A C   1 
ATOM   710  O O   . SER A 1 99  ? 2.543   -1.297  0.407   1.00 18.51 ? 513 SER A O   1 
ATOM   711  C CB  . SER A 1 99  ? 1.452   1.308   -1.250  1.00 21.38 ? 513 SER A CB  1 
ATOM   712  O OG  . SER A 1 99  ? 2.330   2.361   -0.953  1.00 24.73 ? 513 SER A OG  1 
ATOM   713  N N   . ILE A 1 100 ? 3.015   0.674   1.468   1.00 16.72 ? 514 ILE A N   1 
ATOM   714  C CA  . ILE A 1 100 ? 4.193   0.067   2.133   1.00 16.93 ? 514 ILE A CA  1 
ATOM   715  C C   . ILE A 1 100 ? 3.710   -0.979  3.129   1.00 18.11 ? 514 ILE A C   1 
ATOM   716  O O   . ILE A 1 100 ? 4.271   -2.079  3.230   1.00 18.66 ? 514 ILE A O   1 
ATOM   717  C CB  . ILE A 1 100 ? 5.021   1.132   2.821   1.00 19.96 ? 514 ILE A CB  1 
ATOM   718  C CG1 . ILE A 1 100 ? 5.536   2.079   1.729   1.00 19.97 ? 514 ILE A CG1 1 
ATOM   719  C CG2 . ILE A 1 100 ? 6.068   0.520   3.716   1.00 20.80 ? 514 ILE A CG2 1 
ATOM   720  C CD1 . ILE A 1 100 ? 6.184   3.390   2.323   1.00 24.42 ? 514 ILE A CD1 1 
ATOM   721  N N   . ALA A 1 101 ? 2.664   -0.673  3.896   1.00 17.60 ? 515 ALA A N   1 
ATOM   722  C CA  . ALA A 1 101 ? 2.161   -1.595  4.865   1.00 18.09 ? 515 ALA A CA  1 
ATOM   723  C C   . ALA A 1 101 ? 1.699   -2.910  4.247   1.00 17.02 ? 515 ALA A C   1 
ATOM   724  O O   . ALA A 1 101 ? 1.989   -4.001  4.770   1.00 17.96 ? 515 ALA A O   1 
ATOM   725  C CB  . ALA A 1 101 ? 0.952   -0.895  5.594   1.00 19.32 ? 515 ALA A CB  1 
ATOM   726  N N   . THR A 1 102 ? 1.022   -2.789  3.111   1.00 17.37 ? 516 THR A N   1 
ATOM   727  C CA  . THR A 1 102 ? 0.507   -3.963  2.412   1.00 15.72 ? 516 THR A CA  1 
ATOM   728  C C   . THR A 1 102 ? 1.718   -4.773  1.883   1.00 17.32 ? 516 THR A C   1 
ATOM   729  O O   . THR A 1 102 ? 1.673   -6.029  1.953   1.00 17.54 ? 516 THR A O   1 
ATOM   730  C CB  . THR A 1 102 ? -0.343  -3.510  1.244   1.00 17.02 ? 516 THR A CB  1 
ATOM   731  O OG1 . THR A 1 102 ? -1.514  -2.814  1.774   1.00 17.72 ? 516 THR A OG1 1 
ATOM   732  C CG2 . THR A 1 102 ? -0.828  -4.734  0.421   1.00 19.68 ? 516 THR A CG2 1 
ATOM   733  N N   . ALA A 1 103 ? 2.720   -4.087  1.353   1.00 16.34 ? 517 ALA A N   1 
ATOM   734  C CA  . ALA A 1 103 ? 3.895   -4.807  0.820   1.00 15.75 ? 517 ALA A CA  1 
ATOM   735  C C   . ALA A 1 103 ? 4.554   -5.638  1.922   1.00 18.75 ? 517 ALA A C   1 
ATOM   736  O O   . ALA A 1 103 ? 4.987   -6.798  1.705   1.00 17.77 ? 517 ALA A O   1 
ATOM   737  C CB  . ALA A 1 103 ? 4.849   -3.819  0.201   1.00 16.92 ? 517 ALA A CB  1 
ATOM   738  N N   . VAL A 1 104 ? 4.621   -5.068  3.120   1.00 16.25 ? 518 VAL A N   1 
ATOM   739  C CA  . VAL A 1 104 ? 5.241   -5.751  4.248   1.00 17.56 ? 518 VAL A CA  1 
ATOM   740  C C   . VAL A 1 104 ? 4.441   -6.985  4.672   1.00 18.47 ? 518 VAL A C   1 
ATOM   741  O O   . VAL A 1 104 ? 5.014   -8.056  4.856   1.00 19.15 ? 518 VAL A O   1 
ATOM   742  C CB  . VAL A 1 104 ? 5.424   -4.748  5.415   1.00 17.93 ? 518 VAL A CB  1 
ATOM   743  C CG1 . VAL A 1 104 ? 5.881   -5.445  6.683   1.00 18.53 ? 518 VAL A CG1 1 
ATOM   744  C CG2 . VAL A 1 104 ? 6.484   -3.709  5.033   1.00 17.97 ? 518 VAL A CG2 1 
ATOM   745  N N   . ILE A 1 105 ? 3.129   -6.828  4.850   1.00 17.61 ? 519 ILE A N   1 
ATOM   746  C CA  . ILE A 1 105 ? 2.255   -7.932  5.231   1.00 18.18 ? 519 ILE A CA  1 
ATOM   747  C C   . ILE A 1 105 ? 2.383   -9.026  4.156   1.00 18.37 ? 519 ILE A C   1 
ATOM   748  O O   . ILE A 1 105 ? 2.528   -10.208 4.526   1.00 21.60 ? 519 ILE A O   1 
ATOM   749  C CB  . ILE A 1 105 ? 0.789   -7.447  5.333   1.00 18.82 ? 519 ILE A CB  1 
ATOM   750  C CG1 . ILE A 1 105 ? 0.710   -6.558  6.555   1.00 20.73 ? 519 ILE A CG1 1 
ATOM   751  C CG2 . ILE A 1 105 ? -0.150  -8.673  5.466   1.00 22.20 ? 519 ILE A CG2 1 
ATOM   752  C CD1 . ILE A 1 105 ? -0.603  -5.769  6.637   1.00 22.05 ? 519 ILE A CD1 1 
ATOM   753  N N   . SER A 1 106 ? 2.340   -8.650  2.884   1.00 18.11 ? 520 SER A N   1 
ATOM   754  C CA  . SER A 1 106 ? 2.483   -9.648  1.759   1.00 18.28 ? 520 SER A CA  1 
ATOM   755  C C   . SER A 1 106 ? 3.811   -10.364 1.917   1.00 18.09 ? 520 SER A C   1 
ATOM   756  O O   . SER A 1 106 ? 3.857   -11.637 1.776   1.00 20.96 ? 520 SER A O   1 
ATOM   757  C CB  . SER A 1 106 ? 2.496   -8.923  0.442   1.00 20.07 ? 520 SER A CB  1 
ATOM   758  O OG  . SER A 1 106 ? 2.763   -9.806  -0.684  1.00 19.70 ? 520 SER A OG  1 
ATOM   759  N N   . ALA A 1 107 ? 4.879   -9.643  2.201   1.00 17.86 ? 521 ALA A N   1 
ATOM   760  C CA  . ALA A 1 107 ? 6.228   -10.264 2.223   1.00 17.21 ? 521 ALA A CA  1 
ATOM   761  C C   . ALA A 1 107 ? 6.350   -11.196 3.412   1.00 19.50 ? 521 ALA A C   1 
ATOM   762  O O   . ALA A 1 107 ? 6.970   -12.299 3.313   1.00 21.23 ? 521 ALA A O   1 
ATOM   763  C CB  . ALA A 1 107 ? 7.237   -9.199  2.376   1.00 18.17 ? 521 ALA A CB  1 
ATOM   764  N N   . ILE A 1 108 ? 5.784   -10.799 4.558   1.00 19.72 ? 522 ILE A N   1 
ATOM   765  C CA  . ILE A 1 108 ? 5.925   -11.651 5.761   1.00 21.46 ? 522 ILE A CA  1 
ATOM   766  C C   . ILE A 1 108 ? 5.117   -12.902 5.622   1.00 22.38 ? 522 ILE A C   1 
ATOM   767  O O   . ILE A 1 108 ? 5.596   -13.979 6.047   1.00 24.83 ? 522 ILE A O   1 
ATOM   768  C CB  . ILE A 1 108 ? 5.476   -10.917 7.046   1.00 21.88 ? 522 ILE A CB  1 
ATOM   769  C CG1 . ILE A 1 108 ? 6.447   -9.839  7.392   1.00 26.34 ? 522 ILE A CG1 1 
ATOM   770  C CG2 . ILE A 1 108 ? 5.454   -11.933 8.193   1.00 27.67 ? 522 ILE A CG2 1 
ATOM   771  C CD1 . ILE A 1 108 ? 5.901   -8.910  8.452   1.00 25.06 ? 522 ILE A CD1 1 
ATOM   772  N N   . GLU A 1 109 ? 3.918   -12.766 5.038   1.00 21.52 ? 523 GLU A N   1 
ATOM   773  C CA  . GLU A 1 109 ? 2.972   -13.863 4.951   1.00 22.88 ? 523 GLU A CA  1 
ATOM   774  C C   . GLU A 1 109 ? 3.183   -14.700 3.699   1.00 22.81 ? 523 GLU A C   1 
ATOM   775  O O   . GLU A 1 109 ? 2.563   -15.807 3.614   1.00 24.33 ? 523 GLU A O   1 
ATOM   776  C CB  . GLU A 1 109 ? 1.535   -13.354 5.019   1.00 23.69 ? 523 GLU A CB  1 
ATOM   777  C CG  . GLU A 1 109 ? 1.203   -12.664 6.375   1.00 27.38 ? 523 GLU A CG  1 
ATOM   778  C CD  . GLU A 1 109 ? 1.223   -13.595 7.614   1.00 31.20 ? 523 GLU A CD  1 
ATOM   779  O OE1 . GLU A 1 109 ? 0.953   -14.821 7.458   1.00 31.66 ? 523 GLU A OE1 1 
ATOM   780  O OE2 . GLU A 1 109 ? 1.486   -13.107 8.753   1.00 32.44 ? 523 GLU A OE2 1 
ATOM   781  N N   . GLY A 1 110 ? 3.937   -14.216 2.731   1.00 23.09 ? 524 GLY A N   1 
ATOM   782  C CA  . GLY A 1 110 ? 4.162   -14.955 1.478   1.00 23.38 ? 524 GLY A CA  1 
ATOM   783  C C   . GLY A 1 110 ? 2.927   -15.026 0.636   1.00 21.82 ? 524 GLY A C   1 
ATOM   784  O O   . GLY A 1 110 ? 2.686   -16.017 -0.069  1.00 26.17 ? 524 GLY A O   1 
ATOM   785  N N   . ILE A 1 111 ? 2.094   -13.973 0.637   1.00 20.61 ? 525 ILE A N   1 
ATOM   786  C CA  . ILE A 1 111 ? 0.819   -14.034 -0.127  1.00 21.45 ? 525 ILE A CA  1 
ATOM   787  C C   . ILE A 1 111 ? 0.864   -12.975 -1.206  1.00 21.49 ? 525 ILE A C   1 
ATOM   788  O O   . ILE A 1 111 ? 1.062   -11.795 -0.870  1.00 21.03 ? 525 ILE A O   1 
ATOM   789  C CB  . ILE A 1 111 ? -0.380  -13.702 0.785   1.00 20.10 ? 525 ILE A CB  1 
ATOM   790  C CG1 . ILE A 1 111 ? -0.462  -14.674 1.992   1.00 21.45 ? 525 ILE A CG1 1 
ATOM   791  C CG2 . ILE A 1 111 ? -1.638  -13.682 -0.026  1.00 21.87 ? 525 ILE A CG2 1 
ATOM   792  C CD1 . ILE A 1 111 ? -1.591  -14.353 2.970   1.00 23.68 ? 525 ILE A CD1 1 
ATOM   793  N N   . PRO A 1 112 ? 0.740   -13.322 -2.498  1.00 21.54 ? 526 PRO A N   1 
ATOM   794  C CA  . PRO A 1 112 ? 0.949   -12.371 -3.583  1.00 21.74 ? 526 PRO A CA  1 
ATOM   795  C C   . PRO A 1 112 ? -0.141  -11.310 -3.562  1.00 20.88 ? 526 PRO A C   1 
ATOM   796  O O   . PRO A 1 112 ? -1.282  -11.569 -3.095  1.00 20.65 ? 526 PRO A O   1 
ATOM   797  C CB  . PRO A 1 112 ? 0.818   -13.242 -4.866  1.00 24.13 ? 526 PRO A CB  1 
ATOM   798  C CG  . PRO A 1 112 ? 0.961   -14.586 -4.403  1.00 25.60 ? 526 PRO A CG  1 
ATOM   799  C CD  . PRO A 1 112 ? 0.435   -14.667 -3.030  1.00 24.92 ? 526 PRO A CD  1 
ATOM   800  N N   . VAL A 1 113 ? 0.234   -10.151 -4.115  1.00 19.83 ? 527 VAL A N   1 
ATOM   801  C CA  . VAL A 1 113 ? -0.610  -8.977  -4.258  1.00 18.92 ? 527 VAL A CA  1 
ATOM   802  C C   . VAL A 1 113 ? -0.990  -8.765  -5.738  1.00 20.15 ? 527 VAL A C   1 
ATOM   803  O O   . VAL A 1 113 ? -0.160  -8.923  -6.661  1.00 21.15 ? 527 VAL A O   1 
ATOM   804  C CB  . VAL A 1 113 ? 0.159   -7.729  -3.736  1.00 19.81 ? 527 VAL A CB  1 
ATOM   805  C CG1 . VAL A 1 113 ? -0.589  -6.413  -4.016  1.00 21.21 ? 527 VAL A CG1 1 
ATOM   806  C CG2 . VAL A 1 113 ? 0.461   -7.866  -2.285  1.00 20.79 ? 527 VAL A CG2 1 
ATOM   807  N N   . ASP A 1 114 ? -2.258  -8.409  -5.964  1.00 20.69 ? 528 ASP A N   1 
ATOM   808  C CA  . ASP A 1 114 ? -2.764  -8.047  -7.290  1.00 21.61 ? 528 ASP A CA  1 
ATOM   809  C C   . ASP A 1 114 ? -2.103  -6.791  -7.830  1.00 21.96 ? 528 ASP A C   1 
ATOM   810  O O   . ASP A 1 114 ? -2.269  -5.726  -7.245  1.00 21.92 ? 528 ASP A O   1 
ATOM   811  C CB  . ASP A 1 114 ? -4.286  -7.847  -7.203  1.00 22.73 ? 528 ASP A CB  1 
ATOM   812  C CG  . ASP A 1 114 ? -4.976  -7.812  -8.573  1.00 24.16 ? 528 ASP A CG  1 
ATOM   813  O OD1 . ASP A 1 114 ? -4.337  -7.625  -9.616  1.00 25.54 ? 528 ASP A OD1 1 
ATOM   814  O OD2 . ASP A 1 114 ? -6.235  -7.889  -8.525  1.00 30.39 ? 528 ASP A OD2 1 
ATOM   815  N N   . GLN A 1 115 ? -1.377  -6.898  -8.934  1.00 21.24 ? 529 GLN A N   1 
ATOM   816  C CA  . GLN A 1 115 ? -0.682  -5.770  -9.506  1.00 22.50 ? 529 GLN A CA  1 
ATOM   817  C C   . GLN A 1 115 ? -1.591  -4.868  -10.294 1.00 22.53 ? 529 GLN A C   1 
ATOM   818  O O   . GLN A 1 115 ? -1.209  -3.779  -10.689 1.00 24.46 ? 529 GLN A O   1 
ATOM   819  C CB  . GLN A 1 115 ? 0.465   -6.235  -10.388 1.00 22.01 ? 529 GLN A CB  1 
ATOM   820  C CG  . GLN A 1 115 ? 1.461   -7.052  -9.590  1.00 22.88 ? 529 GLN A CG  1 
ATOM   821  C CD  . GLN A 1 115 ? 2.104   -6.259  -8.441  1.00 20.61 ? 529 GLN A CD  1 
ATOM   822  O OE1 . GLN A 1 115 ? 2.968   -5.402  -8.653  1.00 23.99 ? 529 GLN A OE1 1 
ATOM   823  N NE2 . GLN A 1 115 ? 1.755   -6.677  -7.221  1.00 19.55 ? 529 GLN A NE2 1 
ATOM   824  N N   . SER A 1 116 ? -2.811  -5.345  -10.544 1.00 22.70 ? 530 SER A N   1 
ATOM   825  C CA  . SER A 1 116 ? -3.757  -4.517  -11.277 1.00 23.50 ? 530 SER A CA  1 
ATOM   826  C C   . SER A 1 116 ? -4.457  -3.479  -10.422 1.00 24.11 ? 530 SER A C   1 
ATOM   827  O O   . SER A 1 116 ? -5.253  -2.664  -10.933 1.00 26.29 ? 530 SER A O   1 
ATOM   828  C CB  . SER A 1 116 ? -4.823  -5.407  -11.994 1.00 23.27 ? 530 SER A CB  1 
ATOM   829  O OG  . SER A 1 116 ? -5.831  -5.840  -11.086 1.00 25.18 ? 530 SER A OG  1 
ATOM   830  N N   . VAL A 1 117 ? -4.112  -3.440  -9.129  1.00 22.94 ? 531 VAL A N   1 
ATOM   831  C CA  . VAL A 1 117 ? -4.714  -2.498  -8.185  1.00 23.84 ? 531 VAL A CA  1 
ATOM   832  C C   . VAL A 1 117 ? -3.623  -1.483  -7.827  1.00 23.01 ? 531 VAL A C   1 
ATOM   833  O O   . VAL A 1 117 ? -2.419  -1.839  -7.734  1.00 26.19 ? 531 VAL A O   1 
ATOM   834  C CB  . VAL A 1 117 ? -5.191  -3.199  -6.887  1.00 23.32 ? 531 VAL A CB  1 
ATOM   835  C CG1 . VAL A 1 117 ? -5.931  -2.236  -5.983  1.00 25.91 ? 531 VAL A CG1 1 
ATOM   836  C CG2 . VAL A 1 117 ? -6.184  -4.282  -7.250  1.00 26.26 ? 531 VAL A CG2 1 
ATOM   837  N N   . ALA A 1 118 ? -4.021  -0.227  -7.685  1.00 21.52 ? 532 ALA A N   1 
ATOM   838  C CA  . ALA A 1 118 ? -3.126  0.776   -7.080  1.00 20.36 ? 532 ALA A CA  1 
ATOM   839  C C   . ALA A 1 118 ? -3.845  1.244   -5.838  1.00 20.50 ? 532 ALA A C   1 
ATOM   840  O O   . ALA A 1 118 ? -5.017  1.016   -5.668  1.00 20.36 ? 532 ALA A O   1 
ATOM   841  C CB  . ALA A 1 118 ? -2.897  1.909   -7.976  1.00 23.20 ? 532 ALA A CB  1 
ATOM   842  N N   . MET A 1 119 ? -3.105  1.840   -4.919  1.00 18.55 ? 533 MET A N   1 
ATOM   843  C CA  . MET A 1 119 ? -3.709  2.291   -3.682  1.00 18.47 ? 533 MET A CA  1 
ATOM   844  C C   . MET A 1 119 ? -2.977  3.496   -3.092  1.00 17.76 ? 533 MET A C   1 
ATOM   845  O O   . MET A 1 119 ? -1.776  3.725   -3.317  1.00 19.26 ? 533 MET A O   1 
ATOM   846  C CB  . MET A 1 119 ? -3.685  1.187   -2.616  1.00 18.66 ? 533 MET A CB  1 
ATOM   847  C CG  . MET A 1 119 ? -2.251  0.750   -2.135  1.00 19.07 ? 533 MET A CG  1 
ATOM   848  S SD  . MET A 1 119 ? -2.292  -0.508  -0.882  1.00 19.46 ? 533 MET A SD  1 
ATOM   849  C CE  . MET A 1 119 ? -2.865  -1.913  -1.829  1.00 21.35 ? 533 MET A CE  1 
ATOM   850  N N   . THR A 1 120 ? -3.766  4.290   -2.373  1.00 18.88 ? 534 THR A N   1 
ATOM   851  C CA  . THR A 1 120 ? -3.196  5.402   -1.608  1.00 20.53 ? 534 THR A CA  1 
ATOM   852  C C   . THR A 1 120 ? -3.991  5.571   -0.326  1.00 18.82 ? 534 THR A C   1 
ATOM   853  O O   . THR A 1 120 ? -5.171  5.202   -0.267  1.00 20.23 ? 534 THR A O   1 
ATOM   854  C CB  . THR A 1 120 ? -3.225  6.745   -2.419  1.00 20.17 ? 534 THR A CB  1 
ATOM   855  O OG1 . THR A 1 120 ? -2.413  7.695   -1.691  1.00 25.13 ? 534 THR A OG1 1 
ATOM   856  C CG2 . THR A 1 120 ? -4.621  7.253   -2.571  1.00 23.67 ? 534 THR A CG2 1 
ATOM   857  N N   . GLY A 1 121 ? -3.313  6.031   0.714   1.00 20.95 ? 535 GLY A N   1 
ATOM   858  C CA  . GLY A 1 121 ? -3.975  6.136   2.036   1.00 19.96 ? 535 GLY A CA  1 
ATOM   859  C C   . GLY A 1 121 ? -2.943  6.098   3.128   1.00 20.75 ? 535 GLY A C   1 
ATOM   860  O O   . GLY A 1 121 ? -1.827  5.672   2.886   1.00 20.46 ? 535 GLY A O   1 
ATOM   861  N N   . SER A 1 122 ? -3.304  6.579   4.319   1.00 20.64 ? 536 SER A N   1 
ATOM   862  C CA  . SER A 1 122 ? -2.364  6.616   5.444   1.00 22.70 ? 536 SER A CA  1 
ATOM   863  C C   . SER A 1 122 ? -2.802  5.638   6.514   1.00 22.51 ? 536 SER A C   1 
ATOM   864  O O   . SER A 1 122 ? -3.936  5.602   6.876   1.00 23.85 ? 536 SER A O   1 
ATOM   865  C CB  . SER A 1 122 ? -2.325  8.030   6.051   1.00 22.89 ? 536 SER A CB  1 
ATOM   866  O OG  . SER A 1 122 ? -1.528  8.879   5.234   1.00 26.88 ? 536 SER A OG  1 
ATOM   867  N N   . LEU A 1 123 ? -1.905  4.786   6.974   1.00 21.46 ? 537 LEU A N   1 
ATOM   868  C CA  . LEU A 1 123 ? -2.283  3.742   7.913   1.00 23.56 ? 537 LEU A CA  1 
ATOM   869  C C   . LEU A 1 123 ? -2.135  4.245   9.343   1.00 22.04 ? 537 LEU A C   1 
ATOM   870  O O   . LEU A 1 123 ? -1.061  4.742   9.711   1.00 23.31 ? 537 LEU A O   1 
ATOM   871  C CB  . LEU A 1 123 ? -1.386  2.494   7.695   1.00 22.91 ? 537 LEU A CB  1 
ATOM   872  C CG  . LEU A 1 123 ? -1.629  1.398   8.762   1.00 24.75 ? 537 LEU A CG  1 
ATOM   873  C CD1 . LEU A 1 123 ? -2.990  0.782   8.493   1.00 22.55 ? 537 LEU A CD1 1 
ATOM   874  C CD2 . LEU A 1 123 ? -0.576  0.293   8.624   1.00 25.86 ? 537 LEU A CD2 1 
ATOM   875  N N   . SER A 1 124 ? -3.199  4.113   10.134  1.00 21.63 ? 538 SER A N   1 
ATOM   876  C CA  . SER A 1 124 ? -3.038  4.376   11.525  1.00 21.52 ? 538 SER A CA  1 
ATOM   877  C C   . SER A 1 124 ? -2.517  3.149   12.264  1.00 20.27 ? 538 SER A C   1 
ATOM   878  O O   . SER A 1 124 ? -2.690  2.016   11.791  1.00 21.42 ? 538 SER A O   1 
ATOM   879  C CB  . SER A 1 124 ? -4.335  4.901   12.173  1.00 21.71 ? 538 SER A CB  1 
ATOM   880  O OG  . SER A 1 124 ? -5.065  3.910   12.852  1.00 25.21 ? 538 SER A OG  1 
ATOM   881  N N   . VAL A 1 125 ? -1.906  3.391   13.409  1.00 19.90 ? 539 VAL A N   1 
ATOM   882  C CA  . VAL A 1 125 ? -1.360  2.305   14.248  1.00 21.02 ? 539 VAL A CA  1 
ATOM   883  C C   . VAL A 1 125 ? -2.461  1.417   14.773  1.00 23.92 ? 539 VAL A C   1 
ATOM   884  O O   . VAL A 1 125 ? -2.188  0.272   15.259  1.00 24.57 ? 539 VAL A O   1 
ATOM   885  C CB  . VAL A 1 125 ? -0.477  2.800   15.415  1.00 21.69 ? 539 VAL A CB  1 
ATOM   886  C CG1 . VAL A 1 125 ? 0.779   3.403   14.911  1.00 23.59 ? 539 VAL A CG1 1 
ATOM   887  C CG2 . VAL A 1 125 ? -1.222  3.849   16.294  1.00 20.24 ? 539 VAL A CG2 1 
ATOM   888  N N   . LYS A 1 126 ? -3.681  1.882   14.650  1.00 22.95 ? 540 LYS A N   1 
ATOM   889  C CA  . LYS A 1 126 ? -4.856  1.125   15.049  1.00 25.17 ? 540 LYS A CA  1 
ATOM   890  C C   . LYS A 1 126 ? -5.415  0.304   13.878  1.00 25.36 ? 540 LYS A C   1 
ATOM   891  O O   . LYS A 1 126 ? -6.333  -0.523  14.060  1.00 29.22 ? 540 LYS A O   1 
ATOM   892  C CB  . LYS A 1 126 ? -5.926  2.051   15.650  1.00 26.19 ? 540 LYS A CB  1 
ATOM   893  C CG  . LYS A 1 126 ? -5.516  2.608   16.955  1.00 29.65 ? 540 LYS A CG  1 
ATOM   894  C CD  . LYS A 1 126 ? -6.633  3.429   17.543  1.00 36.26 ? 540 LYS A CD  1 
ATOM   895  C CE  . LYS A 1 126 ? -7.973  2.792   17.363  1.00 38.87 ? 540 LYS A CE  1 
ATOM   896  N NZ  . LYS A 1 126 ? -9.059  3.861   17.324  1.00 39.92 ? 540 LYS A NZ  1 
ATOM   897  N N   . GLY A 1 127 ? -4.859  0.472   12.675  1.00 24.96 ? 541 GLY A N   1 
ATOM   898  C CA  . GLY A 1 127 ? -5.384  -0.259  11.520  1.00 23.78 ? 541 GLY A CA  1 
ATOM   899  C C   . GLY A 1 127 ? -6.376  0.514   10.625  1.00 23.29 ? 541 GLY A C   1 
ATOM   900  O O   . GLY A 1 127 ? -6.866  -0.008  9.646   1.00 25.59 ? 541 GLY A O   1 
ATOM   901  N N   . GLU A 1 128 ? -6.634  1.791   10.935  1.00 25.36 ? 542 GLU A N   1 
ATOM   902  C CA  . GLU A 1 128 ? -7.506  2.595   10.081  1.00 26.22 ? 542 GLU A CA  1 
ATOM   903  C C   . GLU A 1 128 ? -6.769  3.117   8.854   1.00 24.27 ? 542 GLU A C   1 
ATOM   904  O O   . GLU A 1 128 ? -5.535  3.318   8.858   1.00 25.08 ? 542 GLU A O   1 
ATOM   905  C CB  . GLU A 1 128 ? -7.981  3.819   10.852  1.00 27.06 ? 542 GLU A CB  1 
ATOM   906  C CG  . GLU A 1 128 ? -8.637  3.491   12.163  1.00 32.10 ? 542 GLU A CG  1 
ATOM   907  C CD  A GLU A 1 128 ? -8.491  4.620   13.155  0.60 34.85 ? 542 GLU A CD  1 
ATOM   908  C CD  B GLU A 1 128 ? -10.052 2.938   12.002  0.40 33.36 ? 542 GLU A CD  1 
ATOM   909  O OE1 A GLU A 1 128 ? -7.388  5.196   13.238  0.60 31.76 ? 542 GLU A OE1 1 
ATOM   910  O OE1 B GLU A 1 128 ? -10.816 3.443   11.145  0.40 35.17 ? 542 GLU A OE1 1 
ATOM   911  O OE2 A GLU A 1 128 ? -9.470  4.953   13.856  0.60 34.06 ? 542 GLU A OE2 1 
ATOM   912  O OE2 B GLU A 1 128 ? -10.406 1.992   12.736  0.40 35.05 ? 542 GLU A OE2 1 
ATOM   913  N N   . VAL A 1 129 ? -7.554  3.379   7.824   1.00 23.71 ? 543 VAL A N   1 
ATOM   914  C CA  . VAL A 1 129 ? -7.028  4.033   6.624   1.00 23.39 ? 543 VAL A CA  1 
ATOM   915  C C   . VAL A 1 129 ? -7.550  5.471   6.640   1.00 24.06 ? 543 VAL A C   1 
ATOM   916  O O   . VAL A 1 129 ? -8.753  5.684   6.555   1.00 26.32 ? 543 VAL A O   1 
ATOM   917  C CB  . VAL A 1 129 ? -7.457  3.322   5.325   1.00 22.55 ? 543 VAL A CB  1 
ATOM   918  C CG1 . VAL A 1 129 ? -6.926  4.027   4.086   1.00 23.92 ? 543 VAL A CG1 1 
ATOM   919  C CG2 . VAL A 1 129 ? -6.929  1.847   5.344   1.00 23.22 ? 543 VAL A CG2 1 
ATOM   920  N N   . LEU A 1 130 ? -6.598  6.367   6.761   1.00 23.79 ? 544 LEU A N   1 
ATOM   921  C CA  . LEU A 1 130 ? -6.824  7.816   6.978   1.00 24.12 ? 544 LEU A CA  1 
ATOM   922  C C   . LEU A 1 130 ? -6.729  8.527   5.666   1.00 25.66 ? 544 LEU A C   1 
ATOM   923  O O   . LEU A 1 130 ? -5.993  8.125   4.776   1.00 23.85 ? 544 LEU A O   1 
ATOM   924  C CB  . LEU A 1 130 ? -5.799  8.358   7.966   1.00 24.78 ? 544 LEU A CB  1 
ATOM   925  C CG  . LEU A 1 130 ? -5.718  7.597   9.309   1.00 27.79 ? 544 LEU A CG  1 
ATOM   926  C CD1 . LEU A 1 130 ? -4.713  8.195   10.235  1.00 30.63 ? 544 LEU A CD1 1 
ATOM   927  C CD2 . LEU A 1 130 ? -7.097  7.460   9.951   1.00 31.30 ? 544 LEU A CD2 1 
ATOM   928  N N   . PRO A 1 131 ? -7.431  9.666   5.529   1.00 26.32 ? 545 PRO A N   1 
ATOM   929  C CA  . PRO A 1 131 ? -7.470  10.385  4.271   1.00 26.77 ? 545 PRO A CA  1 
ATOM   930  C C   . PRO A 1 131 ? -6.157  11.067  3.958   1.00 26.23 ? 545 PRO A C   1 
ATOM   931  O O   . PRO A 1 131 ? -5.361  11.361  4.861   1.00 27.77 ? 545 PRO A O   1 
ATOM   932  C CB  . PRO A 1 131 ? -8.596  11.420  4.482   1.00 27.51 ? 545 PRO A CB  1 
ATOM   933  C CG  . PRO A 1 131 ? -8.802  11.496  5.906   1.00 27.72 ? 545 PRO A CG  1 
ATOM   934  C CD  . PRO A 1 131 ? -8.279  10.262  6.578   1.00 26.90 ? 545 PRO A CD  1 
ATOM   935  N N   . VAL A 1 132 ? -5.924  11.263  2.664   1.00 28.16 ? 546 VAL A N   1 
ATOM   936  C CA  . VAL A 1 132 ? -4.715  11.814  2.116   1.00 28.28 ? 546 VAL A CA  1 
ATOM   937  C C   . VAL A 1 132 ? -5.058  12.850  1.038   1.00 29.61 ? 546 VAL A C   1 
ATOM   938  O O   . VAL A 1 132 ? -6.190  12.905  0.567   1.00 29.52 ? 546 VAL A O   1 
ATOM   939  C CB  . VAL A 1 132 ? -3.834  10.705  1.484   1.00 28.62 ? 546 VAL A CB  1 
ATOM   940  C CG1 . VAL A 1 132 ? -3.500  9.733   2.547   1.00 27.27 ? 546 VAL A CG1 1 
ATOM   941  C CG2 . VAL A 1 132 ? -4.598  9.982   0.412   1.00 28.32 ? 546 VAL A CG2 1 
ATOM   942  N N   . GLY A 1 133 ? -4.051  13.597  0.621   1.00 31.31 ? 547 GLY A N   1 
ATOM   943  C CA  . GLY A 1 133 ? -4.243  14.622  -0.412  1.00 32.13 ? 547 GLY A CA  1 
ATOM   944  C C   . GLY A 1 133 ? -4.016  14.078  -1.813  1.00 33.43 ? 547 GLY A C   1 
ATOM   945  O O   . GLY A 1 133 ? -3.517  12.947  -2.011  1.00 32.18 ? 547 GLY A O   1 
ATOM   946  N N   . GLY A 1 134 ? -4.376  14.900  -2.790  1.00 32.73 ? 548 GLY A N   1 
ATOM   947  C CA  . GLY A 1 134 ? -4.101  14.644  -4.178  1.00 32.48 ? 548 GLY A CA  1 
ATOM   948  C C   . GLY A 1 134 ? -4.759  13.408  -4.767  1.00 31.27 ? 548 GLY A C   1 
ATOM   949  O O   . GLY A 1 134 ? -4.235  12.838  -5.727  1.00 31.68 ? 548 GLY A O   1 
ATOM   950  N N   . VAL A 1 135 ? -5.894  12.997  -4.200  1.00 31.23 ? 549 VAL A N   1 
ATOM   951  C CA  . VAL A 1 135 ? -6.566  11.771  -4.667  1.00 31.96 ? 549 VAL A CA  1 
ATOM   952  C C   . VAL A 1 135 ? -6.959  11.816  -6.160  1.00 31.77 ? 549 VAL A C   1 
ATOM   953  O O   . VAL A 1 135 ? -6.819  10.829  -6.865  1.00 30.92 ? 549 VAL A O   1 
ATOM   954  C CB  . VAL A 1 135 ? -7.663  11.283  -3.696  1.00 31.29 ? 549 VAL A CB  1 
ATOM   955  C CG1 . VAL A 1 135 ? -8.429  10.138  -4.285  1.00 33.39 ? 549 VAL A CG1 1 
ATOM   956  C CG2 . VAL A 1 135 ? -6.999  10.813  -2.413  1.00 33.27 ? 549 VAL A CG2 1 
ATOM   957  N N   . THR A 1 136 ? -7.403  12.963  -6.678  1.00 32.81 ? 550 THR A N   1 
ATOM   958  C CA  . THR A 1 136 ? -7.774  12.994  -8.101  1.00 33.05 ? 550 THR A CA  1 
ATOM   959  C C   . THR A 1 136 ? -6.562  12.762  -8.991  1.00 32.33 ? 550 THR A C   1 
ATOM   960  O O   . THR A 1 136 ? -6.587  11.948  -9.906  1.00 32.57 ? 550 THR A O   1 
ATOM   961  C CB  . THR A 1 136 ? -8.389  14.344  -8.468  1.00 33.92 ? 550 THR A CB  1 
ATOM   962  O OG1 . THR A 1 136 ? -9.432  14.624  -7.551  1.00 34.36 ? 550 THR A OG1 1 
ATOM   963  C CG2 . THR A 1 136 ? -8.938  14.294  -9.879  1.00 34.56 ? 550 THR A CG2 1 
ATOM   964  N N   . GLN A 1 137 ? -5.483  13.451  -8.671  1.00 31.74 ? 551 GLN A N   1 
ATOM   965  C CA  . GLN A 1 137 ? -4.240  13.365  -9.436  1.00 31.72 ? 551 GLN A CA  1 
ATOM   966  C C   . GLN A 1 137 ? -3.699  11.932  -9.459  1.00 30.75 ? 551 GLN A C   1 
ATOM   967  O O   . GLN A 1 137 ? -3.177  11.443  -10.457 1.00 31.68 ? 551 GLN A O   1 
ATOM   968  C CB  . GLN A 1 137 ? -3.166  14.295  -8.843  1.00 32.11 ? 551 GLN A CB  1 
ATOM   969  C CG  . GLN A 1 137 ? -3.570  15.785  -8.750  1.00 37.25 ? 551 GLN A CG  1 
ATOM   970  C CD  . GLN A 1 137 ? -4.294  16.161  -7.452  1.00 42.31 ? 551 GLN A CD  1 
ATOM   971  O OE1 . GLN A 1 137 ? -5.435  15.744  -7.208  1.00 42.76 ? 551 GLN A OE1 1 
ATOM   972  N NE2 . GLN A 1 137 ? -3.634  16.979  -6.619  1.00 44.90 ? 551 GLN A NE2 1 
ATOM   973  N N   . LYS A 1 138 ? -3.831  11.266  -8.316  1.00 29.02 ? 552 LYS A N   1 
ATOM   974  C CA  . LYS A 1 138 ? -3.308  9.909   -8.143  1.00 27.17 ? 552 LYS A CA  1 
ATOM   975  C C   . LYS A 1 138 ? -4.169  8.937   -8.920  1.00 25.27 ? 552 LYS A C   1 
ATOM   976  O O   . LYS A 1 138 ? -3.654  8.024   -9.579  1.00 26.67 ? 552 LYS A O   1 
ATOM   977  C CB  . LYS A 1 138 ? -3.335  9.535   -6.661  1.00 26.07 ? 552 LYS A CB  1 
ATOM   978  C CG  . LYS A 1 138 ? -2.293  10.295  -5.873  1.00 26.03 ? 552 LYS A CG  1 
ATOM   979  C CD  . LYS A 1 138 ? -2.506  10.001  -4.399  1.00 27.84 ? 552 LYS A CD  1 
ATOM   980  C CE  . LYS A 1 138 ? -1.528  10.685  -3.502  1.00 30.17 ? 552 LYS A CE  1 
ATOM   981  N NZ  . LYS A 1 138 ? -2.023  10.621  -2.057  1.00 32.07 ? 552 LYS A NZ  1 
ATOM   982  N N   . ILE A 1 139 ? -5.481  9.129   -8.861  1.00 26.13 ? 553 ILE A N   1 
ATOM   983  C CA  . ILE A 1 139 ? -6.376  8.299   -9.670  1.00 27.30 ? 553 ILE A CA  1 
ATOM   984  C C   . ILE A 1 139 ? -6.067  8.434   -11.190 1.00 27.13 ? 553 ILE A C   1 
ATOM   985  O O   . ILE A 1 139 ? -5.960  7.422   -11.926 1.00 27.63 ? 553 ILE A O   1 
ATOM   986  C CB  . ILE A 1 139 ? -7.844  8.576   -9.351  1.00 27.16 ? 553 ILE A CB  1 
ATOM   987  C CG1 . ILE A 1 139 ? -8.170  8.002   -7.964  1.00 27.32 ? 553 ILE A CG1 1 
ATOM   988  C CG2 . ILE A 1 139 ? -8.778  7.928   -10.400 1.00 28.14 ? 553 ILE A CG2 1 
ATOM   989  C CD1 . ILE A 1 139 ? -9.488  8.496   -7.347  1.00 30.01 ? 553 ILE A CD1 1 
ATOM   990  N N   . GLU A 1 140 ? -5.919  9.671   -11.651 1.00 30.20 ? 554 GLU A N   1 
ATOM   991  C CA  . GLU A 1 140 ? -5.561  9.894   -13.042 1.00 31.53 ? 554 GLU A CA  1 
ATOM   992  C C   . GLU A 1 140 ? -4.304  9.163   -13.464 1.00 31.08 ? 554 GLU A C   1 
ATOM   993  O O   . GLU A 1 140 ? -4.263  8.545   -14.523 1.00 32.56 ? 554 GLU A O   1 
ATOM   994  C CB  . GLU A 1 140 ? -5.445  11.381  -13.320 1.00 33.73 ? 554 GLU A CB  1 
ATOM   995  C CG  . GLU A 1 140 ? -6.784  11.899  -13.800 1.00 38.24 ? 554 GLU A CG  1 
ATOM   996  C CD  . GLU A 1 140 ? -6.954  13.367  -13.668 1.00 44.63 ? 554 GLU A CD  1 
ATOM   997  O OE1 . GLU A 1 140 ? -5.978  14.082  -13.273 1.00 46.03 ? 554 GLU A OE1 1 
ATOM   998  O OE2 . GLU A 1 140 ? -8.087  13.802  -13.971 1.00 42.92 ? 554 GLU A OE2 1 
ATOM   999  N N   . ALA A 1 141 ? -3.268  9.230   -12.625 1.00 30.93 ? 555 ALA A N   1 
ATOM   1000 C CA  . ALA A 1 141 ? -2.062  8.480   -12.848 1.00 29.78 ? 555 ALA A CA  1 
ATOM   1001 C C   . ALA A 1 141 ? -2.311  6.982   -13.005 1.00 28.84 ? 555 ALA A C   1 
ATOM   1002 O O   . ALA A 1 141 ? -1.764  6.352   -13.890 1.00 27.79 ? 555 ALA A O   1 
ATOM   1003 C CB  . ALA A 1 141 ? -1.059  8.749   -11.719 1.00 30.31 ? 555 ALA A CB  1 
ATOM   1004 N N   . ALA A 1 142 ? -3.140  6.384   -12.129 1.00 26.90 ? 556 ALA A N   1 
ATOM   1005 C CA  . ALA A 1 142 ? -3.476  4.975   -12.224 1.00 26.66 ? 556 ALA A CA  1 
ATOM   1006 C C   . ALA A 1 142 ? -4.215  4.664   -13.543 1.00 27.11 ? 556 ALA A C   1 
ATOM   1007 O O   . ALA A 1 142 ? -3.999  3.592   -14.125 1.00 27.72 ? 556 ALA A O   1 
ATOM   1008 C CB  . ALA A 1 142 ? -4.348  4.569   -11.003 1.00 27.11 ? 556 ALA A CB  1 
ATOM   1009 N N   . ILE A 1 143 ? -5.086  5.587   -13.941 1.00 28.67 ? 557 ILE A N   1 
ATOM   1010 C CA  . ILE A 1 143 ? -5.813  5.505   -15.227 1.00 30.37 ? 557 ILE A CA  1 
ATOM   1011 C C   . ILE A 1 143 ? -4.813  5.521   -16.364 1.00 31.72 ? 557 ILE A C   1 
ATOM   1012 O O   . ILE A 1 143 ? -4.854  4.649   -17.219 1.00 32.59 ? 557 ILE A O   1 
ATOM   1013 C CB  . ILE A 1 143 ? -6.859  6.634   -15.351 1.00 30.82 ? 557 ILE A CB  1 
ATOM   1014 C CG1 . ILE A 1 143 ? -8.039  6.304   -14.427 1.00 29.38 ? 557 ILE A CG1 1 
ATOM   1015 C CG2 . ILE A 1 143 ? -7.339  6.798   -16.816 1.00 32.08 ? 557 ILE A CG2 1 
ATOM   1016 C CD1 . ILE A 1 143 ? -8.983  7.438   -14.220 1.00 29.92 ? 557 ILE A CD1 1 
ATOM   1017 N N   . GLN A 1 144 ? -3.897  6.482   -16.349 1.00 32.29 ? 558 GLN A N   1 
ATOM   1018 C CA  . GLN A 1 144 ? -2.843  6.519   -17.371 1.00 33.49 ? 558 GLN A CA  1 
ATOM   1019 C C   . GLN A 1 144 ? -1.941  5.333   -17.437 1.00 33.91 ? 558 GLN A C   1 
ATOM   1020 O O   . GLN A 1 144 ? -1.414  5.028   -18.508 1.00 34.88 ? 558 GLN A O   1 
ATOM   1021 C CB  . GLN A 1 144 ? -2.018  7.744   -17.193 1.00 34.19 ? 558 GLN A CB  1 
ATOM   1022 C CG  . GLN A 1 144 ? -2.763  8.930   -17.635 1.00 35.87 ? 558 GLN A CG  1 
ATOM   1023 C CD  . GLN A 1 144 ? -2.279  10.184  -17.002 1.00 41.62 ? 558 GLN A CD  1 
ATOM   1024 O OE1 . GLN A 1 144 ? -1.149  10.247  -16.506 1.00 46.11 ? 558 GLN A OE1 1 
ATOM   1025 N NE2 . GLN A 1 144 ? -3.115  11.198  -17.011 1.00 45.66 ? 558 GLN A NE2 1 
ATOM   1026 N N   . ALA A 1 145 ? -1.729  4.679   -16.289 1.00 33.29 ? 559 ALA A N   1 
ATOM   1027 C CA  . ALA A 1 145 ? -0.902  3.496   -16.184 1.00 33.13 ? 559 ALA A CA  1 
ATOM   1028 C C   . ALA A 1 145 ? -1.658  2.267   -16.652 1.00 32.92 ? 559 ALA A C   1 
ATOM   1029 O O   . ALA A 1 145 ? -1.072  1.204   -16.831 1.00 33.71 ? 559 ALA A O   1 
ATOM   1030 C CB  . ALA A 1 145 ? -0.480  3.300   -14.706 1.00 32.74 ? 559 ALA A CB  1 
ATOM   1031 N N   . GLY A 1 146 ? -2.979  2.415   -16.823 1.00 33.22 ? 560 GLY A N   1 
ATOM   1032 C CA  . GLY A 1 146 ? -3.820  1.319   -17.275 1.00 33.12 ? 560 GLY A CA  1 
ATOM   1033 C C   . GLY A 1 146 ? -4.065  0.290   -16.177 1.00 33.12 ? 560 GLY A C   1 
ATOM   1034 O O   . GLY A 1 146 ? -4.220  -0.908  -16.410 1.00 32.66 ? 560 GLY A O   1 
ATOM   1035 N N   . LEU A 1 147 ? -4.062  0.773   -14.947 1.00 31.23 ? 561 LEU A N   1 
ATOM   1036 C CA  . LEU A 1 147 ? -4.489  -0.084  -13.847 1.00 30.09 ? 561 LEU A CA  1 
ATOM   1037 C C   . LEU A 1 147 ? -5.998  -0.318  -13.876 1.00 29.73 ? 561 LEU A C   1 
ATOM   1038 O O   . LEU A 1 147 ? -6.744  0.422   -14.584 1.00 32.09 ? 561 LEU A O   1 
ATOM   1039 C CB  . LEU A 1 147 ? -3.957  0.483   -12.522 1.00 28.19 ? 561 LEU A CB  1 
ATOM   1040 C CG  . LEU A 1 147 ? -2.424  0.392   -12.473 1.00 28.31 ? 561 LEU A CG  1 
ATOM   1041 C CD1 . LEU A 1 147 ? -1.846  1.095   -11.244 1.00 27.11 ? 561 LEU A CD1 1 
ATOM   1042 C CD2 . LEU A 1 147 ? -1.982  -1.052  -12.465 1.00 28.63 ? 561 LEU A CD2 1 
ATOM   1043 N N   . LYS A 1 148 ? -6.470  -1.356  -13.198 1.00 28.85 ? 562 LYS A N   1 
ATOM   1044 C CA  . LYS A 1 148 ? -7.935  -1.679  -13.237 1.00 28.84 ? 562 LYS A CA  1 
ATOM   1045 C C   . LYS A 1 148 ? -8.706  -1.199  -12.036 1.00 28.75 ? 562 LYS A C   1 
ATOM   1046 O O   . LYS A 1 148 ? -9.913  -0.943  -12.090 1.00 28.71 ? 562 LYS A O   1 
ATOM   1047 C CB  . LYS A 1 148 ? -8.173  -3.181  -13.404 1.00 29.19 ? 562 LYS A CB  1 
ATOM   1048 C CG  . LYS A 1 148 ? -7.732  -3.763  -14.702 1.00 34.63 ? 562 LYS A CG  1 
ATOM   1049 C CD  . LYS A 1 148 ? -7.777  -5.278  -14.542 1.00 40.02 ? 562 LYS A CD  1 
ATOM   1050 C CE  . LYS A 1 148 ? -7.050  -5.980  -15.662 1.00 44.73 ? 562 LYS A CE  1 
ATOM   1051 N NZ  . LYS A 1 148 ? -8.033  -6.363  -16.730 1.00 46.11 ? 562 LYS A NZ  1 
ATOM   1052 N N   . LYS A 1 149 ? -8.017  -1.040  -10.910 1.00 25.15 ? 563 LYS A N   1 
ATOM   1053 C CA  . LYS A 1 149 ? -8.685  -0.671  -9.683  1.00 24.42 ? 563 LYS A CA  1 
ATOM   1054 C C   . LYS A 1 149 ? -7.848  0.278   -8.879  1.00 23.44 ? 563 LYS A C   1 
ATOM   1055 O O   . LYS A 1 149 ? -6.617  0.210   -8.960  1.00 24.02 ? 563 LYS A O   1 
ATOM   1056 C CB  . LYS A 1 149 ? -8.939  -1.868  -8.798  1.00 24.58 ? 563 LYS A CB  1 
ATOM   1057 C CG  . LYS A 1 149 ? -9.651  -3.022  -9.454  1.00 28.38 ? 563 LYS A CG  1 
ATOM   1058 C CD  . LYS A 1 149 ? -9.886  -4.126  -8.465  1.00 34.97 ? 563 LYS A CD  1 
ATOM   1059 C CE  . LYS A 1 149 ? -10.113 -5.415  -9.212  1.00 40.38 ? 563 LYS A CE  1 
ATOM   1060 N NZ  . LYS A 1 149 ? -10.620 -6.515  -8.342  1.00 44.00 ? 563 LYS A NZ  1 
ATOM   1061 N N   . VAL A 1 150 ? -8.501  1.117   -8.099  1.00 22.55 ? 564 VAL A N   1 
ATOM   1062 C CA  . VAL A 1 150 ? -7.728  1.978   -7.163  1.00 22.36 ? 564 VAL A CA  1 
ATOM   1063 C C   . VAL A 1 150 ? -8.377  2.024   -5.797  1.00 23.03 ? 564 VAL A C   1 
ATOM   1064 O O   . VAL A 1 150 ? -9.556  2.327   -5.668  1.00 22.75 ? 564 VAL A O   1 
ATOM   1065 C CB  . VAL A 1 150 ? -7.514  3.392   -7.684  1.00 23.41 ? 564 VAL A CB  1 
ATOM   1066 C CG1 . VAL A 1 150 ? -8.855  4.063   -8.090  1.00 27.28 ? 564 VAL A CG1 1 
ATOM   1067 C CG2 . VAL A 1 150 ? -6.732  4.231   -6.587  1.00 21.95 ? 564 VAL A CG2 1 
ATOM   1068 N N   . ILE A 1 151 ? -7.593  1.718   -4.762  1.00 21.80 ? 565 ILE A N   1 
ATOM   1069 C CA  . ILE A 1 151 ? -8.066  1.818   -3.393  1.00 21.33 ? 565 ILE A CA  1 
ATOM   1070 C C   . ILE A 1 151 ? -7.739  3.200   -2.809  1.00 22.87 ? 565 ILE A C   1 
ATOM   1071 O O   . ILE A 1 151 ? -6.620  3.662   -2.906  1.00 22.66 ? 565 ILE A O   1 
ATOM   1072 C CB  . ILE A 1 151 ? -7.410  0.688   -2.509  1.00 21.39 ? 565 ILE A CB  1 
ATOM   1073 C CG1 . ILE A 1 151 ? -7.943  -0.666  -2.980  1.00 21.88 ? 565 ILE A CG1 1 
ATOM   1074 C CG2 . ILE A 1 151 ? -7.614  0.931   -1.071  1.00 22.44 ? 565 ILE A CG2 1 
ATOM   1075 C CD1 . ILE A 1 151 ? -7.201  -1.886  -2.409  1.00 21.82 ? 565 ILE A CD1 1 
ATOM   1076 N N   . ILE A 1 152 ? -8.766  3.843   -2.257  1.00 22.97 ? 566 ILE A N   1 
ATOM   1077 C CA  . ILE A 1 152 ? -8.616  5.166   -1.649  1.00 24.23 ? 566 ILE A CA  1 
ATOM   1078 C C   . ILE A 1 152 ? -9.319  5.144   -0.277  1.00 21.68 ? 566 ILE A C   1 
ATOM   1079 O O   . ILE A 1 152 ? -10.150 4.304   -0.043  1.00 24.52 ? 566 ILE A O   1 
ATOM   1080 C CB  . ILE A 1 152 ? -9.153  6.320   -2.554  1.00 23.69 ? 566 ILE A CB  1 
ATOM   1081 C CG1 . ILE A 1 152 ? -10.657 6.158   -2.682  1.00 27.31 ? 566 ILE A CG1 1 
ATOM   1082 C CG2 . ILE A 1 152 ? -8.506  6.248   -3.971  1.00 22.33 ? 566 ILE A CG2 1 
ATOM   1083 C CD1 . ILE A 1 152 ? -11.397 7.434   -3.233  1.00 27.53 ? 566 ILE A CD1 1 
ATOM   1084 N N   . PRO A 1 153 ? -8.943  6.048   0.639   1.00 23.76 ? 567 PRO A N   1 
ATOM   1085 C CA  . PRO A 1 153 ? -9.635  6.142   1.908   1.00 23.02 ? 567 PRO A CA  1 
ATOM   1086 C C   . PRO A 1 153 ? -11.088 6.570   1.684   1.00 26.56 ? 567 PRO A C   1 
ATOM   1087 O O   . PRO A 1 153 ? -11.355 7.355   0.785   1.00 27.44 ? 567 PRO A O   1 
ATOM   1088 C CB  . PRO A 1 153 ? -8.894  7.304   2.604   1.00 23.19 ? 567 PRO A CB  1 
ATOM   1089 C CG  . PRO A 1 153 ? -7.515  7.249   2.032   1.00 22.73 ? 567 PRO A CG  1 
ATOM   1090 C CD  . PRO A 1 153 ? -7.820  6.983   0.577   1.00 23.39 ? 567 PRO A CD  1 
ATOM   1091 N N   . LYS A 1 154 ? -11.974 6.045   2.512   1.00 27.93 ? 568 LYS A N   1 
ATOM   1092 C CA  . LYS A 1 154 ? -13.413 6.399   2.453   1.00 31.72 ? 568 LYS A CA  1 
ATOM   1093 C C   . LYS A 1 154 ? -13.604 7.908   2.499   1.00 32.09 ? 568 LYS A C   1 
ATOM   1094 O O   . LYS A 1 154 ? -14.457 8.462   1.778   1.00 34.01 ? 568 LYS A O   1 
ATOM   1095 C CB  . LYS A 1 154 ? -14.092 5.779   3.660   1.00 32.65 ? 568 LYS A CB  1 
ATOM   1096 C CG  . LYS A 1 154 ? -15.609 5.730   3.575   1.00 36.92 ? 568 LYS A CG  1 
ATOM   1097 C CD  . LYS A 1 154 ? -16.117 5.572   4.966   1.00 40.24 ? 568 LYS A CD  1 
ATOM   1098 C CE  . LYS A 1 154 ? -17.626 5.738   5.011   1.00 45.43 ? 568 LYS A CE  1 
ATOM   1099 N NZ  . LYS A 1 154 ? -18.038 5.731   6.443   1.00 45.91 ? 568 LYS A NZ  1 
ATOM   1100 N N   . ASP A 1 155 ? -12.828 8.562   3.353   1.00 32.96 ? 569 ASP A N   1 
ATOM   1101 C CA  . ASP A 1 155 ? -13.021 9.992   3.618   1.00 32.87 ? 569 ASP A CA  1 
ATOM   1102 C C   . ASP A 1 155 ? -12.613 10.857  2.450   1.00 32.65 ? 569 ASP A C   1 
ATOM   1103 O O   . ASP A 1 155 ? -12.874 12.072  2.472   1.00 32.39 ? 569 ASP A O   1 
ATOM   1104 C CB  . ASP A 1 155 ? -12.290 10.441  4.886   1.00 34.22 ? 569 ASP A CB  1 
ATOM   1105 C CG  . ASP A 1 155 ? -13.101 10.242  6.130   1.00 36.45 ? 569 ASP A CG  1 
ATOM   1106 O OD1 . ASP A 1 155 ? -14.074 9.464   6.117   1.00 40.91 ? 569 ASP A OD1 1 
ATOM   1107 O OD2 . ASP A 1 155 ? -12.758 10.893  7.140   1.00 43.79 ? 569 ASP A OD2 1 
ATOM   1108 N N   . ASN A 1 156 ? -12.052 10.238  1.400   1.00 32.17 ? 570 ASN A N   1 
ATOM   1109 C CA  . ASN A 1 156 ? -11.594 10.928  0.194   1.00 33.62 ? 570 ASN A CA  1 
ATOM   1110 C C   . ASN A 1 156 ? -12.472 10.695  -1.037  1.00 33.60 ? 570 ASN A C   1 
ATOM   1111 O O   . ASN A 1 156 ? -12.107 11.137  -2.136  1.00 35.48 ? 570 ASN A O   1 
ATOM   1112 C CB  . ASN A 1 156 ? -10.155 10.537  -0.208  1.00 31.35 ? 570 ASN A CB  1 
ATOM   1113 C CG  . ASN A 1 156 ? -9.063  11.124  0.713   1.00 32.62 ? 570 ASN A CG  1 
ATOM   1114 O OD1 . ASN A 1 156 ? -8.189  10.394  1.166   1.00 26.24 ? 570 ASN A OD1 1 
ATOM   1115 N ND2 . ASN A 1 156 ? -9.114  12.427  0.997   1.00 30.45 ? 570 ASN A ND2 1 
ATOM   1116 N N   . ILE A 1 157 ? -13.562 9.960   -0.870  1.00 36.35 ? 571 ILE A N   1 
ATOM   1117 C CA  . ILE A 1 157 ? -14.476 9.659   -1.963  1.00 38.65 ? 571 ILE A CA  1 
ATOM   1118 C C   . ILE A 1 157 ? -15.050 10.965  -2.533  1.00 40.62 ? 571 ILE A C   1 
ATOM   1119 O O   . ILE A 1 157 ? -15.218 11.068  -3.742  1.00 40.81 ? 571 ILE A O   1 
ATOM   1120 C CB  . ILE A 1 157 ? -15.679 8.772   -1.557  1.00 39.83 ? 571 ILE A CB  1 
ATOM   1121 C CG1 . ILE A 1 157 ? -15.240 7.394   -1.045  1.00 40.35 ? 571 ILE A CG1 1 
ATOM   1122 C CG2 . ILE A 1 157 ? -16.632 8.610   -2.760  1.00 41.07 ? 571 ILE A CG2 1 
ATOM   1123 C CD1 . ILE A 1 157 ? -16.278 6.784   -0.053  1.00 42.79 ? 571 ILE A CD1 1 
ATOM   1124 N N   . ASP A 1 158 ? -15.309 11.965  -1.683  1.00 43.11 ? 572 ASP A N   1 
ATOM   1125 C CA  . ASP A 1 158 ? -15.846 13.270  -2.162  1.00 45.09 ? 572 ASP A CA  1 
ATOM   1126 C C   . ASP A 1 158 ? -14.749 14.012  -2.922  1.00 45.60 ? 572 ASP A C   1 
ATOM   1127 O O   . ASP A 1 158 ? -14.996 14.967  -3.670  1.00 45.38 ? 572 ASP A O   1 
ATOM   1128 C CB  . ASP A 1 158 ? -16.321 14.166  -1.005  1.00 45.06 ? 572 ASP A CB  1 
ATOM   1129 C CG  . ASP A 1 158 ? -17.313 13.475  -0.058  1.00 48.23 ? 572 ASP A CG  1 
ATOM   1130 O OD1 . ASP A 1 158 ? -17.489 13.988  1.094   1.00 48.28 ? 572 ASP A OD1 1 
ATOM   1131 O OD2 . ASP A 1 158 ? -17.911 12.435  -0.434  1.00 51.46 ? 572 ASP A OD2 1 
ATOM   1132 N N   . ASP A 1 159 ? -13.524 13.554  -2.729  1.00 46.31 ? 573 ASP A N   1 
ATOM   1133 C CA  . ASP A 1 159 ? -12.370 14.270  -3.217  1.00 47.33 ? 573 ASP A CA  1 
ATOM   1134 C C   . ASP A 1 159 ? -11.950 13.875  -4.639  1.00 47.58 ? 573 ASP A C   1 
ATOM   1135 O O   . ASP A 1 159 ? -11.031 14.463  -5.209  1.00 47.98 ? 573 ASP A O   1 
ATOM   1136 C CB  . ASP A 1 159 ? -11.239 14.176  -2.179  1.00 47.66 ? 573 ASP A CB  1 
ATOM   1137 C CG  . ASP A 1 159 ? -11.653 14.762  -0.819  1.00 48.08 ? 573 ASP A CG  1 
ATOM   1138 O OD1 . ASP A 1 159 ? -12.388 15.782  -0.810  1.00 46.79 ? 573 ASP A OD1 1 
ATOM   1139 O OD2 . ASP A 1 159 ? -11.252 14.239  0.244   1.00 44.75 ? 573 ASP A OD2 1 
ATOM   1140 N N   . VAL A 1 160 ? -12.680 12.925  -5.226  1.00 47.93 ? 574 VAL A N   1 
ATOM   1141 C CA  . VAL A 1 160 ? -12.432 12.480  -6.598  1.00 49.18 ? 574 VAL A CA  1 
ATOM   1142 C C   . VAL A 1 160 ? -13.111 13.388  -7.643  1.00 50.48 ? 574 VAL A C   1 
ATOM   1143 O O   . VAL A 1 160 ? -14.315 13.240  -7.918  1.00 50.96 ? 574 VAL A O   1 
ATOM   1144 C CB  . VAL A 1 160 ? -12.928 11.033  -6.824  1.00 48.61 ? 574 VAL A CB  1 
ATOM   1145 C CG1 . VAL A 1 160 ? -12.495 10.542  -8.211  1.00 49.09 ? 574 VAL A CG1 1 
ATOM   1146 C CG2 . VAL A 1 160 ? -12.390 10.086  -5.743  1.00 49.24 ? 574 VAL A CG2 1 
ATOM   1147 N N   . LEU A 1 161 ? -12.342 14.314  -8.226  1.00 52.05 ? 575 LEU A N   1 
ATOM   1148 C CA  . LEU A 1 161 ? -12.859 15.245  -9.257  1.00 53.46 ? 575 LEU A CA  1 
ATOM   1149 C C   . LEU A 1 161 ? -12.415 14.786  -10.650 1.00 54.45 ? 575 LEU A C   1 
ATOM   1150 O O   . LEU A 1 161 ? -11.546 15.377  -11.301 1.00 54.10 ? 575 LEU A O   1 
ATOM   1151 C CB  . LEU A 1 161 ? -12.448 16.701  -8.973  1.00 53.47 ? 575 LEU A CB  1 
ATOM   1152 C CG  . LEU A 1 161 ? -12.619 17.337  -7.584  1.00 54.09 ? 575 LEU A CG  1 
ATOM   1153 C CD1 . LEU A 1 161 ? -13.681 16.672  -6.686  1.00 53.14 ? 575 LEU A CD1 1 
ATOM   1154 C CD2 . LEU A 1 161 ? -11.280 17.374  -6.871  1.00 55.29 ? 575 LEU A CD2 1 
ATOM   1155 N N   . LEU A 1 162 ? -13.070 13.722  -11.087 1.00 56.04 ? 576 LEU A N   1 
ATOM   1156 C CA  . LEU A 1 162 ? -12.621 12.860  -12.160 1.00 57.91 ? 576 LEU A CA  1 
ATOM   1157 C C   . LEU A 1 162 ? -12.501 13.560  -13.512 1.00 59.44 ? 576 LEU A C   1 
ATOM   1158 O O   . LEU A 1 162 ? -11.397 13.692  -14.070 1.00 59.97 ? 576 LEU A O   1 
ATOM   1159 C CB  . LEU A 1 162 ? -13.596 11.673  -12.271 1.00 57.84 ? 576 LEU A CB  1 
ATOM   1160 C CG  . LEU A 1 162 ? -14.501 11.400  -11.056 1.00 58.13 ? 576 LEU A CG  1 
ATOM   1161 C CD1 . LEU A 1 162 ? -15.666 12.351  -10.985 1.00 57.63 ? 576 LEU A CD1 1 
ATOM   1162 C CD2 . LEU A 1 162 ? -15.005 9.969   -11.071 1.00 57.96 ? 576 LEU A CD2 1 
ATOM   1163 N N   . ASP A 1 163 ? -13.646 14.028  -14.007 1.00 60.67 ? 577 ASP A N   1 
ATOM   1164 C CA  . ASP A 1 163 ? -13.850 14.330  -15.420 1.00 62.22 ? 577 ASP A CA  1 
ATOM   1165 C C   . ASP A 1 163 ? -15.313 13.957  -15.685 1.00 62.67 ? 577 ASP A C   1 
ATOM   1166 O O   . ASP A 1 163 ? -16.092 13.759  -14.744 1.00 63.22 ? 577 ASP A O   1 
ATOM   1167 C CB  . ASP A 1 163 ? -12.942 13.431  -16.279 1.00 62.47 ? 577 ASP A CB  1 
ATOM   1168 C CG  . ASP A 1 163 ? -12.458 14.106  -17.544 1.00 63.63 ? 577 ASP A CG  1 
ATOM   1169 O OD1 . ASP A 1 163 ? -12.811 13.623  -18.644 1.00 64.48 ? 577 ASP A OD1 1 
ATOM   1170 O OD2 . ASP A 1 163 ? -11.716 15.109  -17.439 1.00 65.27 ? 577 ASP A OD2 1 
ATOM   1171 N N   . ALA A 1 164 ? -15.671 13.846  -16.959 1.00 63.32 ? 578 ALA A N   1 
ATOM   1172 C CA  . ALA A 1 164 ? -16.882 13.129  -17.369 1.00 63.66 ? 578 ALA A CA  1 
ATOM   1173 C C   . ALA A 1 164 ? -16.490 11.947  -18.263 1.00 63.76 ? 578 ALA A C   1 
ATOM   1174 O O   . ALA A 1 164 ? -17.238 10.974  -18.383 1.00 64.18 ? 578 ALA A O   1 
ATOM   1175 C CB  . ALA A 1 164 ? -17.849 14.063  -18.091 1.00 63.86 ? 578 ALA A CB  1 
ATOM   1176 N N   . GLU A 1 165 ? -15.303 12.040  -18.865 1.00 63.61 ? 579 GLU A N   1 
ATOM   1177 C CA  . GLU A 1 165 ? -14.760 11.013  -19.765 1.00 63.88 ? 579 GLU A CA  1 
ATOM   1178 C C   . GLU A 1 165 ? -13.861 9.994   -19.038 1.00 63.60 ? 579 GLU A C   1 
ATOM   1179 O O   . GLU A 1 165 ? -13.455 8.980   -19.628 1.00 63.21 ? 579 GLU A O   1 
ATOM   1180 C CB  . GLU A 1 165 ? -13.976 11.683  -20.900 1.00 64.10 ? 579 GLU A CB  1 
ATOM   1181 C CG  . GLU A 1 165 ? -14.738 12.824  -21.591 1.00 65.64 ? 579 GLU A CG  1 
ATOM   1182 C CD  . GLU A 1 165 ? -13.874 14.062  -21.850 1.00 67.39 ? 579 GLU A CD  1 
ATOM   1183 O OE1 . GLU A 1 165 ? -13.014 14.029  -22.765 1.00 68.81 ? 579 GLU A OE1 1 
ATOM   1184 O OE2 . GLU A 1 165 ? -14.074 15.080  -21.145 1.00 67.13 ? 579 GLU A OE2 1 
ATOM   1185 N N   . HIS A 1 166 ? -13.556 10.276  -17.766 1.00 63.02 ? 580 HIS A N   1 
ATOM   1186 C CA  . HIS A 1 166 ? -12.735 9.399   -16.918 1.00 62.45 ? 580 HIS A CA  1 
ATOM   1187 C C   . HIS A 1 166 ? -13.550 8.508   -15.982 1.00 61.81 ? 580 HIS A C   1 
ATOM   1188 O O   . HIS A 1 166 ? -13.069 7.450   -15.581 1.00 61.87 ? 580 HIS A O   1 
ATOM   1189 C CB  . HIS A 1 166 ? -11.727 10.208  -16.101 1.00 62.75 ? 580 HIS A CB  1 
ATOM   1190 C CG  . HIS A 1 166 ? -10.547 10.679  -16.891 1.00 63.73 ? 580 HIS A CG  1 
ATOM   1191 N ND1 . HIS A 1 166 ? -9.259  10.259  -16.629 1.00 64.56 ? 580 HIS A ND1 1 
ATOM   1192 C CD2 . HIS A 1 166 ? -10.457 11.535  -17.936 1.00 64.88 ? 580 HIS A CD2 1 
ATOM   1193 C CE1 . HIS A 1 166 ? -8.427  10.839  -17.476 1.00 64.83 ? 580 HIS A CE1 1 
ATOM   1194 N NE2 . HIS A 1 166 ? -9.129  11.615  -18.283 1.00 65.93 ? 580 HIS A NE2 1 
ATOM   1195 N N   . GLU A 1 167 ? -14.759 8.939   -15.621 1.00 60.39 ? 581 GLU A N   1 
ATOM   1196 C CA  . GLU A 1 167 ? -15.684 8.092   -14.856 1.00 59.53 ? 581 GLU A CA  1 
ATOM   1197 C C   . GLU A 1 167 ? -16.554 7.200   -15.767 1.00 57.56 ? 581 GLU A C   1 
ATOM   1198 O O   . GLU A 1 167 ? -17.496 7.685   -16.415 1.00 58.51 ? 581 GLU A O   1 
ATOM   1199 C CB  . GLU A 1 167 ? -16.536 8.904   -13.846 1.00 59.42 ? 581 GLU A CB  1 
ATOM   1200 C CG  . GLU A 1 167 ? -17.326 10.141  -14.375 1.00 61.15 ? 581 GLU A CG  1 
ATOM   1201 C CD  . GLU A 1 167 ? -18.046 10.950  -13.253 1.00 61.10 ? 581 GLU A CD  1 
ATOM   1202 O OE1 . GLU A 1 167 ? -18.236 10.414  -12.136 1.00 62.40 ? 581 GLU A OE1 1 
ATOM   1203 O OE2 . GLU A 1 167 ? -18.424 12.129  -13.488 1.00 62.68 ? 581 GLU A OE2 1 
ATOM   1204 N N   . GLY A 1 168 ? -16.244 5.903   -15.833 1.00 54.92 ? 582 GLY A N   1 
ATOM   1205 C CA  . GLY A 1 168 ? -15.126 5.297   -15.120 1.00 50.63 ? 582 GLY A CA  1 
ATOM   1206 C C   . GLY A 1 168 ? -14.199 4.436   -15.965 1.00 47.45 ? 582 GLY A C   1 
ATOM   1207 O O   . GLY A 1 168 ? -14.557 3.334   -16.403 1.00 47.37 ? 582 GLY A O   1 
ATOM   1208 N N   . LYS A 1 169 ? -12.984 4.929   -16.177 1.00 43.79 ? 583 LYS A N   1 
ATOM   1209 C CA  . LYS A 1 169 ? -11.947 4.128   -16.810 1.00 40.86 ? 583 LYS A CA  1 
ATOM   1210 C C   . LYS A 1 169 ? -11.231 3.278   -15.757 1.00 37.76 ? 583 LYS A C   1 
ATOM   1211 O O   . LYS A 1 169 ? -10.303 2.551   -16.100 1.00 37.08 ? 583 LYS A O   1 
ATOM   1212 C CB  . LYS A 1 169 ? -10.949 5.020   -17.513 1.00 40.89 ? 583 LYS A CB  1 
ATOM   1213 C CG  . LYS A 1 169 ? -11.473 5.598   -18.836 1.00 43.04 ? 583 LYS A CG  1 
ATOM   1214 C CD  . LYS A 1 169 ? -10.597 6.741   -19.298 1.00 48.13 ? 583 LYS A CD  1 
ATOM   1215 C CE  . LYS A 1 169 ? -10.501 6.801   -20.817 1.00 50.84 ? 583 LYS A CE  1 
ATOM   1216 N NZ  . LYS A 1 169 ? -9.473  7.804   -21.260 1.00 53.12 ? 583 LYS A NZ  1 
ATOM   1217 N N   . ILE A 1 170 ? -11.699 3.358   -14.509 1.00 35.52 ? 584 ILE A N   1 
ATOM   1218 C CA  . ILE A 1 170 ? -11.105 2.612   -13.369 1.00 31.61 ? 584 ILE A CA  1 
ATOM   1219 C C   . ILE A 1 170 ? -12.148 2.366   -12.298 1.00 32.02 ? 584 ILE A C   1 
ATOM   1220 O O   . ILE A 1 170 ? -13.017 3.218   -12.061 1.00 32.56 ? 584 ILE A O   1 
ATOM   1221 C CB  . ILE A 1 170 ? -9.864  3.372   -12.783 1.00 31.81 ? 584 ILE A CB  1 
ATOM   1222 C CG1 . ILE A 1 170 ? -8.877  2.405   -12.142 1.00 29.88 ? 584 ILE A CG1 1 
ATOM   1223 C CG2 . ILE A 1 170 ? -10.269 4.518   -11.860 1.00 32.79 ? 584 ILE A CG2 1 
ATOM   1224 C CD1 . ILE A 1 170 ? -7.452  2.992   -11.972 1.00 28.77 ? 584 ILE A CD1 1 
ATOM   1225 N N   . GLU A 1 171 ? -12.047 1.215   -11.631 1.00 30.31 ? 585 GLU A N   1 
ATOM   1226 C CA  . GLU A 1 171 ? -12.895 0.918   -10.438 1.00 30.30 ? 585 GLU A CA  1 
ATOM   1227 C C   . GLU A 1 171 ? -12.312 1.559   -9.191  1.00 31.72 ? 585 GLU A C   1 
ATOM   1228 O O   . GLU A 1 171 ? -11.134 1.393   -8.900  1.00 30.86 ? 585 GLU A O   1 
ATOM   1229 C CB  . GLU A 1 171 ? -13.097 -0.586  -10.267 1.00 31.07 ? 585 GLU A CB  1 
ATOM   1230 C CG  . GLU A 1 171 ? -13.524 -1.045  -8.873  1.00 36.99 ? 585 GLU A CG  1 
ATOM   1231 C CD  . GLU A 1 171 ? -14.960 -0.682  -8.442  1.00 41.46 ? 585 GLU A CD  1 
ATOM   1232 O OE1 . GLU A 1 171 ? -15.725 -0.028  -9.212  1.00 46.87 ? 585 GLU A OE1 1 
ATOM   1233 O OE2 . GLU A 1 171 ? -15.330 -1.049  -7.301  1.00 42.62 ? 585 GLU A OE2 1 
ATOM   1234 N N   . VAL A 1 172 ? -13.103 2.354   -8.499  1.00 30.66 ? 586 VAL A N   1 
ATOM   1235 C CA  . VAL A 1 172 ? -12.629 2.991   -7.271  1.00 30.84 ? 586 VAL A CA  1 
ATOM   1236 C C   . VAL A 1 172 ? -13.131 2.169   -6.109  1.00 31.00 ? 586 VAL A C   1 
ATOM   1237 O O   . VAL A 1 172 ? -14.318 1.820   -6.052  1.00 32.31 ? 586 VAL A O   1 
ATOM   1238 C CB  . VAL A 1 172 ? -13.039 4.506   -7.186  1.00 32.17 ? 586 VAL A CB  1 
ATOM   1239 C CG1 . VAL A 1 172 ? -12.589 5.142   -5.881  1.00 31.49 ? 586 VAL A CG1 1 
ATOM   1240 C CG2 . VAL A 1 172 ? -12.425 5.261   -8.381  1.00 30.40 ? 586 VAL A CG2 1 
ATOM   1241 N N   . ILE A 1 173 ? -12.236 1.827   -5.184  1.00 29.77 ? 587 ILE A N   1 
ATOM   1242 C CA  . ILE A 1 173 ? -12.601 1.041   -4.031  1.00 28.12 ? 587 ILE A CA  1 
ATOM   1243 C C   . ILE A 1 173 ? -12.279 1.823   -2.753  1.00 29.70 ? 587 ILE A C   1 
ATOM   1244 O O   . ILE A 1 173 ? -11.125 1.933   -2.342  1.00 27.36 ? 587 ILE A O   1 
ATOM   1245 C CB  . ILE A 1 173 ? -11.815 -0.297  -3.990  1.00 27.76 ? 587 ILE A CB  1 
ATOM   1246 C CG1 . ILE A 1 173 ? -11.974 -1.099  -5.299  1.00 26.42 ? 587 ILE A CG1 1 
ATOM   1247 C CG2 . ILE A 1 173 ? -12.233 -1.107  -2.834  1.00 28.30 ? 587 ILE A CG2 1 
ATOM   1248 C CD1 . ILE A 1 173 ? -10.837 -2.137  -5.520  1.00 27.06 ? 587 ILE A CD1 1 
ATOM   1249 N N   . PRO A 1 174 ? -13.292 2.408   -2.106  1.00 28.81 ? 588 PRO A N   1 
ATOM   1250 C CA  . PRO A 1 174 ? -13.105 3.054   -0.830  1.00 28.80 ? 588 PRO A CA  1 
ATOM   1251 C C   . PRO A 1 174 ? -12.916 2.109   0.350   1.00 28.51 ? 588 PRO A C   1 
ATOM   1252 O O   . PRO A 1 174 ? -13.612 1.075   0.449   1.00 30.97 ? 588 PRO A O   1 
ATOM   1253 C CB  . PRO A 1 174 ? -14.408 3.845   -0.660  1.00 29.86 ? 588 PRO A CB  1 
ATOM   1254 C CG  . PRO A 1 174 ? -15.403 2.973   -1.425  1.00 30.50 ? 588 PRO A CG  1 
ATOM   1255 C CD  . PRO A 1 174 ? -14.682 2.531   -2.599  1.00 30.94 ? 588 PRO A CD  1 
ATOM   1256 N N   . VAL A 1 175 ? -11.998 2.474   1.241   1.00 27.25 ? 589 VAL A N   1 
ATOM   1257 C CA  . VAL A 1 175 ? -11.721 1.662   2.433   1.00 26.56 ? 589 VAL A CA  1 
ATOM   1258 C C   . VAL A 1 175 ? -11.601 2.486   3.721   1.00 25.94 ? 589 VAL A C   1 
ATOM   1259 O O   . VAL A 1 175 ? -11.125 3.625   3.686   1.00 25.53 ? 589 VAL A O   1 
ATOM   1260 C CB  . VAL A 1 175 ? -10.440 0.755   2.262   1.00 26.55 ? 589 VAL A CB  1 
ATOM   1261 C CG1 . VAL A 1 175 ? -10.657 -0.249  1.124   1.00 24.90 ? 589 VAL A CG1 1 
ATOM   1262 C CG2 . VAL A 1 175 ? -9.222  1.597   2.002   1.00 26.28 ? 589 VAL A CG2 1 
ATOM   1263 N N   . SER A 1 176 ? -11.981 1.892   4.843   1.00 26.57 ? 590 SER A N   1 
ATOM   1264 C CA  . SER A 1 176 ? -11.738 2.502   6.146   1.00 27.70 ? 590 SER A CA  1 
ATOM   1265 C C   . SER A 1 176 ? -10.717 1.800   7.018   1.00 25.53 ? 590 SER A C   1 
ATOM   1266 O O   . SER A 1 176 ? -10.213 2.399   7.966   1.00 26.97 ? 590 SER A O   1 
ATOM   1267 C CB  . SER A 1 176 ? -13.045 2.716   6.941   1.00 28.58 ? 590 SER A CB  1 
ATOM   1268 O OG  . SER A 1 176 ? -13.755 1.498   6.991   1.00 35.95 ? 590 SER A OG  1 
ATOM   1269 N N   . ARG A 1 177 ? -10.377 0.534   6.700   1.00 25.77 ? 591 ARG A N   1 
ATOM   1270 C CA  . ARG A 1 177 ? -9.488  -0.249  7.583   1.00 26.93 ? 591 ARG A CA  1 
ATOM   1271 C C   . ARG A 1 177 ? -8.555  -1.151  6.761   1.00 25.36 ? 591 ARG A C   1 
ATOM   1272 O O   . ARG A 1 177 ? -8.879  -1.460  5.633   1.00 24.19 ? 591 ARG A O   1 
ATOM   1273 C CB  . ARG A 1 177 ? -10.290 -1.144  8.519   1.00 28.64 ? 591 ARG A CB  1 
ATOM   1274 C CG  . ARG A 1 177 ? -10.963 -0.393  9.674   1.00 33.63 ? 591 ARG A CG  1 
ATOM   1275 C CD  . ARG A 1 177 ? -11.881 -1.331  10.426  1.00 39.95 ? 591 ARG A CD  1 
ATOM   1276 N NE  . ARG A 1 177 ? -12.672 -2.185  9.529   1.00 45.45 ? 591 ARG A NE  1 
ATOM   1277 C CZ  . ARG A 1 177 ? -13.902 -1.908  9.088   1.00 47.63 ? 591 ARG A CZ  1 
ATOM   1278 N NH1 . ARG A 1 177 ? -14.528 -0.785  9.450   1.00 46.88 ? 591 ARG A NH1 1 
ATOM   1279 N NH2 . ARG A 1 177 ? -14.514 -2.765  8.277   1.00 50.00 ? 591 ARG A NH2 1 
ATOM   1280 N N   . ILE A 1 178 ? -7.424  -1.540  7.346   1.00 24.49 ? 592 ILE A N   1 
ATOM   1281 C CA  . ILE A 1 178 ? -6.412  -2.258  6.600   1.00 26.09 ? 592 ILE A CA  1 
ATOM   1282 C C   . ILE A 1 178 ? -6.891  -3.631  6.151   1.00 26.00 ? 592 ILE A C   1 
ATOM   1283 O O   . ILE A 1 178 ? -6.509  -4.094  5.074   1.00 26.29 ? 592 ILE A O   1 
ATOM   1284 C CB  . ILE A 1 178 ? -5.005  -2.284  7.320   1.00 26.49 ? 592 ILE A CB  1 
ATOM   1285 C CG1 . ILE A 1 178 ? -3.962  -2.933  6.404   1.00 27.48 ? 592 ILE A CG1 1 
ATOM   1286 C CG2 . ILE A 1 178 ? -5.096  -2.926  8.677   1.00 27.50 ? 592 ILE A CG2 1 
ATOM   1287 C CD1 . ILE A 1 178 ? -3.492  -1.994  5.206   1.00 30.07 ? 592 ILE A CD1 1 
ATOM   1288 N N   . ASN A 1 179 ? -7.781  -4.244  6.916   1.00 26.78 ? 593 ASN A N   1 
ATOM   1289 C CA  . ASN A 1 179 ? -8.201  -5.596  6.519   1.00 27.98 ? 593 ASN A CA  1 
ATOM   1290 C C   . ASN A 1 179 ? -8.968  -5.545  5.208   1.00 27.36 ? 593 ASN A C   1 
ATOM   1291 O O   . ASN A 1 179 ? -8.902  -6.434  4.383   1.00 28.63 ? 593 ASN A O   1 
ATOM   1292 C CB  . ASN A 1 179 ? -9.010  -6.256  7.647   1.00 28.87 ? 593 ASN A CB  1 
ATOM   1293 C CG  . ASN A 1 179 ? -10.174 -5.415  8.082   1.00 33.05 ? 593 ASN A CG  1 
ATOM   1294 O OD1 . ASN A 1 179 ? -9.976  -4.343  8.656   1.00 39.10 ? 593 ASN A OD1 1 
ATOM   1295 N ND2 . ASN A 1 179 ? -11.389 -5.889  7.845   1.00 37.98 ? 593 ASN A ND2 1 
ATOM   1296 N N   . GLU A 1 180 ? -9.675  -4.452  4.957   1.00 28.67 ? 594 GLU A N   1 
ATOM   1297 C CA  . GLU A 1 180 ? -10.347 -4.246  3.671   1.00 27.34 ? 594 GLU A CA  1 
ATOM   1298 C C   . GLU A 1 180 ? -9.389  -4.148  2.423   1.00 27.38 ? 594 GLU A C   1 
ATOM   1299 O O   . GLU A 1 180 ? -9.676  -4.603  1.315   1.00 26.91 ? 594 GLU A O   1 
ATOM   1300 C CB  . GLU A 1 180 ? -11.198 -2.976  3.744   1.00 30.42 ? 594 GLU A CB  1 
ATOM   1301 C CG  . GLU A 1 180 ? -12.347 -3.004  4.740   1.00 31.89 ? 594 GLU A CG  1 
ATOM   1302 C CD  . GLU A 1 180 ? -13.066 -1.688  4.693   1.00 35.84 ? 594 GLU A CD  1 
ATOM   1303 O OE1 . GLU A 1 180 ? -12.565 -0.758  5.326   1.00 33.09 ? 594 GLU A OE1 1 
ATOM   1304 O OE2 . GLU A 1 180 ? -14.065 -1.578  3.947   1.00 38.64 ? 594 GLU A OE2 1 
ATOM   1305 N N   . VAL A 1 181 ? -8.265  -3.472  2.628   1.00 24.35 ? 595 VAL A N   1 
ATOM   1306 C CA  . VAL A 1 181 ? -7.269  -3.344  1.616   1.00 23.07 ? 595 VAL A CA  1 
ATOM   1307 C C   . VAL A 1 181 ? -6.834  -4.789  1.320   1.00 22.35 ? 595 VAL A C   1 
ATOM   1308 O O   . VAL A 1 181 ? -6.732  -5.150  0.165   1.00 22.39 ? 595 VAL A O   1 
ATOM   1309 C CB  . VAL A 1 181 ? -6.081  -2.470  2.136   1.00 22.54 ? 595 VAL A CB  1 
ATOM   1310 C CG1 . VAL A 1 181 ? -4.905  -2.502  1.195   1.00 25.62 ? 595 VAL A CG1 1 
ATOM   1311 C CG2 . VAL A 1 181 ? -6.523  -1.050  2.378   1.00 21.55 ? 595 VAL A CG2 1 
ATOM   1312 N N   . LEU A 1 182 ? -6.597  -5.573  2.375   1.00 23.19 ? 596 LEU A N   1 
ATOM   1313 C CA  . LEU A 1 182 ? -6.018  -6.923  2.177   1.00 23.80 ? 596 LEU A CA  1 
ATOM   1314 C C   . LEU A 1 182 ? -7.041  -7.832  1.503   1.00 25.62 ? 596 LEU A C   1 
ATOM   1315 O O   . LEU A 1 182 ? -6.706  -8.568  0.575   1.00 25.87 ? 596 LEU A O   1 
ATOM   1316 C CB  . LEU A 1 182 ? -5.553  -7.536  3.491   1.00 23.53 ? 596 LEU A CB  1 
ATOM   1317 C CG  . LEU A 1 182 ? -4.487  -6.777  4.249   1.00 24.86 ? 596 LEU A CG  1 
ATOM   1318 C CD1 . LEU A 1 182 ? -4.147  -7.483  5.491   1.00 26.36 ? 596 LEU A CD1 1 
ATOM   1319 C CD2 . LEU A 1 182 ? -3.273  -6.628  3.351   1.00 22.45 ? 596 LEU A CD2 1 
ATOM   1320 N N   . GLU A 1 183 ? -8.309  -7.734  1.898   1.00 27.29 ? 597 GLU A N   1 
ATOM   1321 C CA  . GLU A 1 183 ? -9.342  -8.496  1.181   1.00 29.24 ? 597 GLU A CA  1 
ATOM   1322 C C   . GLU A 1 183 ? -9.327  -8.189  -0.295  1.00 28.49 ? 597 GLU A C   1 
ATOM   1323 O O   . GLU A 1 183 ? -9.469  -9.083  -1.139  1.00 30.23 ? 597 GLU A O   1 
ATOM   1324 C CB  . GLU A 1 183 ? -10.736 -8.154  1.723   1.00 30.72 ? 597 GLU A CB  1 
ATOM   1325 C CG  . GLU A 1 183 ? -10.949 -8.477  3.215   1.00 35.80 ? 597 GLU A CG  1 
ATOM   1326 C CD  . GLU A 1 183 ? -11.298 -9.929  3.536   1.00 41.72 ? 597 GLU A CD  1 
ATOM   1327 O OE1 . GLU A 1 183 ? -11.423 -10.769 2.615   1.00 42.39 ? 597 GLU A OE1 1 
ATOM   1328 O OE2 . GLU A 1 183 ? -11.443 -10.234 4.749   1.00 47.43 ? 597 GLU A OE2 1 
ATOM   1329 N N   . HIS A 1 184 ? -9.162  -6.920  -0.663  1.00 27.94 ? 598 HIS A N   1 
ATOM   1330 C CA  . HIS A 1 184 ? -9.168  -6.524  -2.072  1.00 27.18 ? 598 HIS A CA  1 
ATOM   1331 C C   . HIS A 1 184 ? -7.926  -6.789  -2.921  1.00 28.34 ? 598 HIS A C   1 
ATOM   1332 O O   . HIS A 1 184 ? -7.990  -6.685  -4.169  1.00 31.42 ? 598 HIS A O   1 
ATOM   1333 C CB  . HIS A 1 184 ? -9.521  -5.045  -2.160  1.00 28.42 ? 598 HIS A CB  1 
ATOM   1334 C CG  . HIS A 1 184 ? -10.977 -4.799  -1.990  1.00 31.32 ? 598 HIS A CG  1 
ATOM   1335 N ND1 . HIS A 1 184 ? -11.520 -4.333  -0.815  1.00 36.94 ? 598 HIS A ND1 1 
ATOM   1336 C CD2 . HIS A 1 184 ? -12.013 -5.066  -2.812  1.00 36.72 ? 598 HIS A CD2 1 
ATOM   1337 C CE1 . HIS A 1 184 ? -12.831 -4.260  -0.945  1.00 37.82 ? 598 HIS A CE1 1 
ATOM   1338 N NE2 . HIS A 1 184 ? -13.153 -4.699  -2.146  1.00 35.64 ? 598 HIS A NE2 1 
ATOM   1339 N N   . VAL A 1 185 ? -6.773  -7.010  -2.288  1.00 24.87 ? 599 VAL A N   1 
ATOM   1340 C CA  . VAL A 1 185 ? -5.562  -7.174  -3.088  1.00 22.78 ? 599 VAL A CA  1 
ATOM   1341 C C   . VAL A 1 185 ? -4.817  -8.483  -2.947  1.00 21.19 ? 599 VAL A C   1 
ATOM   1342 O O   . VAL A 1 185 ? -4.037  -8.808  -3.834  1.00 21.74 ? 599 VAL A O   1 
ATOM   1343 C CB  . VAL A 1 185 ? -4.521  -6.029  -2.900  1.00 22.37 ? 599 VAL A CB  1 
ATOM   1344 C CG1 . VAL A 1 185 ? -5.191  -4.706  -3.177  1.00 24.90 ? 599 VAL A CG1 1 
ATOM   1345 C CG2 . VAL A 1 185 ? -3.860  -6.055  -1.480  1.00 21.93 ? 599 VAL A CG2 1 
ATOM   1346 N N   . LEU A 1 186 ? -5.015  -9.184  -1.858  1.00 20.92 ? 600 LEU A N   1 
ATOM   1347 C CA  . LEU A 1 186 ? -4.265  -10.458 -1.667  1.00 20.99 ? 600 LEU A CA  1 
ATOM   1348 C C   . LEU A 1 186 ? -4.891  -11.544 -2.487  1.00 23.31 ? 600 LEU A C   1 
ATOM   1349 O O   . LEU A 1 186 ? -6.130  -11.622 -2.602  1.00 23.66 ? 600 LEU A O   1 
ATOM   1350 C CB  . LEU A 1 186 ? -4.247  -10.912 -0.233  1.00 20.93 ? 600 LEU A CB  1 
ATOM   1351 C CG  . LEU A 1 186 ? -3.486  -9.930  0.706   1.00 21.22 ? 600 LEU A CG  1 
ATOM   1352 C CD1 . LEU A 1 186 ? -3.495  -10.537 2.095   1.00 21.31 ? 600 LEU A CD1 1 
ATOM   1353 C CD2 . LEU A 1 186 ? -2.071  -9.805  0.232   1.00 19.55 ? 600 LEU A CD2 1 
ATOM   1354 N N   . GLU A 1 187 ? -4.020  -12.382 -3.050  1.00 24.18 ? 601 GLU A N   1 
ATOM   1355 C CA  . GLU A 1 187 ? -4.505  -13.528 -3.866  1.00 24.64 ? 601 GLU A CA  1 
ATOM   1356 C C   . GLU A 1 187 ? -5.356  -14.434 -2.993  1.00 24.39 ? 601 GLU A C   1 
ATOM   1357 O O   . GLU A 1 187 ? -4.990  -14.796 -1.888  1.00 24.65 ? 601 GLU A O   1 
ATOM   1358 C CB  . GLU A 1 187 ? -3.291  -14.285 -4.342  1.00 23.34 ? 601 GLU A CB  1 
ATOM   1359 C CG  . GLU A 1 187 ? -3.553  -15.362 -5.441  1.00 27.52 ? 601 GLU A CG  1 
ATOM   1360 C CD  . GLU A 1 187 ? -2.227  -15.991 -5.822  1.00 27.06 ? 601 GLU A CD  1 
ATOM   1361 O OE1 . GLU A 1 187 ? -1.798  -16.983 -5.180  1.00 38.75 ? 601 GLU A OE1 1 
ATOM   1362 O OE2 . GLU A 1 187 ? -1.558  -15.457 -6.695  1.00 37.00 ? 601 GLU A OE2 1 
ATOM   1363 N N   . ASP A 1 188 ? -6.476  -14.882 -3.551  1.00 27.01 ? 602 ASP A N   1 
ATOM   1364 C CA  . ASP A 1 188 ? -7.356  -15.750 -2.820  1.00 28.79 ? 602 ASP A CA  1 
ATOM   1365 C C   . ASP A 1 188 ? -6.659  -17.088 -2.575  1.00 27.72 ? 602 ASP A C   1 
ATOM   1366 O O   . ASP A 1 188 ? -5.880  -17.565 -3.409  1.00 27.85 ? 602 ASP A O   1 
ATOM   1367 C CB  . ASP A 1 188 ? -8.643  -15.954 -3.603  1.00 31.77 ? 602 ASP A CB  1 
ATOM   1368 C CG  . ASP A 1 188 ? -9.631  -14.815 -3.395  1.00 35.80 ? 602 ASP A CG  1 
ATOM   1369 O OD1 . ASP A 1 188 ? -9.731  -14.259 -2.259  1.00 40.61 ? 602 ASP A OD1 1 
ATOM   1370 O OD2 . ASP A 1 188 ? -10.318 -14.482 -4.372  1.00 41.60 ? 602 ASP A OD2 1 
ATOM   1371 N N   . GLY A 1 189 ? -6.921  -17.650 -1.407  1.00 28.82 ? 603 GLY A N   1 
ATOM   1372 C CA  . GLY A 1 189 ? -6.428  -18.991 -1.058  1.00 27.95 ? 603 GLY A CA  1 
ATOM   1373 C C   . GLY A 1 189 ? -6.436  -19.224 0.423   1.00 29.68 ? 603 GLY A C   1 
ATOM   1374 O O   . GLY A 1 189 ? -6.974  -18.403 1.172   1.00 30.01 ? 603 GLY A O   1 
ATOM   1375 N N   . LYS A 1 190 ? -5.788  -20.312 0.844   1.00 29.58 ? 604 LYS A N   1 
ATOM   1376 C CA  . LYS A 1 190 ? -5.897  -20.741 2.236   1.00 30.87 ? 604 LYS A CA  1 
ATOM   1377 C C   . LYS A 1 190 ? -5.112  -19.803 3.149   1.00 30.87 ? 604 LYS A C   1 
ATOM   1378 O O   . LYS A 1 190 ? -5.578  -19.481 4.253   1.00 32.10 ? 604 LYS A O   1 
ATOM   1379 C CB  . LYS A 1 190 ? -5.444  -22.215 2.388   1.00 33.06 ? 604 LYS A CB  1 
ATOM   1380 C CG  . LYS A 1 190 ? -6.349  -23.128 1.613   1.00 34.91 ? 604 LYS A CG  1 
ATOM   1381 C CD  . LYS A 1 190 ? -5.966  -24.582 1.797   1.00 39.48 ? 604 LYS A CD  1 
ATOM   1382 C CE  . LYS A 1 190 ? -6.917  -25.456 0.982   1.00 41.05 ? 604 LYS A CE  1 
ATOM   1383 N NZ  . LYS A 1 190 ? -8.251  -25.470 1.659   1.00 42.02 ? 604 LYS A NZ  1 
ATOM   1384 N N   . LYS A 1 191 ? -3.959  -19.341 2.647   1.00 30.69 ? 605 LYS A N   1 
ATOM   1385 C CA  . LYS A 1 191 ? -3.132  -18.419 3.389   1.00 29.60 ? 605 LYS A CA  1 
ATOM   1386 C C   . LYS A 1 191 ? -3.865  -17.100 3.589   1.00 28.84 ? 605 LYS A C   1 
ATOM   1387 O O   . LYS A 1 191 ? -3.886  -16.581 4.701   1.00 28.89 ? 605 LYS A O   1 
ATOM   1388 C CB  . LYS A 1 191 ? -1.829  -18.167 2.657   1.00 30.57 ? 605 LYS A CB  1 
ATOM   1389 C CG  . LYS A 1 191 ? -0.762  -19.192 2.870   1.00 33.83 ? 605 LYS A CG  1 
ATOM   1390 C CD  . LYS A 1 191 ? 0.492   -18.656 2.173   1.00 35.03 ? 605 LYS A CD  1 
ATOM   1391 C CE  . LYS A 1 191 ? 1.748   -19.008 2.899   1.00 39.71 ? 605 LYS A CE  1 
ATOM   1392 N NZ  . LYS A 1 191 ? 2.899   -18.795 1.948   1.00 41.06 ? 605 LYS A NZ  1 
ATOM   1393 N N   . LYS A 1 192 ? -4.505  -16.583 2.553   1.00 27.83 ? 606 LYS A N   1 
ATOM   1394 C CA  . LYS A 1 192 ? -5.291  -15.350 2.704   1.00 26.34 ? 606 LYS A CA  1 
ATOM   1395 C C   . LYS A 1 192 ? -6.417  -15.588 3.727   1.00 27.50 ? 606 LYS A C   1 
ATOM   1396 O O   . LYS A 1 192 ? -6.675  -14.746 4.595   1.00 30.03 ? 606 LYS A O   1 
ATOM   1397 C CB  . LYS A 1 192 ? -5.874  -14.879 1.379   1.00 26.29 ? 606 LYS A CB  1 
ATOM   1398 C CG  . LYS A 1 192 ? -6.770  -13.655 1.467   1.00 24.02 ? 606 LYS A CG  1 
ATOM   1399 C CD  . LYS A 1 192 ? -7.241  -13.233 0.117   1.00 24.69 ? 606 LYS A CD  1 
ATOM   1400 C CE  . LYS A 1 192 ? -8.163  -12.040 0.206   1.00 27.78 ? 606 LYS A CE  1 
ATOM   1401 N NZ  . LYS A 1 192 ? -8.597  -11.678 -1.141  1.00 26.32 ? 606 LYS A NZ  1 
ATOM   1402 N N   . ASN A 1 193 ? -7.063  -16.763 3.676   1.00 28.45 ? 607 ASN A N   1 
ATOM   1403 C CA  . ASN A 1 193 ? -8.175  -16.999 4.599   1.00 30.66 ? 607 ASN A CA  1 
ATOM   1404 C C   . ASN A 1 193 ? -7.755  -17.021 6.059   1.00 30.22 ? 607 ASN A C   1 
ATOM   1405 O O   . ASN A 1 193 ? -8.444  -16.429 6.894   1.00 32.58 ? 607 ASN A O   1 
ATOM   1406 C CB  . ASN A 1 193 ? -8.866  -18.294 4.220   1.00 31.04 ? 607 ASN A CB  1 
ATOM   1407 C CG  . ASN A 1 193 ? -9.630  -18.174 2.931   1.00 32.48 ? 607 ASN A CG  1 
ATOM   1408 O OD1 . ASN A 1 193 ? -9.967  -17.065 2.473   1.00 35.98 ? 607 ASN A OD1 1 
ATOM   1409 N ND2 . ASN A 1 193 ? -9.968  -19.327 2.353   1.00 37.96 ? 607 ASN A ND2 1 
ATOM   1410 N N   . ARG A 1 194 ? -6.648  -17.692 6.343   1.00 31.03 ? 608 ARG A N   1 
ATOM   1411 C CA  . ARG A 1 194 ? -6.078  -17.779 7.669   1.00 32.24 ? 608 ARG A CA  1 
ATOM   1412 C C   . ARG A 1 194 ? -5.798  -16.339 8.145   1.00 31.87 ? 608 ARG A C   1 
ATOM   1413 O O   . ARG A 1 194 ? -6.163  -15.962 9.269   1.00 32.15 ? 608 ARG A O   1 
ATOM   1414 C CB  . ARG A 1 194 ? -4.790  -18.576 7.570   1.00 32.92 ? 608 ARG A CB  1 
ATOM   1415 C CG  . ARG A 1 194 ? -4.062  -18.962 8.845   1.00 35.66 ? 608 ARG A CG  1 
ATOM   1416 C CD  . ARG A 1 194 ? -2.772  -19.764 8.444   1.00 38.00 ? 608 ARG A CD  1 
ATOM   1417 N NE  . ARG A 1 194 ? -3.087  -20.861 7.522   1.00 46.41 ? 608 ARG A NE  1 
ATOM   1418 C CZ  . ARG A 1 194 ? -2.249  -21.395 6.629   1.00 48.51 ? 608 ARG A CZ  1 
ATOM   1419 N NH1 . ARG A 1 194 ? -0.989  -20.954 6.509   1.00 50.25 ? 608 ARG A NH1 1 
ATOM   1420 N NH2 . ARG A 1 194 ? -2.677  -22.384 5.848   1.00 49.92 ? 608 ARG A NH2 1 
ATOM   1421 N N   . LEU A 1 195 ? -5.143  -15.554 7.293   1.00 30.04 ? 609 LEU A N   1 
ATOM   1422 C CA  . LEU A 1 195 ? -4.761  -14.173 7.670   1.00 29.09 ? 609 LEU A CA  1 
ATOM   1423 C C   . LEU A 1 195 ? -5.950  -13.315 8.001   1.00 30.48 ? 609 LEU A C   1 
ATOM   1424 O O   . LEU A 1 195 ? -5.960  -12.590 9.017   1.00 29.55 ? 609 LEU A O   1 
ATOM   1425 C CB  . LEU A 1 195 ? -3.931  -13.522 6.558   1.00 27.78 ? 609 LEU A CB  1 
ATOM   1426 C CG  . LEU A 1 195 ? -3.381  -12.146 6.991   1.00 24.86 ? 609 LEU A CG  1 
ATOM   1427 C CD1 . LEU A 1 195 ? -2.417  -12.326 8.064   1.00 27.40 ? 609 LEU A CD1 1 
ATOM   1428 C CD2 . LEU A 1 195 ? -2.756  -11.591 5.792   1.00 26.15 ? 609 LEU A CD2 1 
ATOM   1429 N N   . MET A 1 196 ? -6.971  -13.383 7.157   1.00 31.91 ? 610 MET A N   1 
ATOM   1430 C CA  . MET A 1 196 ? -8.159  -12.571 7.358   1.00 33.18 ? 610 MET A CA  1 
ATOM   1431 C C   . MET A 1 196 ? -8.903  -12.951 8.620   1.00 34.41 ? 610 MET A C   1 
ATOM   1432 O O   . MET A 1 196 ? -9.551  -12.099 9.204   1.00 35.48 ? 610 MET A O   1 
ATOM   1433 C CB  . MET A 1 196 ? -9.113  -12.645 6.154   1.00 33.85 ? 610 MET A CB  1 
ATOM   1434 C CG  . MET A 1 196 ? -8.562  -12.141 4.779   1.00 32.35 ? 610 MET A CG  1 
ATOM   1435 S SD  . MET A 1 196 ? -8.087  -10.390 4.714   1.00 42.27 ? 610 MET A SD  1 
ATOM   1436 C CE  . MET A 1 196 ? -6.570  -10.623 5.447   1.00 24.23 ? 610 MET A CE  1 
ATOM   1437 N N   . SER A 1 197 ? -8.817  -14.213 9.021   1.00 35.71 ? 611 SER A N   1 
ATOM   1438 C CA  . SER A 1 197 ? -9.444  -14.677 10.274  1.00 36.44 ? 611 SER A CA  1 
ATOM   1439 C C   . SER A 1 197 ? -8.784  -13.984 11.477  1.00 36.79 ? 611 SER A C   1 
ATOM   1440 O O   . SER A 1 197 ? -9.422  -13.739 12.503  1.00 36.99 ? 611 SER A O   1 
ATOM   1441 C CB  . SER A 1 197 ? -9.375  -16.205 10.411  1.00 36.61 ? 611 SER A CB  1 
ATOM   1442 O OG  . SER A 1 197 ? -8.205  -16.649 11.104  1.00 40.70 ? 611 SER A OG  1 
ATOM   1443 N N   . LYS A 1 198 ? -7.509  -13.643 11.335  1.00 36.24 ? 612 LYS A N   1 
ATOM   1444 C CA  . LYS A 1 198 ? -6.784  -12.997 12.429  1.00 37.18 ? 612 LYS A CA  1 
ATOM   1445 C C   . LYS A 1 198 ? -7.167  -11.533 12.573  1.00 38.25 ? 612 LYS A C   1 
ATOM   1446 O O   . LYS A 1 198 ? -6.974  -10.945 13.633  1.00 38.05 ? 612 LYS A O   1 
ATOM   1447 C CB  . LYS A 1 198 ? -5.267  -13.162 12.263  1.00 36.88 ? 612 LYS A CB  1 
ATOM   1448 C CG  . LYS A 1 198 ? -4.794  -14.596 12.448  1.00 36.06 ? 612 LYS A CG  1 
ATOM   1449 C CD  . LYS A 1 198 ? -3.302  -14.744 12.256  1.00 35.10 ? 612 LYS A CD  1 
ATOM   1450 C CE  . LYS A 1 198 ? -2.886  -16.136 12.618  1.00 39.08 ? 612 LYS A CE  1 
ATOM   1451 N NZ  . LYS A 1 198 ? -3.677  -17.067 11.779  1.00 38.74 ? 612 LYS A NZ  1 
ATOM   1452 N N   . PHE A 1 199 ? -7.723  -10.953 11.514  1.00 40.43 ? 613 PHE A N   1 
ATOM   1453 C CA  . PHE A 1 199 ? -8.162  -9.548  11.532  1.00 42.09 ? 613 PHE A CA  1 
ATOM   1454 C C   . PHE A 1 199 ? -9.621  -9.337  11.935  1.00 43.63 ? 613 PHE A C   1 
ATOM   1455 O O   . PHE A 1 199 ? -10.071 -8.204  12.071  1.00 43.95 ? 613 PHE A O   1 
ATOM   1456 C CB  . PHE A 1 199 ? -7.903  -8.901  10.181  1.00 42.33 ? 613 PHE A CB  1 
ATOM   1457 C CG  . PHE A 1 199 ? -6.480  -8.522  9.980   1.00 41.70 ? 613 PHE A CG  1 
ATOM   1458 C CD1 . PHE A 1 199 ? -5.928  -7.436  10.654  1.00 42.54 ? 613 PHE A CD1 1 
ATOM   1459 C CD2 . PHE A 1 199 ? -5.666  -9.273  9.164   1.00 43.33 ? 613 PHE A CD2 1 
ATOM   1460 C CE1 . PHE A 1 199 ? -4.596  -7.104  10.485  1.00 40.45 ? 613 PHE A CE1 1 
ATOM   1461 C CE2 . PHE A 1 199 ? -4.338  -8.937  8.979   1.00 42.23 ? 613 PHE A CE2 1 
ATOM   1462 C CZ  . PHE A 1 199 ? -3.794  -7.854  9.650   1.00 43.47 ? 613 PHE A CZ  1 
ATOM   1463 N N   . LYS A 1 200 ? -10.352 -10.426 12.134  1.00 45.87 ? 614 LYS A N   1 
ATOM   1464 C CA  . LYS A 1 200 ? -11.747 -10.345 12.549  1.00 47.19 ? 614 LYS A CA  1 
ATOM   1465 C C   . LYS A 1 200 ? -11.889 -9.504  13.820  1.00 48.31 ? 614 LYS A C   1 
ATOM   1466 O O   . LYS A 1 200 ? -12.902 -8.847  14.037  1.00 48.09 ? 614 LYS A O   1 
ATOM   1467 C CB  . LYS A 1 200 ? -12.310 -11.744 12.773  1.00 47.55 ? 614 LYS A CB  1 
ATOM   1468 C CG  . LYS A 1 200 ? -12.430 -12.541 11.500  1.00 48.52 ? 614 LYS A CG  1 
ATOM   1469 C CD  . LYS A 1 200 ? -12.831 -13.987 11.795  1.00 49.23 ? 614 LYS A CD  1 
ATOM   1470 C CE  . LYS A 1 200 ? -13.204 -14.685 10.499  1.00 46.40 ? 614 LYS A CE  1 
ATOM   1471 N NZ  . LYS A 1 200 ? -13.794 -15.991 10.792  1.00 46.93 ? 614 LYS A NZ  1 
ATOM   1472 N N   . GLU A 1 201 ? -10.866 -9.525  14.665  1.00 49.46 ? 615 GLU A N   1 
ATOM   1473 C CA  . GLU A 1 201 ? -10.910 -8.719  15.869  1.00 50.35 ? 615 GLU A CA  1 
ATOM   1474 C C   . GLU A 1 201 ? -10.747 -7.240  15.553  1.00 50.67 ? 615 GLU A C   1 
ATOM   1475 O O   . GLU A 1 201 ? -11.194 -6.394  16.318  1.00 50.63 ? 615 GLU A O   1 
ATOM   1476 C CB  . GLU A 1 201 ? -9.878  -9.193  16.873  1.00 51.03 ? 615 GLU A CB  1 
ATOM   1477 C CG  . GLU A 1 201 ? -10.301 -10.485 17.539  1.00 53.84 ? 615 GLU A CG  1 
ATOM   1478 C CD  . GLU A 1 201 ? -9.231  -11.042 18.430  1.00 59.06 ? 615 GLU A CD  1 
ATOM   1479 O OE1 . GLU A 1 201 ? -9.403  -10.984 19.677  1.00 61.48 ? 615 GLU A OE1 1 
ATOM   1480 O OE2 . GLU A 1 201 ? -8.210  -11.521 17.881  1.00 60.86 ? 615 GLU A OE2 1 
ATOM   1481 N N   . LEU A 1 202 ? -10.125 -6.934  14.418  1.00 50.39 ? 616 LEU A N   1 
ATOM   1482 C CA  . LEU A 1 202 ? -9.990  -5.548  13.977  1.00 50.82 ? 616 LEU A CA  1 
ATOM   1483 C C   . LEU A 1 202 ? -11.319 -5.050  13.428  1.00 51.28 ? 616 LEU A C   1 
ATOM   1484 O O   . LEU A 1 202 ? -11.681 -3.897  13.656  1.00 51.70 ? 616 LEU A O   1 
ATOM   1485 C CB  . LEU A 1 202 ? -8.907  -5.421  12.901  1.00 50.20 ? 616 LEU A CB  1 
ATOM   1486 C CG  . LEU A 1 202 ? -8.026  -4.170  12.863  1.00 50.82 ? 616 LEU A CG  1 
ATOM   1487 C CD1 . LEU A 1 202 ? -7.089  -4.262  11.675  1.00 48.67 ? 616 LEU A CD1 1 
ATOM   1488 C CD2 . LEU A 1 202 ? -8.800  -2.860  12.825  1.00 50.26 ? 616 LEU A CD2 1 
ATOM   1489 N N   . GLU A 1 203 ? -12.026 -5.915  12.695  1.00 51.57 ? 617 GLU A N   1 
ATOM   1490 C CA  . GLU A 1 203 ? -13.384 -5.634  12.226  1.00 52.30 ? 617 GLU A CA  1 
ATOM   1491 C C   . GLU A 1 203 ? -14.287 -5.308  13.423  1.00 52.57 ? 617 GLU A C   1 
ATOM   1492 O O   . GLU A 1 203 ? -15.101 -4.382  13.366  1.00 52.49 ? 617 GLU A O   1 
ATOM   1493 C CB  . GLU A 1 203 ? -13.980 -6.849  11.513  1.00 52.09 ? 617 GLU A CB  1 
ATOM   1494 C CG  . GLU A 1 203 ? -13.311 -7.299  10.211  1.00 53.26 ? 617 GLU A CG  1 
ATOM   1495 C CD  . GLU A 1 203 ? -13.965 -8.554  9.607   1.00 53.79 ? 617 GLU A CD  1 
ATOM   1496 O OE1 . GLU A 1 203 ? -15.141 -8.852  9.944   1.00 54.96 ? 617 GLU A OE1 1 
ATOM   1497 O OE2 . GLU A 1 203 ? -13.295 -9.247  8.799   1.00 56.30 ? 617 GLU A OE2 1 
ATOM   1498 N N   . LEU A 1 204 ? -14.128 -6.089  14.493  1.00 52.80 ? 618 LEU A N   1 
ATOM   1499 C CA  . LEU A 1 204 ? -14.951 -5.971  15.698  1.00 53.57 ? 618 LEU A CA  1 
ATOM   1500 C C   . LEU A 1 204 ? -14.489 -4.818  16.554  1.00 53.93 ? 618 LEU A C   1 
ATOM   1501 O O   . LEU A 1 204 ? -13.287 -4.553  16.630  1.00 54.32 ? 618 LEU A O   1 
ATOM   1502 C CB  . LEU A 1 204 ? -14.900 -7.262  16.519  1.00 53.60 ? 618 LEU A CB  1 
ATOM   1503 C CG  . LEU A 1 204 ? -15.615 -8.453  15.884  1.00 54.25 ? 618 LEU A CG  1 
ATOM   1504 C CD1 . LEU A 1 204 ? -15.310 -9.744  16.626  1.00 55.39 ? 618 LEU A CD1 1 
ATOM   1505 C CD2 . LEU A 1 204 ? -17.115 -8.195  15.822  1.00 54.58 ? 618 LEU A CD2 1 
HETATM 1506 O O   . HOH B 2 .   ? -0.732  -3.346  -6.204  1.00 19.26 ? 1   HOH A O   1 
HETATM 1507 O O   . HOH B 2 .   ? -3.944  -16.967 -0.218  1.00 25.80 ? 2   HOH A O   1 
HETATM 1508 O O   . HOH B 2 .   ? 8.070   -8.250  17.509  1.00 34.41 ? 3   HOH A O   1 
HETATM 1509 O O   . HOH B 2 .   ? 0.044   4.230   -0.315  1.00 28.89 ? 4   HOH A O   1 
HETATM 1510 O O   . HOH B 2 .   ? -3.461  -2.012  16.079  1.00 33.61 ? 5   HOH A O   1 
HETATM 1511 O O   . HOH B 2 .   ? 2.934   7.024   -13.303 1.00 33.92 ? 6   HOH A O   1 
HETATM 1512 O O   . HOH B 2 .   ? 4.200   -3.060  -9.653  1.00 25.93 ? 7   HOH A O   1 
HETATM 1513 O O   . HOH B 2 .   ? -0.399  6.694   0.036   1.00 29.40 ? 8   HOH A O   1 
HETATM 1514 O O   . HOH B 2 .   ? 17.032  -2.450  0.996   1.00 27.23 ? 9   HOH A O   1 
HETATM 1515 O O   . HOH B 2 .   ? 8.694   -10.296 -0.495  1.00 35.04 ? 10  HOH A O   1 
HETATM 1516 O O   . HOH B 2 .   ? 14.105  2.833   0.250   1.00 36.39 ? 11  HOH A O   1 
HETATM 1517 O O   . HOH B 2 .   ? -4.184  -8.981  -11.962 1.00 33.99 ? 12  HOH A O   1 
HETATM 1518 O O   . HOH B 2 .   ? -11.147 7.409   5.481   1.00 34.47 ? 13  HOH A O   1 
HETATM 1519 O O   . HOH B 2 .   ? 0.857   -16.788 5.738   1.00 28.92 ? 14  HOH A O   1 
HETATM 1520 O O   . HOH B 2 .   ? 11.948  -4.829  11.950  1.00 39.23 ? 15  HOH A O   1 
HETATM 1521 O O   . HOH B 2 .   ? -9.016  -16.570 -0.062  1.00 32.48 ? 16  HOH A O   1 
HETATM 1522 O O   . HOH B 2 .   ? 13.308  7.043   -1.182  1.00 44.86 ? 17  HOH A O   1 
HETATM 1523 O O   . HOH B 2 .   ? -7.359  14.112  -1.647  1.00 35.84 ? 18  HOH A O   1 
HETATM 1524 O O   . HOH B 2 .   ? 0.106   -13.816 -11.720 1.00 44.59 ? 19  HOH A O   1 
HETATM 1525 O O   . HOH B 2 .   ? -2.622  11.740  5.316   1.00 39.53 ? 20  HOH A O   1 
HETATM 1526 O O   . HOH B 2 .   ? 0.620   7.080   -14.765 1.00 38.31 ? 21  HOH A O   1 
HETATM 1527 O O   . HOH B 2 .   ? 2.634   -5.900  -16.356 1.00 30.15 ? 22  HOH A O   1 
HETATM 1528 O O   . HOH B 2 .   ? 14.354  2.589   -2.832  1.00 29.44 ? 23  HOH A O   1 
HETATM 1529 O O   . HOH B 2 .   ? -6.540  -1.879  16.520  1.00 41.10 ? 24  HOH A O   1 
HETATM 1530 O O   . HOH B 2 .   ? 3.912   4.025   -2.860  1.00 35.56 ? 25  HOH A O   1 
HETATM 1531 O O   . HOH B 2 .   ? 16.041  -0.164  1.082   1.00 35.46 ? 26  HOH A O   1 
HETATM 1532 O O   . HOH B 2 .   ? -0.329  -14.496 10.509  1.00 37.82 ? 27  HOH A O   1 
HETATM 1533 O O   . HOH B 2 .   ? -6.085  -11.826 15.974  1.00 39.27 ? 28  HOH A O   1 
HETATM 1534 O O   . HOH B 2 .   ? -1.864  -16.934 6.678   1.00 40.67 ? 29  HOH A O   1 
HETATM 1535 O O   . HOH B 2 .   ? -18.129 16.519  1.664   1.00 43.64 ? 30  HOH A O   1 
HETATM 1536 O O   . HOH B 2 .   ? 8.572   -3.278  -18.673 1.00 45.47 ? 31  HOH A O   1 
HETATM 1537 O O   . HOH B 2 .   ? -8.380  -5.967  -11.067 1.00 49.95 ? 32  HOH A O   1 
HETATM 1538 O O   . HOH B 2 .   ? -1.813  -4.117  -18.251 1.00 52.67 ? 33  HOH A O   1 
HETATM 1539 O O   . HOH B 2 .   ? -4.628  -22.027 -1.118  1.00 39.96 ? 34  HOH A O   1 
HETATM 1540 O O   . HOH B 2 .   ? 21.073  -2.660  8.903   1.00 57.22 ? 35  HOH A O   1 
HETATM 1541 O O   . HOH B 2 .   ? 6.124   -13.089 -6.339  1.00 34.20 ? 36  HOH A O   1 
HETATM 1542 O O   . HOH B 2 .   ? 15.619  0.753   11.876  1.00 42.58 ? 37  HOH A O   1 
HETATM 1543 O O   . HOH B 2 .   ? -7.052  -14.198 -6.483  1.00 33.55 ? 38  HOH A O   1 
HETATM 1544 O O   . HOH B 2 .   ? 14.977  1.234   -6.456  1.00 40.66 ? 39  HOH A O   1 
HETATM 1545 O O   . HOH B 2 .   ? 14.474  2.682   -8.736  1.00 51.14 ? 40  HOH A O   1 
HETATM 1546 O O   . HOH B 2 .   ? -11.702 4.681   14.297  1.00 39.81 ? 41  HOH A O   1 
HETATM 1547 O O   . HOH B 2 .   ? -2.052  13.193  -12.304 1.00 35.43 ? 42  HOH A O   1 
HETATM 1548 O O   . HOH B 2 .   ? -14.682 -3.463  1.015   1.00 51.84 ? 43  HOH A O   1 
HETATM 1549 O O   . HOH B 2 .   ? 9.160   -4.157  -12.657 1.00 47.19 ? 44  HOH A O   1 
HETATM 1550 O O   . HOH B 2 .   ? 8.952   -12.386 1.181   1.00 34.92 ? 45  HOH A O   1 
HETATM 1551 O O   . HOH B 2 .   ? 7.675   -14.281 14.436  1.00 57.15 ? 46  HOH A O   1 
HETATM 1552 O O   . HOH B 2 .   ? 4.815   -18.325 7.750   1.00 61.52 ? 47  HOH A O   1 
HETATM 1553 O O   . HOH B 2 .   ? -1.818  12.057  -14.825 1.00 36.46 ? 48  HOH A O   1 
HETATM 1554 O O   . HOH B 2 .   ? 10.534  2.712   -23.165 1.00 47.02 ? 49  HOH A O   1 
HETATM 1555 O O   . HOH B 2 .   ? 8.068   -3.531  16.009  1.00 37.64 ? 50  HOH A O   1 
HETATM 1556 O O   . HOH B 2 .   ? -2.647  -20.249 0.117   1.00 38.34 ? 51  HOH A O   1 
HETATM 1557 O O   . HOH B 2 .   ? 1.352   -10.397 9.435   1.00 34.24 ? 52  HOH A O   1 
HETATM 1558 O O   . HOH B 2 .   ? 3.077   7.837   11.356  1.00 42.23 ? 53  HOH A O   1 
HETATM 1559 O O   . HOH B 2 .   ? -6.194  9.956   -16.572 1.00 51.92 ? 54  HOH A O   1 
HETATM 1560 O O   . HOH B 2 .   ? -3.239  15.594  -12.621 1.00 36.94 ? 55  HOH A O   1 
HETATM 1561 O O   . HOH B 2 .   ? 0.938   -17.813 -1.176  1.00 45.73 ? 56  HOH A O   1 
HETATM 1562 O O   . HOH B 2 .   ? -11.436 -15.269 3.847   1.00 50.94 ? 57  HOH A O   1 
HETATM 1563 O O   . HOH B 2 .   ? 9.416   4.418   -20.252 1.00 48.07 ? 58  HOH A O   1 
HETATM 1564 O O   . HOH B 2 .   ? -11.395 -1.475  -14.345 1.00 50.49 ? 59  HOH A O   1 
HETATM 1565 O O   . HOH B 2 .   ? 7.165   3.725   -15.636 1.00 42.89 ? 60  HOH A O   1 
HETATM 1566 O O   . HOH B 2 .   ? -4.890  10.387  -18.817 1.00 43.83 ? 61  HOH A O   1 
HETATM 1567 O O   . HOH B 2 .   ? -6.297  -15.283 -8.704  1.00 49.41 ? 62  HOH A O   1 
HETATM 1568 O O   . HOH B 2 .   ? 18.854  8.454   -7.264  1.00 61.90 ? 63  HOH A O   1 
HETATM 1569 O O   . HOH B 2 .   ? 13.126  -0.413  -12.478 1.00 44.83 ? 64  HOH A O   1 
HETATM 1570 O O   . HOH B 2 .   ? 3.777   6.604   13.677  1.00 43.62 ? 65  HOH A O   1 
HETATM 1571 O O   . HOH B 2 .   ? -3.473  -18.910 -3.742  1.00 40.11 ? 66  HOH A O   1 
HETATM 1572 O O   . HOH B 2 .   ? -15.733 3.600   -9.480  1.00 46.16 ? 67  HOH A O   1 
HETATM 1573 O O   . HOH B 2 .   ? -1.260  -10.777 -15.998 1.00 45.25 ? 68  HOH A O   1 
HETATM 1574 O O   . HOH B 2 .   ? 8.444   -13.726 -4.042  1.00 62.70 ? 69  HOH A O   1 
HETATM 1575 O O   . HOH B 2 .   ? 10.338  -1.936  -13.567 1.00 57.35 ? 70  HOH A O   1 
HETATM 1576 O O   . HOH B 2 .   ? 14.286  0.599   -10.433 1.00 39.71 ? 71  HOH A O   1 
HETATM 1577 O O   . HOH B 2 .   ? 7.273   12.483  1.127   1.00 59.38 ? 72  HOH A O   1 
HETATM 1578 O O   . HOH B 2 .   ? -1.932  -16.069 9.288   1.00 45.12 ? 73  HOH A O   1 
HETATM 1579 O O   . HOH B 2 .   ? -1.744  13.978  1.637   1.00 54.87 ? 74  HOH A O   1 
HETATM 1580 O O   . HOH B 2 .   ? -13.363 17.570  0.626   1.00 50.75 ? 75  HOH A O   1 
HETATM 1581 O O   . HOH B 2 .   ? 4.687   11.767  11.953  1.00 42.96 ? 76  HOH A O   1 
HETATM 1582 O O   . HOH B 2 .   ? -1.482  16.975  -4.313  1.00 61.30 ? 77  HOH A O   1 
HETATM 1583 O O   . HOH B 2 .   ? 15.855  7.990   -10.453 1.00 52.17 ? 78  HOH A O   1 
HETATM 1584 O O   . HOH B 2 .   ? 3.456   5.224   -0.770  1.00 48.44 ? 79  HOH A O   1 
HETATM 1585 O O   . HOH B 2 .   ? -1.607  -17.500 -1.575  1.00 42.95 ? 80  HOH A O   1 
HETATM 1586 O O   . HOH B 2 .   ? -10.867 17.174  -3.542  1.00 63.64 ? 81  HOH A O   1 
HETATM 1587 O O   . HOH B 2 .   ? -9.219  -22.099 4.249   1.00 42.55 ? 82  HOH A O   1 
HETATM 1588 O O   . HOH B 2 .   ? -0.466  15.992  -1.740  1.00 49.47 ? 83  HOH A O   1 
HETATM 1589 O O   . HOH B 2 .   ? -19.745 6.593   -16.649 1.00 62.02 ? 84  HOH A O   1 
HETATM 1590 O O   . HOH B 2 .   ? -0.127  11.935  -0.672  1.00 48.22 ? 85  HOH A O   1 
HETATM 1591 O O   . HOH B 2 .   ? 19.838  2.528   4.645   1.00 48.88 ? 86  HOH A O   1 
HETATM 1592 O O   . HOH B 2 .   ? -2.119  -19.238 11.345  1.00 53.83 ? 87  HOH A O   1 
HETATM 1593 O O   . HOH B 2 .   ? -4.455  -3.440  -14.671 1.00 44.29 ? 88  HOH A O   1 
HETATM 1594 O O   . HOH B 2 .   ? -12.595 -7.788  18.734  1.00 66.47 ? 89  HOH A O   1 
HETATM 1595 O O   . HOH B 2 .   ? 9.046   -14.038 4.360   1.00 47.22 ? 90  HOH A O   1 
HETATM 1596 O O   . HOH B 2 .   ? -11.519 11.092  -22.621 1.00 52.42 ? 91  HOH A O   1 
HETATM 1597 O O   . HOH B 2 .   ? 21.067  -5.750  17.189  1.00 57.80 ? 92  HOH A O   1 
HETATM 1598 O O   . HOH B 2 .   ? 5.754   6.926   -14.129 1.00 50.99 ? 93  HOH A O   1 
HETATM 1599 O O   . HOH B 2 .   ? 14.522  3.734   -15.376 1.00 55.72 ? 94  HOH A O   1 
HETATM 1600 O O   . HOH B 2 .   ? 1.728   12.035  -2.140  1.00 47.91 ? 95  HOH A O   1 
HETATM 1601 O O   . HOH B 2 .   ? 16.815  2.861   6.985   1.00 43.70 ? 96  HOH A O   1 
HETATM 1602 O O   . HOH B 2 .   ? -4.162  -4.549  -17.537 1.00 66.95 ? 97  HOH A O   1 
HETATM 1603 O O   . HOH B 2 .   ? 20.244  -10.724 16.070  1.00 52.16 ? 98  HOH A O   1 
HETATM 1604 O O   . HOH B 2 .   ? -6.572  -21.991 6.284   1.00 54.57 ? 99  HOH A O   1 
HETATM 1605 O O   . HOH B 2 .   ? 9.696   -1.346  -22.987 1.00 46.01 ? 100 HOH A O   1 
HETATM 1606 O O   . HOH B 2 .   ? 11.774  10.691  4.276   1.00 49.34 ? 101 HOH A O   1 
HETATM 1607 O O   . HOH B 2 .   ? -8.723  -11.829 15.239  1.00 65.95 ? 102 HOH A O   1 
HETATM 1608 O O   . HOH B 2 .   ? -12.118 -10.651 -0.162  1.00 52.30 ? 103 HOH A O   1 
HETATM 1609 O O   . HOH B 2 .   ? -16.117 9.223   5.036   1.00 53.25 ? 104 HOH A O   1 
HETATM 1610 O O   . HOH B 2 .   ? 14.658  3.593   -6.045  1.00 41.15 ? 105 HOH A O   1 
HETATM 1611 O O   . HOH B 2 .   ? 8.152   18.384  -2.582  1.00 53.76 ? 106 HOH A O   1 
HETATM 1612 O O   . HOH B 2 .   ? 9.490   9.233   9.708   1.00 54.97 ? 107 HOH A O   1 
HETATM 1613 O O   . HOH B 2 .   ? 7.473   10.836  10.624  1.00 51.26 ? 108 HOH A O   1 
HETATM 1614 O O   . HOH B 2 .   ? 20.219  -2.650  22.903  1.00 54.94 ? 109 HOH A O   1 
HETATM 1615 O O   . HOH B 2 .   ? -6.797  5.148   14.313  1.00 34.51 ? 110 HOH A O   1 
HETATM 1616 O O   . HOH B 2 .   ? -10.071 9.930   -19.902 1.00 49.93 ? 111 HOH A O   1 
HETATM 1617 O O   . HOH B 2 .   ? 13.473  6.933   -3.859  1.00 50.72 ? 112 HOH A O   1 
HETATM 1618 O O   . HOH B 2 .   ? -15.510 0.719   5.221   1.00 43.66 ? 113 HOH A O   1 
HETATM 1619 O O   . HOH B 2 .   ? 7.923   -15.011 7.426   1.00 51.13 ? 114 HOH A O   1 
HETATM 1620 O O   . HOH B 2 .   ? -7.030  17.314  -8.888  1.00 54.44 ? 115 HOH A O   1 
HETATM 1621 O O   . HOH B 2 .   ? 11.974  13.760  -3.106  1.00 63.92 ? 116 HOH A O   1 
HETATM 1622 O O   . HOH B 2 .   ? 4.185   7.119   0.594   1.00 70.16 ? 117 HOH A O   1 
HETATM 1623 O O   . HOH B 2 .   ? 0.452   -16.282 -7.967  1.00 54.71 ? 118 HOH A O   1 
HETATM 1624 O O   . HOH B 2 .   ? -3.384  2.508   -20.296 1.00 58.24 ? 119 HOH A O   1 
HETATM 1625 O O   . HOH B 2 .   ? -11.015 -8.482  -10.202 1.00 59.24 ? 120 HOH A O   1 
HETATM 1626 O O   . HOH B 2 .   ? 11.360  8.557   -4.712  1.00 53.50 ? 121 HOH A O   1 
HETATM 1627 O O   . HOH B 2 .   ? 17.735  -10.485 16.504  1.00 62.10 ? 122 HOH A O   1 
HETATM 1628 O O   . HOH B 2 .   ? -11.250 -15.721 6.442   1.00 49.64 ? 123 HOH A O   1 
HETATM 1629 O O   . HOH B 2 .   ? -3.532  -11.092 -15.755 1.00 46.79 ? 124 HOH A O   1 
HETATM 1630 O O   . HOH B 2 .   ? 20.939  7.788   -0.288  1.00 62.05 ? 125 HOH A O   1 
HETATM 1631 O O   . HOH B 2 .   ? 11.380  11.725  -4.135  1.00 60.69 ? 126 HOH A O   1 
HETATM 1632 O O   . HOH B 2 .   ? 20.961  -8.228  9.977   1.00 58.38 ? 127 HOH A O   1 
HETATM 1633 O O   . HOH B 2 .   ? -4.027  -2.185  -18.593 1.00 45.60 ? 128 HOH A O   1 
HETATM 1634 O O   . HOH B 2 .   ? -3.471  6.076   -21.622 1.00 57.20 ? 129 HOH A O   1 
HETATM 1635 O O   . HOH B 2 .   ? -17.357 -2.080  18.851  1.00 51.72 ? 130 HOH A O   1 
HETATM 1636 O O   . HOH B 2 .   ? -0.005  10.827  -14.554 1.00 53.24 ? 131 HOH A O   1 
HETATM 1637 O O   . HOH B 2 .   ? 19.807  -2.655  15.455  1.00 61.45 ? 132 HOH A O   1 
HETATM 1638 O O   . HOH B 2 .   ? -11.502 -3.220  16.833  1.00 51.42 ? 133 HOH A O   1 
HETATM 1639 O O   . HOH B 2 .   ? 10.336  17.014  -1.903  1.00 70.43 ? 134 HOH A O   1 
HETATM 1640 O O   . HOH B 2 .   ? 4.047   -20.678 3.686   1.00 51.64 ? 135 HOH A O   1 
HETATM 1641 O O   . HOH B 2 .   ? 1.913   -2.287  -18.453 1.00 44.21 ? 136 HOH A O   1 
HETATM 1642 O O   . HOH B 2 .   ? -15.416 13.000  1.639   1.00 28.96 ? 137 HOH A O   1 
HETATM 1643 O O   . HOH B 2 .   ? 6.411   -2.650  -7.116  1.00 39.30 ? 138 HOH A O   1 
HETATM 1644 O O   . HOH B 2 .   ? -14.889 11.289  -15.590 1.00 72.58 ? 139 HOH A O   1 
HETATM 1645 O O   . HOH B 2 .   ? 13.956  13.465  -4.784  1.00 71.94 ? 140 HOH A O   1 
HETATM 1646 O O   . HOH B 2 .   ? 23.662  8.408   0.017   1.00 96.17 ? 141 HOH A O   1 
# 
